data_4SRN
# 
_entry.id   4SRN 
# 
_audit_conform.dict_name       mmcif_pdbx.dic 
_audit_conform.dict_version    5.397 
_audit_conform.dict_location   http://mmcif.pdb.org/dictionaries/ascii/mmcif_pdbx.dic 
# 
loop_
_database_2.database_id 
_database_2.database_code 
_database_2.pdbx_database_accession 
_database_2.pdbx_DOI 
PDB   4SRN         pdb_00004srn 10.2210/pdb4srn/pdb 
WWPDB D_1000179424 ?            ?                   
# 
loop_
_pdbx_audit_revision_history.ordinal 
_pdbx_audit_revision_history.data_content_type 
_pdbx_audit_revision_history.major_revision 
_pdbx_audit_revision_history.minor_revision 
_pdbx_audit_revision_history.revision_date 
1 'Structure model' 1 0 1994-12-20 
2 'Structure model' 1 1 2008-03-25 
3 'Structure model' 1 2 2011-07-13 
4 'Structure model' 1 3 2013-01-16 
5 'Structure model' 1 4 2019-07-17 
6 'Structure model' 1 5 2019-08-14 
7 'Structure model' 1 6 2024-10-30 
# 
_pdbx_audit_revision_details.ordinal             1 
_pdbx_audit_revision_details.revision_ordinal    1 
_pdbx_audit_revision_details.data_content_type   'Structure model' 
_pdbx_audit_revision_details.provider            repository 
_pdbx_audit_revision_details.type                'Initial release' 
_pdbx_audit_revision_details.description         ? 
_pdbx_audit_revision_details.details             ? 
# 
loop_
_pdbx_audit_revision_group.ordinal 
_pdbx_audit_revision_group.revision_ordinal 
_pdbx_audit_revision_group.data_content_type 
_pdbx_audit_revision_group.group 
1  2 'Structure model' 'Version format compliance' 
2  3 'Structure model' 'Version format compliance' 
3  4 'Structure model' 'Structure summary'         
4  5 'Structure model' 'Data collection'           
5  5 'Structure model' Other                       
6  5 'Structure model' 'Refinement description'    
7  6 'Structure model' 'Data collection'           
8  6 'Structure model' 'Refinement description'    
9  7 'Structure model' 'Data collection'           
10 7 'Structure model' 'Database references'       
11 7 'Structure model' 'Derived calculations'      
12 7 'Structure model' 'Structure summary'         
# 
loop_
_pdbx_audit_revision_category.ordinal 
_pdbx_audit_revision_category.revision_ordinal 
_pdbx_audit_revision_category.data_content_type 
_pdbx_audit_revision_category.category 
1 5 'Structure model' pdbx_database_status      
2 5 'Structure model' software                  
3 6 'Structure model' software                  
4 7 'Structure model' chem_comp_atom            
5 7 'Structure model' chem_comp_bond            
6 7 'Structure model' database_2                
7 7 'Structure model' pdbx_entry_details        
8 7 'Structure model' pdbx_modification_feature 
9 7 'Structure model' struct_site               
# 
loop_
_pdbx_audit_revision_item.ordinal 
_pdbx_audit_revision_item.revision_ordinal 
_pdbx_audit_revision_item.data_content_type 
_pdbx_audit_revision_item.item 
1 5 'Structure model' '_pdbx_database_status.process_site'           
2 5 'Structure model' '_software.classification'                     
3 6 'Structure model' '_software.classification'                     
4 7 'Structure model' '_database_2.pdbx_DOI'                         
5 7 'Structure model' '_database_2.pdbx_database_accession'          
6 7 'Structure model' '_pdbx_entry_details.has_protein_modification' 
7 7 'Structure model' '_struct_site.pdbx_auth_asym_id'               
8 7 'Structure model' '_struct_site.pdbx_auth_comp_id'               
9 7 'Structure model' '_struct_site.pdbx_auth_seq_id'                
# 
_pdbx_database_status.status_code                     REL 
_pdbx_database_status.entry_id                        4SRN 
_pdbx_database_status.recvd_initial_deposition_date   1991-05-20 
_pdbx_database_status.deposit_site                    ? 
_pdbx_database_status.process_site                    BNL 
_pdbx_database_status.SG_entry                        . 
_pdbx_database_status.status_code_sf                  ? 
_pdbx_database_status.status_code_mr                  ? 
_pdbx_database_status.status_code_cs                  ? 
_pdbx_database_status.methods_development_category    ? 
_pdbx_database_status.pdb_format_compatible           Y 
_pdbx_database_status.status_code_nmr_data            ? 
# 
loop_
_audit_author.name 
_audit_author.pdbx_ordinal 
'deMel, V.S.J.'   1 
'Martin, P.D.'    2 
'Doscher, M.S.'   3 
'Edwards, B.F.P.' 4 
# 
_citation.id                        primary 
_citation.title                     
'Structural changes that accompany the reduced catalytic efficiency of two semisynthetic ribonuclease analogs.' 
_citation.journal_abbrev            J.Biol.Chem. 
_citation.journal_volume            267 
_citation.page_first                247 
_citation.page_last                 256 
_citation.year                      1992 
_citation.journal_id_ASTM           JBCHA3 
_citation.country                   US 
_citation.journal_id_ISSN           0021-9258 
_citation.journal_id_CSD            0071 
_citation.book_publisher            ? 
_citation.pdbx_database_id_PubMed   1730593 
_citation.pdbx_database_id_DOI      ? 
# 
loop_
_citation_author.citation_id 
_citation_author.name 
_citation_author.ordinal 
_citation_author.identifier_ORCID 
primary 'deMel, V.S.'   1 ? 
primary 'Martin, P.D.'  2 ? 
primary 'Doscher, M.S.' 3 ? 
primary 'Edwards, B.F.' 4 ? 
# 
loop_
_entity.id 
_entity.type 
_entity.src_method 
_entity.pdbx_description 
_entity.formula_weight 
_entity.pdbx_number_of_molecules 
_entity.pdbx_ec 
_entity.pdbx_mutation 
_entity.pdbx_fragment 
_entity.details 
1 polymer     man 'RIBONUCLEASE A' 12494.965 1   3.1.27.5 ? ? ? 
2 polymer     man 'RIBONUCLEASE A' 1187.365  1   ?        ? ? ? 
3 non-polymer syn 'SULFATE ION'    96.063    1   ?        ? ? ? 
4 water       nat water            18.015    111 ?        ? ? ? 
# 
loop_
_entity_poly.entity_id 
_entity_poly.type 
_entity_poly.nstd_linkage 
_entity_poly.nstd_monomer 
_entity_poly.pdbx_seq_one_letter_code 
_entity_poly.pdbx_seq_one_letter_code_can 
_entity_poly.pdbx_strand_id 
_entity_poly.pdbx_target_identifier 
1 'polypeptide(L)' no no 
;KETAAAKFERQHMDSSTSAASSSNYCNQMMKSRNLTKDRCKPVNTFVHESLADVQAVCSQKNVACKNGQTNCYQSYSTMS
ITDCRETGSSKYPNCAYKTTQANKHIIVACEGN
;
;KETAAAKFERQHMDSSTSAASSSNYCNQMMKSRNLTKDRCKPVNTFVHESLADVQAVCSQKNVACKNGQTNCYQSYSTMS
ITDCRETGSSKYPNCAYKTTQANKHIIVACEGN
;
A ? 
2 'polypeptide(L)' no no PYVPVHFAASV PYVPVHFAASV B ? 
# 
loop_
_pdbx_entity_nonpoly.entity_id 
_pdbx_entity_nonpoly.name 
_pdbx_entity_nonpoly.comp_id 
3 'SULFATE ION' SO4 
4 water         HOH 
# 
loop_
_entity_poly_seq.entity_id 
_entity_poly_seq.num 
_entity_poly_seq.mon_id 
_entity_poly_seq.hetero 
1 1   LYS n 
1 2   GLU n 
1 3   THR n 
1 4   ALA n 
1 5   ALA n 
1 6   ALA n 
1 7   LYS n 
1 8   PHE n 
1 9   GLU n 
1 10  ARG n 
1 11  GLN n 
1 12  HIS n 
1 13  MET n 
1 14  ASP n 
1 15  SER n 
1 16  SER n 
1 17  THR n 
1 18  SER n 
1 19  ALA n 
1 20  ALA n 
1 21  SER n 
1 22  SER n 
1 23  SER n 
1 24  ASN n 
1 25  TYR n 
1 26  CYS n 
1 27  ASN n 
1 28  GLN n 
1 29  MET n 
1 30  MET n 
1 31  LYS n 
1 32  SER n 
1 33  ARG n 
1 34  ASN n 
1 35  LEU n 
1 36  THR n 
1 37  LYS n 
1 38  ASP n 
1 39  ARG n 
1 40  CYS n 
1 41  LYS n 
1 42  PRO n 
1 43  VAL n 
1 44  ASN n 
1 45  THR n 
1 46  PHE n 
1 47  VAL n 
1 48  HIS n 
1 49  GLU n 
1 50  SER n 
1 51  LEU n 
1 52  ALA n 
1 53  ASP n 
1 54  VAL n 
1 55  GLN n 
1 56  ALA n 
1 57  VAL n 
1 58  CYS n 
1 59  SER n 
1 60  GLN n 
1 61  LYS n 
1 62  ASN n 
1 63  VAL n 
1 64  ALA n 
1 65  CYS n 
1 66  LYS n 
1 67  ASN n 
1 68  GLY n 
1 69  GLN n 
1 70  THR n 
1 71  ASN n 
1 72  CYS n 
1 73  TYR n 
1 74  GLN n 
1 75  SER n 
1 76  TYR n 
1 77  SER n 
1 78  THR n 
1 79  MET n 
1 80  SER n 
1 81  ILE n 
1 82  THR n 
1 83  ASP n 
1 84  CYS n 
1 85  ARG n 
1 86  GLU n 
1 87  THR n 
1 88  GLY n 
1 89  SER n 
1 90  SER n 
1 91  LYS n 
1 92  TYR n 
1 93  PRO n 
1 94  ASN n 
1 95  CYS n 
1 96  ALA n 
1 97  TYR n 
1 98  LYS n 
1 99  THR n 
1 100 THR n 
1 101 GLN n 
1 102 ALA n 
1 103 ASN n 
1 104 LYS n 
1 105 HIS n 
1 106 ILE n 
1 107 ILE n 
1 108 VAL n 
1 109 ALA n 
1 110 CYS n 
1 111 GLU n 
1 112 GLY n 
1 113 ASN n 
2 1   PRO n 
2 2   TYR n 
2 3   VAL n 
2 4   PRO n 
2 5   VAL n 
2 6   HIS n 
2 7   PHE n 
2 8   ALA n 
2 9   ALA n 
2 10  SER n 
2 11  VAL n 
# 
loop_
_entity_src_gen.entity_id 
_entity_src_gen.pdbx_src_id 
_entity_src_gen.pdbx_alt_source_flag 
_entity_src_gen.pdbx_seq_type 
_entity_src_gen.pdbx_beg_seq_num 
_entity_src_gen.pdbx_end_seq_num 
_entity_src_gen.gene_src_common_name 
_entity_src_gen.gene_src_genus 
_entity_src_gen.pdbx_gene_src_gene 
_entity_src_gen.gene_src_species 
_entity_src_gen.gene_src_strain 
_entity_src_gen.gene_src_tissue 
_entity_src_gen.gene_src_tissue_fraction 
_entity_src_gen.gene_src_details 
_entity_src_gen.pdbx_gene_src_fragment 
_entity_src_gen.pdbx_gene_src_scientific_name 
_entity_src_gen.pdbx_gene_src_ncbi_taxonomy_id 
_entity_src_gen.pdbx_gene_src_variant 
_entity_src_gen.pdbx_gene_src_cell_line 
_entity_src_gen.pdbx_gene_src_atcc 
_entity_src_gen.pdbx_gene_src_organ 
_entity_src_gen.pdbx_gene_src_organelle 
_entity_src_gen.pdbx_gene_src_cell 
_entity_src_gen.pdbx_gene_src_cellular_location 
_entity_src_gen.host_org_common_name 
_entity_src_gen.pdbx_host_org_scientific_name 
_entity_src_gen.pdbx_host_org_ncbi_taxonomy_id 
_entity_src_gen.host_org_genus 
_entity_src_gen.pdbx_host_org_gene 
_entity_src_gen.pdbx_host_org_organ 
_entity_src_gen.host_org_species 
_entity_src_gen.pdbx_host_org_tissue 
_entity_src_gen.pdbx_host_org_tissue_fraction 
_entity_src_gen.pdbx_host_org_strain 
_entity_src_gen.pdbx_host_org_variant 
_entity_src_gen.pdbx_host_org_cell_line 
_entity_src_gen.pdbx_host_org_atcc 
_entity_src_gen.pdbx_host_org_culture_collection 
_entity_src_gen.pdbx_host_org_cell 
_entity_src_gen.pdbx_host_org_organelle 
_entity_src_gen.pdbx_host_org_cellular_location 
_entity_src_gen.pdbx_host_org_vector_type 
_entity_src_gen.pdbx_host_org_vector 
_entity_src_gen.host_org_details 
_entity_src_gen.expression_system_id 
_entity_src_gen.plasmid_name 
_entity_src_gen.plasmid_details 
_entity_src_gen.pdbx_description 
1 1 sample ? ? ? cattle Bos ? ? ? ? ? ? ? 'Bos taurus' 9913 ? ? ? ? ? ? ? ? ? ? ? ? ? ? ? ? ? ? ? ? ? ? ? ? ? ? ? ? ? ? ? 
2 1 sample ? ? ? cattle Bos ? ? ? ? ? ? ? 'Bos taurus' 9913 ? ? ? ? ? ? ? ? ? ? ? ? ? ? ? ? ? ? ? ? ? ? ? ? ? ? ? ? ? ? ? 
# 
loop_
_chem_comp.id 
_chem_comp.type 
_chem_comp.mon_nstd_flag 
_chem_comp.name 
_chem_comp.pdbx_synonyms 
_chem_comp.formula 
_chem_comp.formula_weight 
ALA 'L-peptide linking' y ALANINE         ? 'C3 H7 N O2'     89.093  
ARG 'L-peptide linking' y ARGININE        ? 'C6 H15 N4 O2 1' 175.209 
ASN 'L-peptide linking' y ASPARAGINE      ? 'C4 H8 N2 O3'    132.118 
ASP 'L-peptide linking' y 'ASPARTIC ACID' ? 'C4 H7 N O4'     133.103 
CYS 'L-peptide linking' y CYSTEINE        ? 'C3 H7 N O2 S'   121.158 
GLN 'L-peptide linking' y GLUTAMINE       ? 'C5 H10 N2 O3'   146.144 
GLU 'L-peptide linking' y 'GLUTAMIC ACID' ? 'C5 H9 N O4'     147.129 
GLY 'peptide linking'   y GLYCINE         ? 'C2 H5 N O2'     75.067  
HIS 'L-peptide linking' y HISTIDINE       ? 'C6 H10 N3 O2 1' 156.162 
HOH non-polymer         . WATER           ? 'H2 O'           18.015  
ILE 'L-peptide linking' y ISOLEUCINE      ? 'C6 H13 N O2'    131.173 
LEU 'L-peptide linking' y LEUCINE         ? 'C6 H13 N O2'    131.173 
LYS 'L-peptide linking' y LYSINE          ? 'C6 H15 N2 O2 1' 147.195 
MET 'L-peptide linking' y METHIONINE      ? 'C5 H11 N O2 S'  149.211 
PHE 'L-peptide linking' y PHENYLALANINE   ? 'C9 H11 N O2'    165.189 
PRO 'L-peptide linking' y PROLINE         ? 'C5 H9 N O2'     115.130 
SER 'L-peptide linking' y SERINE          ? 'C3 H7 N O3'     105.093 
SO4 non-polymer         . 'SULFATE ION'   ? 'O4 S -2'        96.063  
THR 'L-peptide linking' y THREONINE       ? 'C4 H9 N O3'     119.119 
TYR 'L-peptide linking' y TYROSINE        ? 'C9 H11 N O3'    181.189 
VAL 'L-peptide linking' y VALINE          ? 'C5 H11 N O2'    117.146 
# 
loop_
_pdbx_poly_seq_scheme.asym_id 
_pdbx_poly_seq_scheme.entity_id 
_pdbx_poly_seq_scheme.seq_id 
_pdbx_poly_seq_scheme.mon_id 
_pdbx_poly_seq_scheme.ndb_seq_num 
_pdbx_poly_seq_scheme.pdb_seq_num 
_pdbx_poly_seq_scheme.auth_seq_num 
_pdbx_poly_seq_scheme.pdb_mon_id 
_pdbx_poly_seq_scheme.auth_mon_id 
_pdbx_poly_seq_scheme.pdb_strand_id 
_pdbx_poly_seq_scheme.pdb_ins_code 
_pdbx_poly_seq_scheme.hetero 
A 1 1   LYS 1   1   1   LYS LYS A . n 
A 1 2   GLU 2   2   2   GLU GLU A . n 
A 1 3   THR 3   3   3   THR THR A . n 
A 1 4   ALA 4   4   4   ALA ALA A . n 
A 1 5   ALA 5   5   5   ALA ALA A . n 
A 1 6   ALA 6   6   6   ALA ALA A . n 
A 1 7   LYS 7   7   7   LYS LYS A . n 
A 1 8   PHE 8   8   8   PHE PHE A . n 
A 1 9   GLU 9   9   9   GLU GLU A . n 
A 1 10  ARG 10  10  10  ARG ARG A . n 
A 1 11  GLN 11  11  11  GLN GLN A . n 
A 1 12  HIS 12  12  12  HIS HIS A . n 
A 1 13  MET 13  13  13  MET MET A . n 
A 1 14  ASP 14  14  14  ASP ASP A . n 
A 1 15  SER 15  15  15  SER SER A . n 
A 1 16  SER 16  16  16  SER SER A . n 
A 1 17  THR 17  17  17  THR THR A . n 
A 1 18  SER 18  18  18  SER SER A . n 
A 1 19  ALA 19  19  19  ALA ALA A . n 
A 1 20  ALA 20  20  20  ALA ALA A . n 
A 1 21  SER 21  21  21  SER SER A . n 
A 1 22  SER 22  22  22  SER SER A . n 
A 1 23  SER 23  23  23  SER SER A . n 
A 1 24  ASN 24  24  24  ASN ASN A . n 
A 1 25  TYR 25  25  25  TYR TYR A . n 
A 1 26  CYS 26  26  26  CYS CYS A . n 
A 1 27  ASN 27  27  27  ASN ASN A . n 
A 1 28  GLN 28  28  28  GLN GLN A . n 
A 1 29  MET 29  29  29  MET MET A . n 
A 1 30  MET 30  30  30  MET MET A . n 
A 1 31  LYS 31  31  31  LYS LYS A . n 
A 1 32  SER 32  32  32  SER SER A . n 
A 1 33  ARG 33  33  33  ARG ARG A . n 
A 1 34  ASN 34  34  34  ASN ASN A . n 
A 1 35  LEU 35  35  35  LEU LEU A . n 
A 1 36  THR 36  36  36  THR THR A . n 
A 1 37  LYS 37  37  37  LYS LYS A . n 
A 1 38  ASP 38  38  38  ASP ASP A . n 
A 1 39  ARG 39  39  39  ARG ARG A . n 
A 1 40  CYS 40  40  40  CYS CYS A . n 
A 1 41  LYS 41  41  41  LYS LYS A . n 
A 1 42  PRO 42  42  42  PRO PRO A . n 
A 1 43  VAL 43  43  43  VAL VAL A . n 
A 1 44  ASN 44  44  44  ASN ASN A . n 
A 1 45  THR 45  45  45  THR THR A . n 
A 1 46  PHE 46  46  46  PHE PHE A . n 
A 1 47  VAL 47  47  47  VAL VAL A . n 
A 1 48  HIS 48  48  48  HIS HIS A . n 
A 1 49  GLU 49  49  49  GLU GLU A . n 
A 1 50  SER 50  50  50  SER SER A . n 
A 1 51  LEU 51  51  51  LEU LEU A . n 
A 1 52  ALA 52  52  52  ALA ALA A . n 
A 1 53  ASP 53  53  53  ASP ASP A . n 
A 1 54  VAL 54  54  54  VAL VAL A . n 
A 1 55  GLN 55  55  55  GLN GLN A . n 
A 1 56  ALA 56  56  56  ALA ALA A . n 
A 1 57  VAL 57  57  57  VAL VAL A . n 
A 1 58  CYS 58  58  58  CYS CYS A . n 
A 1 59  SER 59  59  59  SER SER A . n 
A 1 60  GLN 60  60  60  GLN GLN A . n 
A 1 61  LYS 61  61  61  LYS LYS A . n 
A 1 62  ASN 62  62  62  ASN ASN A . n 
A 1 63  VAL 63  63  63  VAL VAL A . n 
A 1 64  ALA 64  64  64  ALA ALA A . n 
A 1 65  CYS 65  65  65  CYS CYS A . n 
A 1 66  LYS 66  66  66  LYS LYS A . n 
A 1 67  ASN 67  67  67  ASN ASN A . n 
A 1 68  GLY 68  68  68  GLY GLY A . n 
A 1 69  GLN 69  69  69  GLN GLN A . n 
A 1 70  THR 70  70  70  THR THR A . n 
A 1 71  ASN 71  71  71  ASN ASN A . n 
A 1 72  CYS 72  72  72  CYS CYS A . n 
A 1 73  TYR 73  73  73  TYR TYR A . n 
A 1 74  GLN 74  74  74  GLN GLN A . n 
A 1 75  SER 75  75  75  SER SER A . n 
A 1 76  TYR 76  76  76  TYR TYR A . n 
A 1 77  SER 77  77  77  SER SER A . n 
A 1 78  THR 78  78  78  THR THR A . n 
A 1 79  MET 79  79  79  MET MET A . n 
A 1 80  SER 80  80  80  SER SER A . n 
A 1 81  ILE 81  81  81  ILE ILE A . n 
A 1 82  THR 82  82  82  THR THR A . n 
A 1 83  ASP 83  83  83  ASP ASP A . n 
A 1 84  CYS 84  84  84  CYS CYS A . n 
A 1 85  ARG 85  85  85  ARG ARG A . n 
A 1 86  GLU 86  86  86  GLU GLU A . n 
A 1 87  THR 87  87  87  THR THR A . n 
A 1 88  GLY 88  88  88  GLY GLY A . n 
A 1 89  SER 89  89  89  SER SER A . n 
A 1 90  SER 90  90  90  SER SER A . n 
A 1 91  LYS 91  91  91  LYS LYS A . n 
A 1 92  TYR 92  92  92  TYR TYR A . n 
A 1 93  PRO 93  93  93  PRO PRO A . n 
A 1 94  ASN 94  94  94  ASN ASN A . n 
A 1 95  CYS 95  95  95  CYS CYS A . n 
A 1 96  ALA 96  96  96  ALA ALA A . n 
A 1 97  TYR 97  97  97  TYR TYR A . n 
A 1 98  LYS 98  98  98  LYS LYS A . n 
A 1 99  THR 99  99  99  THR THR A . n 
A 1 100 THR 100 100 100 THR THR A . n 
A 1 101 GLN 101 101 101 GLN GLN A . n 
A 1 102 ALA 102 102 102 ALA ALA A . n 
A 1 103 ASN 103 103 103 ASN ASN A . n 
A 1 104 LYS 104 104 104 LYS LYS A . n 
A 1 105 HIS 105 105 105 HIS HIS A . n 
A 1 106 ILE 106 106 106 ILE ILE A . n 
A 1 107 ILE 107 107 107 ILE ILE A . n 
A 1 108 VAL 108 108 108 VAL VAL A . n 
A 1 109 ALA 109 109 109 ALA ALA A . n 
A 1 110 CYS 110 110 110 CYS CYS A . n 
A 1 111 GLU 111 111 111 GLU GLU A . n 
A 1 112 GLY 112 112 112 GLY GLY A . n 
A 1 113 ASN 113 113 113 ASN ASN A . n 
B 2 1   PRO 1   114 114 PRO PRO B . n 
B 2 2   TYR 2   115 115 TYR TYR B . n 
B 2 3   VAL 3   116 116 VAL VAL B . n 
B 2 4   PRO 4   117 117 PRO PRO B . n 
B 2 5   VAL 5   118 118 VAL VAL B . n 
B 2 6   HIS 6   119 119 HIS HIS B . n 
B 2 7   PHE 7   120 120 PHE PHE B . n 
B 2 8   ALA 8   121 121 ALA ALA B . n 
B 2 9   ALA 9   122 122 ALA ALA B . n 
B 2 10  SER 10  123 123 SER SER B . n 
B 2 11  VAL 11  124 124 VAL VAL B . n 
# 
loop_
_pdbx_nonpoly_scheme.asym_id 
_pdbx_nonpoly_scheme.entity_id 
_pdbx_nonpoly_scheme.mon_id 
_pdbx_nonpoly_scheme.ndb_seq_num 
_pdbx_nonpoly_scheme.pdb_seq_num 
_pdbx_nonpoly_scheme.auth_seq_num 
_pdbx_nonpoly_scheme.pdb_mon_id 
_pdbx_nonpoly_scheme.auth_mon_id 
_pdbx_nonpoly_scheme.pdb_strand_id 
_pdbx_nonpoly_scheme.pdb_ins_code 
C 3 SO4 1   125 125 SO4 SO4 B . 
D 4 HOH 1   126 126 HOH HOH A . 
D 4 HOH 2   127 127 HOH HOH A . 
D 4 HOH 3   128 128 HOH HOH A . 
D 4 HOH 4   129 129 HOH HOH A . 
D 4 HOH 5   130 130 HOH HOH A . 
D 4 HOH 6   131 131 HOH HOH A . 
D 4 HOH 7   132 132 HOH HOH A . 
D 4 HOH 8   133 133 HOH HOH A . 
D 4 HOH 9   134 134 HOH HOH A . 
D 4 HOH 10  135 135 HOH HOH A . 
D 4 HOH 11  136 136 HOH HOH A . 
D 4 HOH 12  137 137 HOH HOH A . 
D 4 HOH 13  138 138 HOH HOH A . 
D 4 HOH 14  139 139 HOH HOH A . 
D 4 HOH 15  140 140 HOH HOH A . 
D 4 HOH 16  141 141 HOH HOH A . 
D 4 HOH 17  142 142 HOH HOH A . 
D 4 HOH 18  143 143 HOH HOH A . 
D 4 HOH 19  144 144 HOH HOH A . 
D 4 HOH 20  145 145 HOH HOH A . 
D 4 HOH 21  146 146 HOH HOH A . 
D 4 HOH 22  148 148 HOH HOH A . 
D 4 HOH 23  149 149 HOH HOH A . 
D 4 HOH 24  151 151 HOH HOH A . 
D 4 HOH 25  154 154 HOH HOH A . 
D 4 HOH 26  155 155 HOH HOH A . 
D 4 HOH 27  156 156 HOH HOH A . 
D 4 HOH 28  157 157 HOH HOH A . 
D 4 HOH 29  158 158 HOH HOH A . 
D 4 HOH 30  159 159 HOH HOH A . 
D 4 HOH 31  160 160 HOH HOH A . 
D 4 HOH 32  161 161 HOH HOH A . 
D 4 HOH 33  162 162 HOH HOH A . 
D 4 HOH 34  163 163 HOH HOH A . 
D 4 HOH 35  164 164 HOH HOH A . 
D 4 HOH 36  166 166 HOH HOH A . 
D 4 HOH 37  167 167 HOH HOH A . 
D 4 HOH 38  168 168 HOH HOH A . 
D 4 HOH 39  169 169 HOH HOH A . 
D 4 HOH 40  170 170 HOH HOH A . 
D 4 HOH 41  171 171 HOH HOH A . 
D 4 HOH 42  172 172 HOH HOH A . 
D 4 HOH 43  173 173 HOH HOH A . 
D 4 HOH 44  174 174 HOH HOH A . 
D 4 HOH 45  175 175 HOH HOH A . 
D 4 HOH 46  176 176 HOH HOH A . 
D 4 HOH 47  177 177 HOH HOH A . 
D 4 HOH 48  178 178 HOH HOH A . 
D 4 HOH 49  179 179 HOH HOH A . 
D 4 HOH 50  180 180 HOH HOH A . 
D 4 HOH 51  181 181 HOH HOH A . 
D 4 HOH 52  182 182 HOH HOH A . 
D 4 HOH 53  183 183 HOH HOH A . 
D 4 HOH 54  185 185 HOH HOH A . 
D 4 HOH 55  186 186 HOH HOH A . 
D 4 HOH 56  187 187 HOH HOH A . 
D 4 HOH 57  188 188 HOH HOH A . 
D 4 HOH 58  189 189 HOH HOH A . 
D 4 HOH 59  190 190 HOH HOH A . 
D 4 HOH 60  192 192 HOH HOH A . 
D 4 HOH 61  193 193 HOH HOH A . 
D 4 HOH 62  194 194 HOH HOH A . 
D 4 HOH 63  195 195 HOH HOH A . 
D 4 HOH 64  196 196 HOH HOH A . 
D 4 HOH 65  198 198 HOH HOH A . 
D 4 HOH 66  199 199 HOH HOH A . 
D 4 HOH 67  200 200 HOH HOH A . 
D 4 HOH 68  201 201 HOH HOH A . 
D 4 HOH 69  203 203 HOH HOH A . 
D 4 HOH 70  204 204 HOH HOH A . 
D 4 HOH 71  212 212 HOH HOH A . 
D 4 HOH 72  216 216 HOH HOH A . 
D 4 HOH 73  217 217 HOH HOH A . 
D 4 HOH 74  218 218 HOH HOH A . 
D 4 HOH 75  220 220 HOH HOH A . 
D 4 HOH 76  222 222 HOH HOH A . 
D 4 HOH 77  227 227 HOH HOH A . 
D 4 HOH 78  243 243 HOH HOH A . 
D 4 HOH 79  244 244 HOH HOH A . 
D 4 HOH 80  252 252 HOH HOH A . 
D 4 HOH 81  257 257 HOH HOH A . 
D 4 HOH 82  259 259 HOH HOH A . 
D 4 HOH 83  271 271 HOH HOH A . 
D 4 HOH 84  272 272 HOH HOH A . 
D 4 HOH 85  297 297 HOH HOH A . 
D 4 HOH 86  309 309 HOH HOH A . 
D 4 HOH 87  313 313 HOH HOH A . 
D 4 HOH 88  314 314 HOH HOH A . 
D 4 HOH 89  325 325 HOH HOH A . 
D 4 HOH 90  340 340 HOH HOH A . 
D 4 HOH 91  341 341 HOH HOH A . 
D 4 HOH 92  342 342 HOH HOH A . 
D 4 HOH 93  345 345 HOH HOH A . 
D 4 HOH 94  350 350 HOH HOH A . 
D 4 HOH 95  353 353 HOH HOH A . 
D 4 HOH 96  361 361 HOH HOH A . 
D 4 HOH 97  362 362 HOH HOH A . 
D 4 HOH 98  370 370 HOH HOH A . 
D 4 HOH 99  371 371 HOH HOH A . 
D 4 HOH 100 389 389 HOH HOH A . 
D 4 HOH 101 397 397 HOH HOH A . 
D 4 HOH 102 400 400 HOH HOH A . 
D 4 HOH 103 401 401 HOH HOH A . 
D 4 HOH 104 402 402 HOH HOH A . 
E 4 HOH 1   150 150 HOH HOH B . 
E 4 HOH 2   152 152 HOH HOH B . 
E 4 HOH 3   153 153 HOH HOH B . 
E 4 HOH 4   184 184 HOH HOH B . 
E 4 HOH 5   197 197 HOH HOH B . 
E 4 HOH 6   338 338 HOH HOH B . 
E 4 HOH 7   395 395 HOH HOH B . 
# 
loop_
_software.name 
_software.classification 
_software.version 
_software.citation_id 
_software.pdbx_ordinal 
X-PLOR 'model building' . ? 1 
PROLSQ refinement       . ? 2 
X-PLOR refinement       . ? 3 
X-PLOR phasing          . ? 4 
# 
_cell.entry_id           4SRN 
_cell.length_a           64.730 
_cell.length_b           64.730 
_cell.length_c           64.920 
_cell.angle_alpha        90.00 
_cell.angle_beta         90.00 
_cell.angle_gamma        120.00 
_cell.Z_PDB              6 
_cell.pdbx_unique_axis   ? 
_cell.length_a_esd       ? 
_cell.length_b_esd       ? 
_cell.length_c_esd       ? 
_cell.angle_alpha_esd    ? 
_cell.angle_beta_esd     ? 
_cell.angle_gamma_esd    ? 
# 
_symmetry.entry_id                         4SRN 
_symmetry.space_group_name_H-M             'P 32 2 1' 
_symmetry.pdbx_full_space_group_name_H-M   ? 
_symmetry.cell_setting                     ? 
_symmetry.Int_Tables_number                154 
_symmetry.space_group_name_Hall            ? 
# 
_exptl.entry_id          4SRN 
_exptl.method            'X-RAY DIFFRACTION' 
_exptl.crystals_number   ? 
# 
_exptl_crystal.id                    1 
_exptl_crystal.density_meas          ? 
_exptl_crystal.density_Matthews      2.87 
_exptl_crystal.density_percent_sol   57.12 
_exptl_crystal.description           ? 
_exptl_crystal.F_000                 ? 
_exptl_crystal.preparation           ? 
# 
_exptl_crystal_grow.crystal_id      1 
_exptl_crystal_grow.method          ? 
_exptl_crystal_grow.temp            ? 
_exptl_crystal_grow.temp_details    ? 
_exptl_crystal_grow.pH              ? 
_exptl_crystal_grow.pdbx_pH_range   ? 
_exptl_crystal_grow.pdbx_details    
;THE MOTHER LIQUOR WAS 80 PERCENT SATURATED AMMONIUM
SULFATE, PH 5.2.
;
# 
_diffrn.id                     1 
_diffrn.ambient_temp           ? 
_diffrn.ambient_temp_details   ? 
_diffrn.crystal_id             1 
# 
_diffrn_radiation.diffrn_id                        1 
_diffrn_radiation.wavelength_id                    1 
_diffrn_radiation.monochromator                    ? 
_diffrn_radiation.pdbx_monochromatic_or_laue_m_l   ? 
_diffrn_radiation.pdbx_diffrn_protocol             ? 
_diffrn_radiation.pdbx_scattering_type             x-ray 
# 
_diffrn_radiation_wavelength.id           1 
_diffrn_radiation_wavelength.wavelength   . 
_diffrn_radiation_wavelength.wt           1.0 
# 
_reflns.entry_id                     4SRN 
_reflns.observed_criterion_sigma_I   ? 
_reflns.observed_criterion_sigma_F   2. 
_reflns.d_resolution_low             ? 
_reflns.d_resolution_high            ? 
_reflns.number_obs                   ? 
_reflns.number_all                   ? 
_reflns.percent_possible_obs         ? 
_reflns.pdbx_Rmerge_I_obs            ? 
_reflns.pdbx_Rsym_value              ? 
_reflns.pdbx_netI_over_sigmaI        ? 
_reflns.B_iso_Wilson_estimate        ? 
_reflns.pdbx_redundancy              ? 
_reflns.R_free_details               ? 
_reflns.limit_h_max                  ? 
_reflns.limit_h_min                  ? 
_reflns.limit_k_max                  ? 
_reflns.limit_k_min                  ? 
_reflns.limit_l_max                  ? 
_reflns.limit_l_min                  ? 
_reflns.observed_criterion_F_max     ? 
_reflns.observed_criterion_F_min     ? 
_reflns.pdbx_chi_squared             ? 
_reflns.pdbx_scaling_rejects         ? 
_reflns.pdbx_ordinal                 1 
_reflns.pdbx_diffrn_id               1 
# 
_refine.entry_id                                 4SRN 
_refine.ls_number_reflns_obs                     ? 
_refine.ls_number_reflns_all                     ? 
_refine.pdbx_ls_sigma_I                          ? 
_refine.pdbx_ls_sigma_F                          ? 
_refine.pdbx_data_cutoff_high_absF               ? 
_refine.pdbx_data_cutoff_low_absF                ? 
_refine.pdbx_data_cutoff_high_rms_absF           ? 
_refine.ls_d_res_low                             5.0 
_refine.ls_d_res_high                            2.0 
_refine.ls_percent_reflns_obs                    ? 
_refine.ls_R_factor_obs                          0.172 
_refine.ls_R_factor_all                          ? 
_refine.ls_R_factor_R_work                       0.172 
_refine.ls_R_factor_R_free                       ? 
_refine.ls_R_factor_R_free_error                 ? 
_refine.ls_R_factor_R_free_error_details         ? 
_refine.ls_percent_reflns_R_free                 ? 
_refine.ls_number_reflns_R_free                  ? 
_refine.ls_number_parameters                     ? 
_refine.ls_number_restraints                     ? 
_refine.occupancy_min                            ? 
_refine.occupancy_max                            ? 
_refine.B_iso_mean                               ? 
_refine.aniso_B[1][1]                            ? 
_refine.aniso_B[2][2]                            ? 
_refine.aniso_B[3][3]                            ? 
_refine.aniso_B[1][2]                            ? 
_refine.aniso_B[1][3]                            ? 
_refine.aniso_B[2][3]                            ? 
_refine.solvent_model_details                    ? 
_refine.solvent_model_param_ksol                 ? 
_refine.solvent_model_param_bsol                 ? 
_refine.pdbx_ls_cross_valid_method               ? 
_refine.details                                  ? 
_refine.pdbx_starting_model                      ? 
_refine.pdbx_method_to_determine_struct          ? 
_refine.pdbx_isotropic_thermal_model             ? 
_refine.pdbx_stereochemistry_target_values       ? 
_refine.pdbx_stereochem_target_val_spec_case     ? 
_refine.pdbx_R_Free_selection_details            ? 
_refine.pdbx_overall_ESU_R                       ? 
_refine.pdbx_overall_ESU_R_Free                  ? 
_refine.overall_SU_ML                            ? 
_refine.overall_SU_B                             ? 
_refine.pdbx_refine_id                           'X-RAY DIFFRACTION' 
_refine.ls_redundancy_reflns_obs                 ? 
_refine.pdbx_overall_phase_error                 ? 
_refine.B_iso_min                                ? 
_refine.B_iso_max                                ? 
_refine.correlation_coeff_Fo_to_Fc               ? 
_refine.correlation_coeff_Fo_to_Fc_free          ? 
_refine.pdbx_solvent_vdw_probe_radii             ? 
_refine.pdbx_solvent_ion_probe_radii             ? 
_refine.pdbx_solvent_shrinkage_radii             ? 
_refine.overall_SU_R_Cruickshank_DPI             ? 
_refine.overall_SU_R_free                        ? 
_refine.ls_wR_factor_R_free                      ? 
_refine.ls_wR_factor_R_work                      ? 
_refine.overall_FOM_free_R_set                   ? 
_refine.overall_FOM_work_R_set                   ? 
_refine.pdbx_diffrn_id                           1 
_refine.pdbx_TLS_residual_ADP_flag               ? 
_refine.pdbx_overall_SU_R_free_Cruickshank_DPI   ? 
_refine.pdbx_overall_SU_R_Blow_DPI               ? 
_refine.pdbx_overall_SU_R_free_Blow_DPI          ? 
# 
_refine_hist.pdbx_refine_id                   'X-RAY DIFFRACTION' 
_refine_hist.cycle_id                         LAST 
_refine_hist.pdbx_number_atoms_protein        948 
_refine_hist.pdbx_number_atoms_nucleic_acid   0 
_refine_hist.pdbx_number_atoms_ligand         5 
_refine_hist.number_atoms_solvent             111 
_refine_hist.number_atoms_total               1064 
_refine_hist.d_res_high                       2.0 
_refine_hist.d_res_low                        5.0 
# 
loop_
_refine_ls_restr.type 
_refine_ls_restr.dev_ideal 
_refine_ls_restr.dev_ideal_target 
_refine_ls_restr.weight 
_refine_ls_restr.number 
_refine_ls_restr.pdbx_refine_id 
_refine_ls_restr.pdbx_restraint_function 
x_bond_d                0.025 ? ? ? 'X-RAY DIFFRACTION' ? 
x_bond_d_na             ?     ? ? ? 'X-RAY DIFFRACTION' ? 
x_bond_d_prot           ?     ? ? ? 'X-RAY DIFFRACTION' ? 
x_angle_d               ?     ? ? ? 'X-RAY DIFFRACTION' ? 
x_angle_d_na            ?     ? ? ? 'X-RAY DIFFRACTION' ? 
x_angle_d_prot          ?     ? ? ? 'X-RAY DIFFRACTION' ? 
x_angle_deg             ?     ? ? ? 'X-RAY DIFFRACTION' ? 
x_angle_deg_na          ?     ? ? ? 'X-RAY DIFFRACTION' ? 
x_angle_deg_prot        ?     ? ? ? 'X-RAY DIFFRACTION' ? 
x_dihedral_angle_d      ?     ? ? ? 'X-RAY DIFFRACTION' ? 
x_dihedral_angle_d_na   ?     ? ? ? 'X-RAY DIFFRACTION' ? 
x_dihedral_angle_d_prot ?     ? ? ? 'X-RAY DIFFRACTION' ? 
x_improper_angle_d      ?     ? ? ? 'X-RAY DIFFRACTION' ? 
x_improper_angle_d_na   ?     ? ? ? 'X-RAY DIFFRACTION' ? 
x_improper_angle_d_prot ?     ? ? ? 'X-RAY DIFFRACTION' ? 
x_mcbond_it             ?     ? ? ? 'X-RAY DIFFRACTION' ? 
x_mcangle_it            ?     ? ? ? 'X-RAY DIFFRACTION' ? 
x_scbond_it             ?     ? ? ? 'X-RAY DIFFRACTION' ? 
x_scangle_it            ?     ? ? ? 'X-RAY DIFFRACTION' ? 
# 
_struct.entry_id                  4SRN 
_struct.title                     
'STRUCTURAL CHANGES THAT ACCOMPANY THE REDUCED CATALYTIC EFFICIENCY OF TWO SEMISYNTHETIC RIBONUCLEASE ANALOGS' 
_struct.pdbx_model_details        ? 
_struct.pdbx_CASP_flag            ? 
_struct.pdbx_model_type_details   ? 
# 
_struct_keywords.entry_id        4SRN 
_struct_keywords.pdbx_keywords   'HYDROLASE(NUCLEIC ACID,RNA)' 
_struct_keywords.text            'HYDROLASE(NUCLEIC ACID, RNA)' 
# 
loop_
_struct_asym.id 
_struct_asym.pdbx_blank_PDB_chainid_flag 
_struct_asym.pdbx_modified 
_struct_asym.entity_id 
_struct_asym.details 
A N N 1 ? 
B N N 2 ? 
C N N 3 ? 
D N N 4 ? 
E N N 4 ? 
# 
loop_
_struct_ref.id 
_struct_ref.db_name 
_struct_ref.db_code 
_struct_ref.pdbx_db_accession 
_struct_ref.entity_id 
_struct_ref.pdbx_align_begin 
_struct_ref.pdbx_seq_one_letter_code 
_struct_ref.pdbx_db_isoform 
1 UNP RNAS1_BOVIN P61823 1 27  ? ? 
2 UNP RNAS1_BOVIN P61823 2 140 ? ? 
# 
loop_
_struct_ref_seq.align_id 
_struct_ref_seq.ref_id 
_struct_ref_seq.pdbx_PDB_id_code 
_struct_ref_seq.pdbx_strand_id 
_struct_ref_seq.seq_align_beg 
_struct_ref_seq.pdbx_seq_align_beg_ins_code 
_struct_ref_seq.seq_align_end 
_struct_ref_seq.pdbx_seq_align_end_ins_code 
_struct_ref_seq.pdbx_db_accession 
_struct_ref_seq.db_align_beg 
_struct_ref_seq.pdbx_db_align_beg_ins_code 
_struct_ref_seq.db_align_end 
_struct_ref_seq.pdbx_db_align_end_ins_code 
_struct_ref_seq.pdbx_auth_seq_align_beg 
_struct_ref_seq.pdbx_auth_seq_align_end 
1 1 4SRN A 1 ? 113 ? P61823 27  ? 139 ? 1   113 
2 2 4SRN B 1 ? 11  ? P61823 140 ? 150 ? 114 124 
# 
_pdbx_struct_assembly.id                   1 
_pdbx_struct_assembly.details              author_and_software_defined_assembly 
_pdbx_struct_assembly.method_details       PISA 
_pdbx_struct_assembly.oligomeric_details   dimeric 
_pdbx_struct_assembly.oligomeric_count     2 
# 
loop_
_pdbx_struct_assembly_prop.biol_id 
_pdbx_struct_assembly_prop.type 
_pdbx_struct_assembly_prop.value 
_pdbx_struct_assembly_prop.details 
1 'ABSA (A^2)' 1930 ? 
1 MORE         -30  ? 
1 'SSA (A^2)'  6810 ? 
# 
_pdbx_struct_assembly_gen.assembly_id       1 
_pdbx_struct_assembly_gen.oper_expression   1 
_pdbx_struct_assembly_gen.asym_id_list      A,B,C,D,E 
# 
_pdbx_struct_oper_list.id                   1 
_pdbx_struct_oper_list.type                 'identity operation' 
_pdbx_struct_oper_list.name                 1_555 
_pdbx_struct_oper_list.symmetry_operation   x,y,z 
_pdbx_struct_oper_list.matrix[1][1]         1.0000000000 
_pdbx_struct_oper_list.matrix[1][2]         0.0000000000 
_pdbx_struct_oper_list.matrix[1][3]         0.0000000000 
_pdbx_struct_oper_list.vector[1]            0.0000000000 
_pdbx_struct_oper_list.matrix[2][1]         0.0000000000 
_pdbx_struct_oper_list.matrix[2][2]         1.0000000000 
_pdbx_struct_oper_list.matrix[2][3]         0.0000000000 
_pdbx_struct_oper_list.vector[2]            0.0000000000 
_pdbx_struct_oper_list.matrix[3][1]         0.0000000000 
_pdbx_struct_oper_list.matrix[3][2]         0.0000000000 
_pdbx_struct_oper_list.matrix[3][3]         1.0000000000 
_pdbx_struct_oper_list.vector[3]            0.0000000000 
# 
_struct_biol.id        1 
_struct_biol.details   ? 
# 
loop_
_struct_conf.conf_type_id 
_struct_conf.id 
_struct_conf.pdbx_PDB_helix_id 
_struct_conf.beg_label_comp_id 
_struct_conf.beg_label_asym_id 
_struct_conf.beg_label_seq_id 
_struct_conf.pdbx_beg_PDB_ins_code 
_struct_conf.end_label_comp_id 
_struct_conf.end_label_asym_id 
_struct_conf.end_label_seq_id 
_struct_conf.pdbx_end_PDB_ins_code 
_struct_conf.beg_auth_comp_id 
_struct_conf.beg_auth_asym_id 
_struct_conf.beg_auth_seq_id 
_struct_conf.end_auth_comp_id 
_struct_conf.end_auth_asym_id 
_struct_conf.end_auth_seq_id 
_struct_conf.pdbx_PDB_helix_class 
_struct_conf.details 
_struct_conf.pdbx_PDB_helix_length 
HELX_P HELX_P1 H1 THR A 3  ? MET A 13 ? THR A 3  MET A 13 1 ? 11 
HELX_P HELX_P2 H2 ASN A 24 ? ASN A 34 ? ASN A 24 ASN A 34 1 ? 11 
HELX_P HELX_P3 H3 SER A 50 ? GLN A 60 ? SER A 50 GLN A 60 1 ? 11 
# 
_struct_conf_type.id          HELX_P 
_struct_conf_type.criteria    ? 
_struct_conf_type.reference   ? 
# 
loop_
_struct_conn.id 
_struct_conn.conn_type_id 
_struct_conn.pdbx_leaving_atom_flag 
_struct_conn.pdbx_PDB_id 
_struct_conn.ptnr1_label_asym_id 
_struct_conn.ptnr1_label_comp_id 
_struct_conn.ptnr1_label_seq_id 
_struct_conn.ptnr1_label_atom_id 
_struct_conn.pdbx_ptnr1_label_alt_id 
_struct_conn.pdbx_ptnr1_PDB_ins_code 
_struct_conn.pdbx_ptnr1_standard_comp_id 
_struct_conn.ptnr1_symmetry 
_struct_conn.ptnr2_label_asym_id 
_struct_conn.ptnr2_label_comp_id 
_struct_conn.ptnr2_label_seq_id 
_struct_conn.ptnr2_label_atom_id 
_struct_conn.pdbx_ptnr2_label_alt_id 
_struct_conn.pdbx_ptnr2_PDB_ins_code 
_struct_conn.ptnr1_auth_asym_id 
_struct_conn.ptnr1_auth_comp_id 
_struct_conn.ptnr1_auth_seq_id 
_struct_conn.ptnr2_auth_asym_id 
_struct_conn.ptnr2_auth_comp_id 
_struct_conn.ptnr2_auth_seq_id 
_struct_conn.ptnr2_symmetry 
_struct_conn.pdbx_ptnr3_label_atom_id 
_struct_conn.pdbx_ptnr3_label_seq_id 
_struct_conn.pdbx_ptnr3_label_comp_id 
_struct_conn.pdbx_ptnr3_label_asym_id 
_struct_conn.pdbx_ptnr3_label_alt_id 
_struct_conn.pdbx_ptnr3_PDB_ins_code 
_struct_conn.details 
_struct_conn.pdbx_dist_value 
_struct_conn.pdbx_value_order 
_struct_conn.pdbx_role 
disulf1 disulf ? ? A CYS 26 SG ? ? ? 1_555 A CYS 84  SG ? ? A CYS 26 A CYS 84  1_555 ? ? ? ? ? ? ? 2.005 ? ? 
disulf2 disulf ? ? A CYS 40 SG ? ? ? 1_555 A CYS 95  SG ? ? A CYS 40 A CYS 95  1_555 ? ? ? ? ? ? ? 1.896 ? ? 
disulf3 disulf ? ? A CYS 58 SG ? ? ? 1_555 A CYS 110 SG ? ? A CYS 58 A CYS 110 1_555 ? ? ? ? ? ? ? 1.962 ? ? 
disulf4 disulf ? ? A CYS 65 SG ? ? ? 1_555 A CYS 72  SG ? ? A CYS 65 A CYS 72  1_555 ? ? ? ? ? ? ? 2.022 ? ? 
# 
_struct_conn_type.id          disulf 
_struct_conn_type.criteria    ? 
_struct_conn_type.reference   ? 
# 
loop_
_pdbx_modification_feature.ordinal 
_pdbx_modification_feature.label_comp_id 
_pdbx_modification_feature.label_asym_id 
_pdbx_modification_feature.label_seq_id 
_pdbx_modification_feature.label_alt_id 
_pdbx_modification_feature.modified_residue_label_comp_id 
_pdbx_modification_feature.modified_residue_label_asym_id 
_pdbx_modification_feature.modified_residue_label_seq_id 
_pdbx_modification_feature.modified_residue_label_alt_id 
_pdbx_modification_feature.auth_comp_id 
_pdbx_modification_feature.auth_asym_id 
_pdbx_modification_feature.auth_seq_id 
_pdbx_modification_feature.PDB_ins_code 
_pdbx_modification_feature.symmetry 
_pdbx_modification_feature.modified_residue_auth_comp_id 
_pdbx_modification_feature.modified_residue_auth_asym_id 
_pdbx_modification_feature.modified_residue_auth_seq_id 
_pdbx_modification_feature.modified_residue_PDB_ins_code 
_pdbx_modification_feature.modified_residue_symmetry 
_pdbx_modification_feature.comp_id_linking_atom 
_pdbx_modification_feature.modified_residue_id_linking_atom 
_pdbx_modification_feature.modified_residue_id 
_pdbx_modification_feature.ref_pcm_id 
_pdbx_modification_feature.ref_comp_id 
_pdbx_modification_feature.type 
_pdbx_modification_feature.category 
1 CYS A 26 ? CYS A 84  ? CYS A 26 ? 1_555 CYS A 84  ? 1_555 SG SG . . . None 'Disulfide bridge' 
2 CYS A 40 ? CYS A 95  ? CYS A 40 ? 1_555 CYS A 95  ? 1_555 SG SG . . . None 'Disulfide bridge' 
3 CYS A 58 ? CYS A 110 ? CYS A 58 ? 1_555 CYS A 110 ? 1_555 SG SG . . . None 'Disulfide bridge' 
4 CYS A 65 ? CYS A 72  ? CYS A 65 ? 1_555 CYS A 72  ? 1_555 SG SG . . . None 'Disulfide bridge' 
# 
_struct_mon_prot_cis.pdbx_id                1 
_struct_mon_prot_cis.label_comp_id          TYR 
_struct_mon_prot_cis.label_seq_id           92 
_struct_mon_prot_cis.label_asym_id          A 
_struct_mon_prot_cis.label_alt_id           . 
_struct_mon_prot_cis.pdbx_PDB_ins_code      ? 
_struct_mon_prot_cis.auth_comp_id           TYR 
_struct_mon_prot_cis.auth_seq_id            92 
_struct_mon_prot_cis.auth_asym_id           A 
_struct_mon_prot_cis.pdbx_label_comp_id_2   PRO 
_struct_mon_prot_cis.pdbx_label_seq_id_2    93 
_struct_mon_prot_cis.pdbx_label_asym_id_2   A 
_struct_mon_prot_cis.pdbx_PDB_ins_code_2    ? 
_struct_mon_prot_cis.pdbx_auth_comp_id_2    PRO 
_struct_mon_prot_cis.pdbx_auth_seq_id_2     93 
_struct_mon_prot_cis.pdbx_auth_asym_id_2    A 
_struct_mon_prot_cis.pdbx_PDB_model_num     1 
_struct_mon_prot_cis.pdbx_omega_angle       -0.44 
# 
_struct_sheet.id               S1 
_struct_sheet.type             ? 
_struct_sheet.number_strands   3 
_struct_sheet.details          ? 
# 
loop_
_struct_sheet_order.sheet_id 
_struct_sheet_order.range_id_1 
_struct_sheet_order.range_id_2 
_struct_sheet_order.offset 
_struct_sheet_order.sense 
S1 1 2 ? anti-parallel 
S1 2 3 ? anti-parallel 
# 
loop_
_struct_sheet_range.sheet_id 
_struct_sheet_range.id 
_struct_sheet_range.beg_label_comp_id 
_struct_sheet_range.beg_label_asym_id 
_struct_sheet_range.beg_label_seq_id 
_struct_sheet_range.pdbx_beg_PDB_ins_code 
_struct_sheet_range.end_label_comp_id 
_struct_sheet_range.end_label_asym_id 
_struct_sheet_range.end_label_seq_id 
_struct_sheet_range.pdbx_end_PDB_ins_code 
_struct_sheet_range.beg_auth_comp_id 
_struct_sheet_range.beg_auth_asym_id 
_struct_sheet_range.beg_auth_seq_id 
_struct_sheet_range.end_auth_comp_id 
_struct_sheet_range.end_auth_asym_id 
_struct_sheet_range.end_auth_seq_id 
S1 1 PRO A 42 ? HIS A 48  ? PRO A 42 HIS A 48  
S1 2 ASN A 71 ? TYR A 92  ? ASN A 71 TYR A 92  
S1 3 ASN A 94 ? CYS A 110 ? ASN A 94 CYS A 110 
# 
loop_
_pdbx_struct_sheet_hbond.sheet_id 
_pdbx_struct_sheet_hbond.range_id_1 
_pdbx_struct_sheet_hbond.range_id_2 
_pdbx_struct_sheet_hbond.range_1_label_atom_id 
_pdbx_struct_sheet_hbond.range_1_label_comp_id 
_pdbx_struct_sheet_hbond.range_1_label_asym_id 
_pdbx_struct_sheet_hbond.range_1_label_seq_id 
_pdbx_struct_sheet_hbond.range_1_PDB_ins_code 
_pdbx_struct_sheet_hbond.range_1_auth_atom_id 
_pdbx_struct_sheet_hbond.range_1_auth_comp_id 
_pdbx_struct_sheet_hbond.range_1_auth_asym_id 
_pdbx_struct_sheet_hbond.range_1_auth_seq_id 
_pdbx_struct_sheet_hbond.range_2_label_atom_id 
_pdbx_struct_sheet_hbond.range_2_label_comp_id 
_pdbx_struct_sheet_hbond.range_2_label_asym_id 
_pdbx_struct_sheet_hbond.range_2_label_seq_id 
_pdbx_struct_sheet_hbond.range_2_PDB_ins_code 
_pdbx_struct_sheet_hbond.range_2_auth_atom_id 
_pdbx_struct_sheet_hbond.range_2_auth_comp_id 
_pdbx_struct_sheet_hbond.range_2_auth_asym_id 
_pdbx_struct_sheet_hbond.range_2_auth_seq_id 
S1 1 2 O PHE A 46 ? O PHE A 46 N THR A 82  ? N THR A 82  
S1 2 3 O ILE A 81 ? O ILE A 81 N ALA A 102 ? N ALA A 102 
# 
_struct_site.id                   AC1 
_struct_site.pdbx_evidence_code   Software 
_struct_site.pdbx_auth_asym_id    B 
_struct_site.pdbx_auth_comp_id    SO4 
_struct_site.pdbx_auth_seq_id     125 
_struct_site.pdbx_auth_ins_code   ? 
_struct_site.pdbx_num_residues    7 
_struct_site.details              'BINDING SITE FOR RESIDUE SO4 B 125' 
# 
loop_
_struct_site_gen.id 
_struct_site_gen.site_id 
_struct_site_gen.pdbx_num_res 
_struct_site_gen.label_comp_id 
_struct_site_gen.label_asym_id 
_struct_site_gen.label_seq_id 
_struct_site_gen.pdbx_auth_ins_code 
_struct_site_gen.auth_comp_id 
_struct_site_gen.auth_asym_id 
_struct_site_gen.auth_seq_id 
_struct_site_gen.label_atom_id 
_struct_site_gen.label_alt_id 
_struct_site_gen.symmetry 
_struct_site_gen.details 
1 AC1 7 GLN A 11 ? GLN A 11  . ? 1_555 ? 
2 AC1 7 HIS A 12 ? HIS A 12  . ? 1_555 ? 
3 AC1 7 VAL B 5  ? VAL B 118 . ? 1_555 ? 
4 AC1 7 HIS B 6  ? HIS B 119 . ? 1_555 ? 
5 AC1 7 PHE B 7  ? PHE B 120 . ? 1_555 ? 
6 AC1 7 HOH E .  ? HOH B 153 . ? 1_555 ? 
7 AC1 7 HOH E .  ? HOH B 197 . ? 1_555 ? 
# 
_pdbx_entry_details.entry_id                   4SRN 
_pdbx_entry_details.compound_details           
;FEATURES OF THE STRUCTURE:

 1. IN SPITE OF AN EIGHT-RESIDUE REDUNDANCY BETWEEN RNASE
    1 - 118 AND RNASE 111 - 124(D121A), NO REDUNDANT
    STRUCTURE IS SEEN IN THE CRYSTAL.  RESIDUES 114 - 118
    OF RNASE 1 - 118 AND RESIDUES 111 - 113 OF RNASE 111 -
    124(D121A) DO NOT APPEAR IN THE MAP.
 2. HIS 119 IS PREDOMINANTLY IN THE CONFORMATION REPORTED
    BY MARTIN FOR THE PARENT STRUCTURE.
;
_pdbx_entry_details.source_details             ? 
_pdbx_entry_details.nonpolymer_details         
;A TOTAL OF 111 WATER MOLECULES WERE INCLUDED.  A SULFATE
ANION OCCURS IN THE ACTIVE SITE AND WAS ALSO REFINED AS
PART OF THE STRUCTURE.
;
_pdbx_entry_details.sequence_details           ? 
_pdbx_entry_details.has_ligand_of_interest     ? 
_pdbx_entry_details.has_protein_modification   Y 
# 
loop_
_pdbx_validate_close_contact.id 
_pdbx_validate_close_contact.PDB_model_num 
_pdbx_validate_close_contact.auth_atom_id_1 
_pdbx_validate_close_contact.auth_asym_id_1 
_pdbx_validate_close_contact.auth_comp_id_1 
_pdbx_validate_close_contact.auth_seq_id_1 
_pdbx_validate_close_contact.PDB_ins_code_1 
_pdbx_validate_close_contact.label_alt_id_1 
_pdbx_validate_close_contact.auth_atom_id_2 
_pdbx_validate_close_contact.auth_asym_id_2 
_pdbx_validate_close_contact.auth_comp_id_2 
_pdbx_validate_close_contact.auth_seq_id_2 
_pdbx_validate_close_contact.PDB_ins_code_2 
_pdbx_validate_close_contact.label_alt_id_2 
_pdbx_validate_close_contact.dist 
1  1 O   A LYS 1   ? ? N A GLU 2   ? ? 1.14 
2  1 NZ  A LYS 37  ? ? O A HOH 345 ? ? 1.84 
3  1 OXT B VAL 124 ? ? O B HOH 338 ? ? 1.85 
4  1 OG  A SER 16  ? ? O A HOH 136 ? ? 1.86 
5  1 O   A HOH 163 ? ? O A HOH 164 ? ? 1.86 
6  1 O   A HOH 133 ? ? O A HOH 173 ? ? 2.08 
7  1 O   A LYS 1   ? ? O A HOH 142 ? ? 2.09 
8  1 OD2 A ASP 83  ? ? O A HOH 196 ? ? 2.14 
9  1 O   A ASN 113 ? ? N B PRO 114 ? ? 2.14 
10 1 O   A HOH 163 ? ? O A HOH 340 ? ? 2.16 
11 1 OG  A SER 32  ? ? O A HOH 203 ? ? 2.19 
12 1 OE1 A GLU 111 ? ? O A HOH 389 ? ? 2.19 
# 
loop_
_pdbx_validate_symm_contact.id 
_pdbx_validate_symm_contact.PDB_model_num 
_pdbx_validate_symm_contact.auth_atom_id_1 
_pdbx_validate_symm_contact.auth_asym_id_1 
_pdbx_validate_symm_contact.auth_comp_id_1 
_pdbx_validate_symm_contact.auth_seq_id_1 
_pdbx_validate_symm_contact.PDB_ins_code_1 
_pdbx_validate_symm_contact.label_alt_id_1 
_pdbx_validate_symm_contact.site_symmetry_1 
_pdbx_validate_symm_contact.auth_atom_id_2 
_pdbx_validate_symm_contact.auth_asym_id_2 
_pdbx_validate_symm_contact.auth_comp_id_2 
_pdbx_validate_symm_contact.auth_seq_id_2 
_pdbx_validate_symm_contact.PDB_ins_code_2 
_pdbx_validate_symm_contact.label_alt_id_2 
_pdbx_validate_symm_contact.site_symmetry_2 
_pdbx_validate_symm_contact.dist 
1 1 NZ A LYS 104 ? ? 1_555 NZ A LYS 104 ? ? 4_556 2.08 
2 1 O  A HOH 130 ? ? 1_555 O  A HOH 164 ? ? 2_654 2.08 
3 1 O  A HOH 190 ? ? 1_555 O  A HOH 313 ? ? 4_556 2.11 
# 
loop_
_pdbx_validate_rmsd_bond.id 
_pdbx_validate_rmsd_bond.PDB_model_num 
_pdbx_validate_rmsd_bond.auth_atom_id_1 
_pdbx_validate_rmsd_bond.auth_asym_id_1 
_pdbx_validate_rmsd_bond.auth_comp_id_1 
_pdbx_validate_rmsd_bond.auth_seq_id_1 
_pdbx_validate_rmsd_bond.PDB_ins_code_1 
_pdbx_validate_rmsd_bond.label_alt_id_1 
_pdbx_validate_rmsd_bond.auth_atom_id_2 
_pdbx_validate_rmsd_bond.auth_asym_id_2 
_pdbx_validate_rmsd_bond.auth_comp_id_2 
_pdbx_validate_rmsd_bond.auth_seq_id_2 
_pdbx_validate_rmsd_bond.PDB_ins_code_2 
_pdbx_validate_rmsd_bond.label_alt_id_2 
_pdbx_validate_rmsd_bond.bond_value 
_pdbx_validate_rmsd_bond.bond_target_value 
_pdbx_validate_rmsd_bond.bond_deviation 
_pdbx_validate_rmsd_bond.bond_standard_deviation 
_pdbx_validate_rmsd_bond.linker_flag 
1 1 C  A LYS 1  ? ? N  A GLU 2  ? ? 1.172 1.336 -0.164 0.023 Y 
2 1 CB A SER 21 ? ? OG A SER 21 ? ? 1.517 1.418 0.099  0.013 N 
3 1 CB A SER 32 ? ? OG A SER 32 ? ? 1.339 1.418 -0.079 0.013 N 
# 
loop_
_pdbx_validate_rmsd_angle.id 
_pdbx_validate_rmsd_angle.PDB_model_num 
_pdbx_validate_rmsd_angle.auth_atom_id_1 
_pdbx_validate_rmsd_angle.auth_asym_id_1 
_pdbx_validate_rmsd_angle.auth_comp_id_1 
_pdbx_validate_rmsd_angle.auth_seq_id_1 
_pdbx_validate_rmsd_angle.PDB_ins_code_1 
_pdbx_validate_rmsd_angle.label_alt_id_1 
_pdbx_validate_rmsd_angle.auth_atom_id_2 
_pdbx_validate_rmsd_angle.auth_asym_id_2 
_pdbx_validate_rmsd_angle.auth_comp_id_2 
_pdbx_validate_rmsd_angle.auth_seq_id_2 
_pdbx_validate_rmsd_angle.PDB_ins_code_2 
_pdbx_validate_rmsd_angle.label_alt_id_2 
_pdbx_validate_rmsd_angle.auth_atom_id_3 
_pdbx_validate_rmsd_angle.auth_asym_id_3 
_pdbx_validate_rmsd_angle.auth_comp_id_3 
_pdbx_validate_rmsd_angle.auth_seq_id_3 
_pdbx_validate_rmsd_angle.PDB_ins_code_3 
_pdbx_validate_rmsd_angle.label_alt_id_3 
_pdbx_validate_rmsd_angle.angle_value 
_pdbx_validate_rmsd_angle.angle_target_value 
_pdbx_validate_rmsd_angle.angle_deviation 
_pdbx_validate_rmsd_angle.angle_standard_deviation 
_pdbx_validate_rmsd_angle.linker_flag 
1  1 CA  A LYS 1   ? ? C  A LYS 1   ? ? N   A GLU 2   ? ? 167.35 117.20 50.15  2.20 Y 
2  1 O   A LYS 1   ? ? C  A LYS 1   ? ? N   A GLU 2   ? ? 56.79  122.70 -65.91 1.60 Y 
3  1 NE  A ARG 10  ? ? CZ A ARG 10  ? ? NH1 A ARG 10  ? ? 115.68 120.30 -4.62  0.50 N 
4  1 NE  A ARG 10  ? ? CZ A ARG 10  ? ? NH2 A ARG 10  ? ? 126.03 120.30 5.73   0.50 N 
5  1 CB  A ASP 14  ? ? CG A ASP 14  ? ? OD2 A ASP 14  ? ? 110.93 118.30 -7.37  0.90 N 
6  1 NE  A ARG 33  ? ? CZ A ARG 33  ? ? NH1 A ARG 33  ? ? 127.87 120.30 7.57   0.50 N 
7  1 CB  A ASP 53  ? ? CG A ASP 53  ? ? OD1 A ASP 53  ? ? 125.15 118.30 6.85   0.90 N 
8  1 CB  A ASP 83  ? ? CG A ASP 83  ? ? OD2 A ASP 83  ? ? 124.62 118.30 6.32   0.90 N 
9  1 NH1 A ARG 85  ? ? CZ A ARG 85  ? ? NH2 A ARG 85  ? ? 127.98 119.40 8.58   1.10 N 
10 1 NE  A ARG 85  ? ? CZ A ARG 85  ? ? NH1 A ARG 85  ? ? 113.42 120.30 -6.88  0.50 N 
11 1 OE1 A GLU 86  ? ? CD A GLU 86  ? ? OE2 A GLU 86  ? ? 134.87 123.30 11.57  1.20 N 
12 1 CB  B VAL 118 ? ? CA B VAL 118 ? ? C   B VAL 118 ? ? 126.64 111.40 15.24  1.90 N 
# 
loop_
_pdbx_validate_torsion.id 
_pdbx_validate_torsion.PDB_model_num 
_pdbx_validate_torsion.auth_comp_id 
_pdbx_validate_torsion.auth_asym_id 
_pdbx_validate_torsion.auth_seq_id 
_pdbx_validate_torsion.PDB_ins_code 
_pdbx_validate_torsion.label_alt_id 
_pdbx_validate_torsion.phi 
_pdbx_validate_torsion.psi 
1 1 HIS A 48 ? ? -101.11 59.42   
2 1 GLN A 60 ? ? -101.00 -142.28 
# 
_pdbx_validate_peptide_omega.id               1 
_pdbx_validate_peptide_omega.PDB_model_num    1 
_pdbx_validate_peptide_omega.auth_comp_id_1   LYS 
_pdbx_validate_peptide_omega.auth_asym_id_1   A 
_pdbx_validate_peptide_omega.auth_seq_id_1    1 
_pdbx_validate_peptide_omega.PDB_ins_code_1   ? 
_pdbx_validate_peptide_omega.label_alt_id_1   ? 
_pdbx_validate_peptide_omega.auth_comp_id_2   GLU 
_pdbx_validate_peptide_omega.auth_asym_id_2   A 
_pdbx_validate_peptide_omega.auth_seq_id_2    2 
_pdbx_validate_peptide_omega.PDB_ins_code_2   ? 
_pdbx_validate_peptide_omega.label_alt_id_2   ? 
_pdbx_validate_peptide_omega.omega            -84.06 
# 
_pdbx_validate_main_chain_plane.id                       1 
_pdbx_validate_main_chain_plane.PDB_model_num            1 
_pdbx_validate_main_chain_plane.auth_comp_id             LYS 
_pdbx_validate_main_chain_plane.auth_asym_id             A 
_pdbx_validate_main_chain_plane.auth_seq_id              1 
_pdbx_validate_main_chain_plane.PDB_ins_code             ? 
_pdbx_validate_main_chain_plane.label_alt_id             ? 
_pdbx_validate_main_chain_plane.improper_torsion_angle   -68.90 
# 
_pdbx_validate_polymer_linkage.id               1 
_pdbx_validate_polymer_linkage.PDB_model_num    1 
_pdbx_validate_polymer_linkage.auth_atom_id_1   C 
_pdbx_validate_polymer_linkage.auth_asym_id_1   A 
_pdbx_validate_polymer_linkage.auth_comp_id_1   LYS 
_pdbx_validate_polymer_linkage.auth_seq_id_1    1 
_pdbx_validate_polymer_linkage.PDB_ins_code_1   ? 
_pdbx_validate_polymer_linkage.label_alt_id_1   ? 
_pdbx_validate_polymer_linkage.auth_atom_id_2   N 
_pdbx_validate_polymer_linkage.auth_asym_id_2   A 
_pdbx_validate_polymer_linkage.auth_comp_id_2   GLU 
_pdbx_validate_polymer_linkage.auth_seq_id_2    2 
_pdbx_validate_polymer_linkage.PDB_ins_code_2   ? 
_pdbx_validate_polymer_linkage.label_alt_id_2   ? 
_pdbx_validate_polymer_linkage.dist             1.17 
# 
loop_
_chem_comp_atom.comp_id 
_chem_comp_atom.atom_id 
_chem_comp_atom.type_symbol 
_chem_comp_atom.pdbx_aromatic_flag 
_chem_comp_atom.pdbx_stereo_config 
_chem_comp_atom.pdbx_ordinal 
ALA N    N N N 1   
ALA CA   C N S 2   
ALA C    C N N 3   
ALA O    O N N 4   
ALA CB   C N N 5   
ALA OXT  O N N 6   
ALA H    H N N 7   
ALA H2   H N N 8   
ALA HA   H N N 9   
ALA HB1  H N N 10  
ALA HB2  H N N 11  
ALA HB3  H N N 12  
ALA HXT  H N N 13  
ARG N    N N N 14  
ARG CA   C N S 15  
ARG C    C N N 16  
ARG O    O N N 17  
ARG CB   C N N 18  
ARG CG   C N N 19  
ARG CD   C N N 20  
ARG NE   N N N 21  
ARG CZ   C N N 22  
ARG NH1  N N N 23  
ARG NH2  N N N 24  
ARG OXT  O N N 25  
ARG H    H N N 26  
ARG H2   H N N 27  
ARG HA   H N N 28  
ARG HB2  H N N 29  
ARG HB3  H N N 30  
ARG HG2  H N N 31  
ARG HG3  H N N 32  
ARG HD2  H N N 33  
ARG HD3  H N N 34  
ARG HE   H N N 35  
ARG HH11 H N N 36  
ARG HH12 H N N 37  
ARG HH21 H N N 38  
ARG HH22 H N N 39  
ARG HXT  H N N 40  
ASN N    N N N 41  
ASN CA   C N S 42  
ASN C    C N N 43  
ASN O    O N N 44  
ASN CB   C N N 45  
ASN CG   C N N 46  
ASN OD1  O N N 47  
ASN ND2  N N N 48  
ASN OXT  O N N 49  
ASN H    H N N 50  
ASN H2   H N N 51  
ASN HA   H N N 52  
ASN HB2  H N N 53  
ASN HB3  H N N 54  
ASN HD21 H N N 55  
ASN HD22 H N N 56  
ASN HXT  H N N 57  
ASP N    N N N 58  
ASP CA   C N S 59  
ASP C    C N N 60  
ASP O    O N N 61  
ASP CB   C N N 62  
ASP CG   C N N 63  
ASP OD1  O N N 64  
ASP OD2  O N N 65  
ASP OXT  O N N 66  
ASP H    H N N 67  
ASP H2   H N N 68  
ASP HA   H N N 69  
ASP HB2  H N N 70  
ASP HB3  H N N 71  
ASP HD2  H N N 72  
ASP HXT  H N N 73  
CYS N    N N N 74  
CYS CA   C N R 75  
CYS C    C N N 76  
CYS O    O N N 77  
CYS CB   C N N 78  
CYS SG   S N N 79  
CYS OXT  O N N 80  
CYS H    H N N 81  
CYS H2   H N N 82  
CYS HA   H N N 83  
CYS HB2  H N N 84  
CYS HB3  H N N 85  
CYS HG   H N N 86  
CYS HXT  H N N 87  
GLN N    N N N 88  
GLN CA   C N S 89  
GLN C    C N N 90  
GLN O    O N N 91  
GLN CB   C N N 92  
GLN CG   C N N 93  
GLN CD   C N N 94  
GLN OE1  O N N 95  
GLN NE2  N N N 96  
GLN OXT  O N N 97  
GLN H    H N N 98  
GLN H2   H N N 99  
GLN HA   H N N 100 
GLN HB2  H N N 101 
GLN HB3  H N N 102 
GLN HG2  H N N 103 
GLN HG3  H N N 104 
GLN HE21 H N N 105 
GLN HE22 H N N 106 
GLN HXT  H N N 107 
GLU N    N N N 108 
GLU CA   C N S 109 
GLU C    C N N 110 
GLU O    O N N 111 
GLU CB   C N N 112 
GLU CG   C N N 113 
GLU CD   C N N 114 
GLU OE1  O N N 115 
GLU OE2  O N N 116 
GLU OXT  O N N 117 
GLU H    H N N 118 
GLU H2   H N N 119 
GLU HA   H N N 120 
GLU HB2  H N N 121 
GLU HB3  H N N 122 
GLU HG2  H N N 123 
GLU HG3  H N N 124 
GLU HE2  H N N 125 
GLU HXT  H N N 126 
GLY N    N N N 127 
GLY CA   C N N 128 
GLY C    C N N 129 
GLY O    O N N 130 
GLY OXT  O N N 131 
GLY H    H N N 132 
GLY H2   H N N 133 
GLY HA2  H N N 134 
GLY HA3  H N N 135 
GLY HXT  H N N 136 
HIS N    N N N 137 
HIS CA   C N S 138 
HIS C    C N N 139 
HIS O    O N N 140 
HIS CB   C N N 141 
HIS CG   C Y N 142 
HIS ND1  N Y N 143 
HIS CD2  C Y N 144 
HIS CE1  C Y N 145 
HIS NE2  N Y N 146 
HIS OXT  O N N 147 
HIS H    H N N 148 
HIS H2   H N N 149 
HIS HA   H N N 150 
HIS HB2  H N N 151 
HIS HB3  H N N 152 
HIS HD1  H N N 153 
HIS HD2  H N N 154 
HIS HE1  H N N 155 
HIS HE2  H N N 156 
HIS HXT  H N N 157 
HOH O    O N N 158 
HOH H1   H N N 159 
HOH H2   H N N 160 
ILE N    N N N 161 
ILE CA   C N S 162 
ILE C    C N N 163 
ILE O    O N N 164 
ILE CB   C N S 165 
ILE CG1  C N N 166 
ILE CG2  C N N 167 
ILE CD1  C N N 168 
ILE OXT  O N N 169 
ILE H    H N N 170 
ILE H2   H N N 171 
ILE HA   H N N 172 
ILE HB   H N N 173 
ILE HG12 H N N 174 
ILE HG13 H N N 175 
ILE HG21 H N N 176 
ILE HG22 H N N 177 
ILE HG23 H N N 178 
ILE HD11 H N N 179 
ILE HD12 H N N 180 
ILE HD13 H N N 181 
ILE HXT  H N N 182 
LEU N    N N N 183 
LEU CA   C N S 184 
LEU C    C N N 185 
LEU O    O N N 186 
LEU CB   C N N 187 
LEU CG   C N N 188 
LEU CD1  C N N 189 
LEU CD2  C N N 190 
LEU OXT  O N N 191 
LEU H    H N N 192 
LEU H2   H N N 193 
LEU HA   H N N 194 
LEU HB2  H N N 195 
LEU HB3  H N N 196 
LEU HG   H N N 197 
LEU HD11 H N N 198 
LEU HD12 H N N 199 
LEU HD13 H N N 200 
LEU HD21 H N N 201 
LEU HD22 H N N 202 
LEU HD23 H N N 203 
LEU HXT  H N N 204 
LYS N    N N N 205 
LYS CA   C N S 206 
LYS C    C N N 207 
LYS O    O N N 208 
LYS CB   C N N 209 
LYS CG   C N N 210 
LYS CD   C N N 211 
LYS CE   C N N 212 
LYS NZ   N N N 213 
LYS OXT  O N N 214 
LYS H    H N N 215 
LYS H2   H N N 216 
LYS HA   H N N 217 
LYS HB2  H N N 218 
LYS HB3  H N N 219 
LYS HG2  H N N 220 
LYS HG3  H N N 221 
LYS HD2  H N N 222 
LYS HD3  H N N 223 
LYS HE2  H N N 224 
LYS HE3  H N N 225 
LYS HZ1  H N N 226 
LYS HZ2  H N N 227 
LYS HZ3  H N N 228 
LYS HXT  H N N 229 
MET N    N N N 230 
MET CA   C N S 231 
MET C    C N N 232 
MET O    O N N 233 
MET CB   C N N 234 
MET CG   C N N 235 
MET SD   S N N 236 
MET CE   C N N 237 
MET OXT  O N N 238 
MET H    H N N 239 
MET H2   H N N 240 
MET HA   H N N 241 
MET HB2  H N N 242 
MET HB3  H N N 243 
MET HG2  H N N 244 
MET HG3  H N N 245 
MET HE1  H N N 246 
MET HE2  H N N 247 
MET HE3  H N N 248 
MET HXT  H N N 249 
PHE N    N N N 250 
PHE CA   C N S 251 
PHE C    C N N 252 
PHE O    O N N 253 
PHE CB   C N N 254 
PHE CG   C Y N 255 
PHE CD1  C Y N 256 
PHE CD2  C Y N 257 
PHE CE1  C Y N 258 
PHE CE2  C Y N 259 
PHE CZ   C Y N 260 
PHE OXT  O N N 261 
PHE H    H N N 262 
PHE H2   H N N 263 
PHE HA   H N N 264 
PHE HB2  H N N 265 
PHE HB3  H N N 266 
PHE HD1  H N N 267 
PHE HD2  H N N 268 
PHE HE1  H N N 269 
PHE HE2  H N N 270 
PHE HZ   H N N 271 
PHE HXT  H N N 272 
PRO N    N N N 273 
PRO CA   C N S 274 
PRO C    C N N 275 
PRO O    O N N 276 
PRO CB   C N N 277 
PRO CG   C N N 278 
PRO CD   C N N 279 
PRO OXT  O N N 280 
PRO H    H N N 281 
PRO HA   H N N 282 
PRO HB2  H N N 283 
PRO HB3  H N N 284 
PRO HG2  H N N 285 
PRO HG3  H N N 286 
PRO HD2  H N N 287 
PRO HD3  H N N 288 
PRO HXT  H N N 289 
SER N    N N N 290 
SER CA   C N S 291 
SER C    C N N 292 
SER O    O N N 293 
SER CB   C N N 294 
SER OG   O N N 295 
SER OXT  O N N 296 
SER H    H N N 297 
SER H2   H N N 298 
SER HA   H N N 299 
SER HB2  H N N 300 
SER HB3  H N N 301 
SER HG   H N N 302 
SER HXT  H N N 303 
SO4 S    S N N 304 
SO4 O1   O N N 305 
SO4 O2   O N N 306 
SO4 O3   O N N 307 
SO4 O4   O N N 308 
THR N    N N N 309 
THR CA   C N S 310 
THR C    C N N 311 
THR O    O N N 312 
THR CB   C N R 313 
THR OG1  O N N 314 
THR CG2  C N N 315 
THR OXT  O N N 316 
THR H    H N N 317 
THR H2   H N N 318 
THR HA   H N N 319 
THR HB   H N N 320 
THR HG1  H N N 321 
THR HG21 H N N 322 
THR HG22 H N N 323 
THR HG23 H N N 324 
THR HXT  H N N 325 
TYR N    N N N 326 
TYR CA   C N S 327 
TYR C    C N N 328 
TYR O    O N N 329 
TYR CB   C N N 330 
TYR CG   C Y N 331 
TYR CD1  C Y N 332 
TYR CD2  C Y N 333 
TYR CE1  C Y N 334 
TYR CE2  C Y N 335 
TYR CZ   C Y N 336 
TYR OH   O N N 337 
TYR OXT  O N N 338 
TYR H    H N N 339 
TYR H2   H N N 340 
TYR HA   H N N 341 
TYR HB2  H N N 342 
TYR HB3  H N N 343 
TYR HD1  H N N 344 
TYR HD2  H N N 345 
TYR HE1  H N N 346 
TYR HE2  H N N 347 
TYR HH   H N N 348 
TYR HXT  H N N 349 
VAL N    N N N 350 
VAL CA   C N S 351 
VAL C    C N N 352 
VAL O    O N N 353 
VAL CB   C N N 354 
VAL CG1  C N N 355 
VAL CG2  C N N 356 
VAL OXT  O N N 357 
VAL H    H N N 358 
VAL H2   H N N 359 
VAL HA   H N N 360 
VAL HB   H N N 361 
VAL HG11 H N N 362 
VAL HG12 H N N 363 
VAL HG13 H N N 364 
VAL HG21 H N N 365 
VAL HG22 H N N 366 
VAL HG23 H N N 367 
VAL HXT  H N N 368 
# 
loop_
_chem_comp_bond.comp_id 
_chem_comp_bond.atom_id_1 
_chem_comp_bond.atom_id_2 
_chem_comp_bond.value_order 
_chem_comp_bond.pdbx_aromatic_flag 
_chem_comp_bond.pdbx_stereo_config 
_chem_comp_bond.pdbx_ordinal 
ALA N   CA   sing N N 1   
ALA N   H    sing N N 2   
ALA N   H2   sing N N 3   
ALA CA  C    sing N N 4   
ALA CA  CB   sing N N 5   
ALA CA  HA   sing N N 6   
ALA C   O    doub N N 7   
ALA C   OXT  sing N N 8   
ALA CB  HB1  sing N N 9   
ALA CB  HB2  sing N N 10  
ALA CB  HB3  sing N N 11  
ALA OXT HXT  sing N N 12  
ARG N   CA   sing N N 13  
ARG N   H    sing N N 14  
ARG N   H2   sing N N 15  
ARG CA  C    sing N N 16  
ARG CA  CB   sing N N 17  
ARG CA  HA   sing N N 18  
ARG C   O    doub N N 19  
ARG C   OXT  sing N N 20  
ARG CB  CG   sing N N 21  
ARG CB  HB2  sing N N 22  
ARG CB  HB3  sing N N 23  
ARG CG  CD   sing N N 24  
ARG CG  HG2  sing N N 25  
ARG CG  HG3  sing N N 26  
ARG CD  NE   sing N N 27  
ARG CD  HD2  sing N N 28  
ARG CD  HD3  sing N N 29  
ARG NE  CZ   sing N N 30  
ARG NE  HE   sing N N 31  
ARG CZ  NH1  sing N N 32  
ARG CZ  NH2  doub N N 33  
ARG NH1 HH11 sing N N 34  
ARG NH1 HH12 sing N N 35  
ARG NH2 HH21 sing N N 36  
ARG NH2 HH22 sing N N 37  
ARG OXT HXT  sing N N 38  
ASN N   CA   sing N N 39  
ASN N   H    sing N N 40  
ASN N   H2   sing N N 41  
ASN CA  C    sing N N 42  
ASN CA  CB   sing N N 43  
ASN CA  HA   sing N N 44  
ASN C   O    doub N N 45  
ASN C   OXT  sing N N 46  
ASN CB  CG   sing N N 47  
ASN CB  HB2  sing N N 48  
ASN CB  HB3  sing N N 49  
ASN CG  OD1  doub N N 50  
ASN CG  ND2  sing N N 51  
ASN ND2 HD21 sing N N 52  
ASN ND2 HD22 sing N N 53  
ASN OXT HXT  sing N N 54  
ASP N   CA   sing N N 55  
ASP N   H    sing N N 56  
ASP N   H2   sing N N 57  
ASP CA  C    sing N N 58  
ASP CA  CB   sing N N 59  
ASP CA  HA   sing N N 60  
ASP C   O    doub N N 61  
ASP C   OXT  sing N N 62  
ASP CB  CG   sing N N 63  
ASP CB  HB2  sing N N 64  
ASP CB  HB3  sing N N 65  
ASP CG  OD1  doub N N 66  
ASP CG  OD2  sing N N 67  
ASP OD2 HD2  sing N N 68  
ASP OXT HXT  sing N N 69  
CYS N   CA   sing N N 70  
CYS N   H    sing N N 71  
CYS N   H2   sing N N 72  
CYS CA  C    sing N N 73  
CYS CA  CB   sing N N 74  
CYS CA  HA   sing N N 75  
CYS C   O    doub N N 76  
CYS C   OXT  sing N N 77  
CYS CB  SG   sing N N 78  
CYS CB  HB2  sing N N 79  
CYS CB  HB3  sing N N 80  
CYS SG  HG   sing N N 81  
CYS OXT HXT  sing N N 82  
GLN N   CA   sing N N 83  
GLN N   H    sing N N 84  
GLN N   H2   sing N N 85  
GLN CA  C    sing N N 86  
GLN CA  CB   sing N N 87  
GLN CA  HA   sing N N 88  
GLN C   O    doub N N 89  
GLN C   OXT  sing N N 90  
GLN CB  CG   sing N N 91  
GLN CB  HB2  sing N N 92  
GLN CB  HB3  sing N N 93  
GLN CG  CD   sing N N 94  
GLN CG  HG2  sing N N 95  
GLN CG  HG3  sing N N 96  
GLN CD  OE1  doub N N 97  
GLN CD  NE2  sing N N 98  
GLN NE2 HE21 sing N N 99  
GLN NE2 HE22 sing N N 100 
GLN OXT HXT  sing N N 101 
GLU N   CA   sing N N 102 
GLU N   H    sing N N 103 
GLU N   H2   sing N N 104 
GLU CA  C    sing N N 105 
GLU CA  CB   sing N N 106 
GLU CA  HA   sing N N 107 
GLU C   O    doub N N 108 
GLU C   OXT  sing N N 109 
GLU CB  CG   sing N N 110 
GLU CB  HB2  sing N N 111 
GLU CB  HB3  sing N N 112 
GLU CG  CD   sing N N 113 
GLU CG  HG2  sing N N 114 
GLU CG  HG3  sing N N 115 
GLU CD  OE1  doub N N 116 
GLU CD  OE2  sing N N 117 
GLU OE2 HE2  sing N N 118 
GLU OXT HXT  sing N N 119 
GLY N   CA   sing N N 120 
GLY N   H    sing N N 121 
GLY N   H2   sing N N 122 
GLY CA  C    sing N N 123 
GLY CA  HA2  sing N N 124 
GLY CA  HA3  sing N N 125 
GLY C   O    doub N N 126 
GLY C   OXT  sing N N 127 
GLY OXT HXT  sing N N 128 
HIS N   CA   sing N N 129 
HIS N   H    sing N N 130 
HIS N   H2   sing N N 131 
HIS CA  C    sing N N 132 
HIS CA  CB   sing N N 133 
HIS CA  HA   sing N N 134 
HIS C   O    doub N N 135 
HIS C   OXT  sing N N 136 
HIS CB  CG   sing N N 137 
HIS CB  HB2  sing N N 138 
HIS CB  HB3  sing N N 139 
HIS CG  ND1  sing Y N 140 
HIS CG  CD2  doub Y N 141 
HIS ND1 CE1  doub Y N 142 
HIS ND1 HD1  sing N N 143 
HIS CD2 NE2  sing Y N 144 
HIS CD2 HD2  sing N N 145 
HIS CE1 NE2  sing Y N 146 
HIS CE1 HE1  sing N N 147 
HIS NE2 HE2  sing N N 148 
HIS OXT HXT  sing N N 149 
HOH O   H1   sing N N 150 
HOH O   H2   sing N N 151 
ILE N   CA   sing N N 152 
ILE N   H    sing N N 153 
ILE N   H2   sing N N 154 
ILE CA  C    sing N N 155 
ILE CA  CB   sing N N 156 
ILE CA  HA   sing N N 157 
ILE C   O    doub N N 158 
ILE C   OXT  sing N N 159 
ILE CB  CG1  sing N N 160 
ILE CB  CG2  sing N N 161 
ILE CB  HB   sing N N 162 
ILE CG1 CD1  sing N N 163 
ILE CG1 HG12 sing N N 164 
ILE CG1 HG13 sing N N 165 
ILE CG2 HG21 sing N N 166 
ILE CG2 HG22 sing N N 167 
ILE CG2 HG23 sing N N 168 
ILE CD1 HD11 sing N N 169 
ILE CD1 HD12 sing N N 170 
ILE CD1 HD13 sing N N 171 
ILE OXT HXT  sing N N 172 
LEU N   CA   sing N N 173 
LEU N   H    sing N N 174 
LEU N   H2   sing N N 175 
LEU CA  C    sing N N 176 
LEU CA  CB   sing N N 177 
LEU CA  HA   sing N N 178 
LEU C   O    doub N N 179 
LEU C   OXT  sing N N 180 
LEU CB  CG   sing N N 181 
LEU CB  HB2  sing N N 182 
LEU CB  HB3  sing N N 183 
LEU CG  CD1  sing N N 184 
LEU CG  CD2  sing N N 185 
LEU CG  HG   sing N N 186 
LEU CD1 HD11 sing N N 187 
LEU CD1 HD12 sing N N 188 
LEU CD1 HD13 sing N N 189 
LEU CD2 HD21 sing N N 190 
LEU CD2 HD22 sing N N 191 
LEU CD2 HD23 sing N N 192 
LEU OXT HXT  sing N N 193 
LYS N   CA   sing N N 194 
LYS N   H    sing N N 195 
LYS N   H2   sing N N 196 
LYS CA  C    sing N N 197 
LYS CA  CB   sing N N 198 
LYS CA  HA   sing N N 199 
LYS C   O    doub N N 200 
LYS C   OXT  sing N N 201 
LYS CB  CG   sing N N 202 
LYS CB  HB2  sing N N 203 
LYS CB  HB3  sing N N 204 
LYS CG  CD   sing N N 205 
LYS CG  HG2  sing N N 206 
LYS CG  HG3  sing N N 207 
LYS CD  CE   sing N N 208 
LYS CD  HD2  sing N N 209 
LYS CD  HD3  sing N N 210 
LYS CE  NZ   sing N N 211 
LYS CE  HE2  sing N N 212 
LYS CE  HE3  sing N N 213 
LYS NZ  HZ1  sing N N 214 
LYS NZ  HZ2  sing N N 215 
LYS NZ  HZ3  sing N N 216 
LYS OXT HXT  sing N N 217 
MET N   CA   sing N N 218 
MET N   H    sing N N 219 
MET N   H2   sing N N 220 
MET CA  C    sing N N 221 
MET CA  CB   sing N N 222 
MET CA  HA   sing N N 223 
MET C   O    doub N N 224 
MET C   OXT  sing N N 225 
MET CB  CG   sing N N 226 
MET CB  HB2  sing N N 227 
MET CB  HB3  sing N N 228 
MET CG  SD   sing N N 229 
MET CG  HG2  sing N N 230 
MET CG  HG3  sing N N 231 
MET SD  CE   sing N N 232 
MET CE  HE1  sing N N 233 
MET CE  HE2  sing N N 234 
MET CE  HE3  sing N N 235 
MET OXT HXT  sing N N 236 
PHE N   CA   sing N N 237 
PHE N   H    sing N N 238 
PHE N   H2   sing N N 239 
PHE CA  C    sing N N 240 
PHE CA  CB   sing N N 241 
PHE CA  HA   sing N N 242 
PHE C   O    doub N N 243 
PHE C   OXT  sing N N 244 
PHE CB  CG   sing N N 245 
PHE CB  HB2  sing N N 246 
PHE CB  HB3  sing N N 247 
PHE CG  CD1  doub Y N 248 
PHE CG  CD2  sing Y N 249 
PHE CD1 CE1  sing Y N 250 
PHE CD1 HD1  sing N N 251 
PHE CD2 CE2  doub Y N 252 
PHE CD2 HD2  sing N N 253 
PHE CE1 CZ   doub Y N 254 
PHE CE1 HE1  sing N N 255 
PHE CE2 CZ   sing Y N 256 
PHE CE2 HE2  sing N N 257 
PHE CZ  HZ   sing N N 258 
PHE OXT HXT  sing N N 259 
PRO N   CA   sing N N 260 
PRO N   CD   sing N N 261 
PRO N   H    sing N N 262 
PRO CA  C    sing N N 263 
PRO CA  CB   sing N N 264 
PRO CA  HA   sing N N 265 
PRO C   O    doub N N 266 
PRO C   OXT  sing N N 267 
PRO CB  CG   sing N N 268 
PRO CB  HB2  sing N N 269 
PRO CB  HB3  sing N N 270 
PRO CG  CD   sing N N 271 
PRO CG  HG2  sing N N 272 
PRO CG  HG3  sing N N 273 
PRO CD  HD2  sing N N 274 
PRO CD  HD3  sing N N 275 
PRO OXT HXT  sing N N 276 
SER N   CA   sing N N 277 
SER N   H    sing N N 278 
SER N   H2   sing N N 279 
SER CA  C    sing N N 280 
SER CA  CB   sing N N 281 
SER CA  HA   sing N N 282 
SER C   O    doub N N 283 
SER C   OXT  sing N N 284 
SER CB  OG   sing N N 285 
SER CB  HB2  sing N N 286 
SER CB  HB3  sing N N 287 
SER OG  HG   sing N N 288 
SER OXT HXT  sing N N 289 
SO4 S   O1   doub N N 290 
SO4 S   O2   doub N N 291 
SO4 S   O3   sing N N 292 
SO4 S   O4   sing N N 293 
THR N   CA   sing N N 294 
THR N   H    sing N N 295 
THR N   H2   sing N N 296 
THR CA  C    sing N N 297 
THR CA  CB   sing N N 298 
THR CA  HA   sing N N 299 
THR C   O    doub N N 300 
THR C   OXT  sing N N 301 
THR CB  OG1  sing N N 302 
THR CB  CG2  sing N N 303 
THR CB  HB   sing N N 304 
THR OG1 HG1  sing N N 305 
THR CG2 HG21 sing N N 306 
THR CG2 HG22 sing N N 307 
THR CG2 HG23 sing N N 308 
THR OXT HXT  sing N N 309 
TYR N   CA   sing N N 310 
TYR N   H    sing N N 311 
TYR N   H2   sing N N 312 
TYR CA  C    sing N N 313 
TYR CA  CB   sing N N 314 
TYR CA  HA   sing N N 315 
TYR C   O    doub N N 316 
TYR C   OXT  sing N N 317 
TYR CB  CG   sing N N 318 
TYR CB  HB2  sing N N 319 
TYR CB  HB3  sing N N 320 
TYR CG  CD1  doub Y N 321 
TYR CG  CD2  sing Y N 322 
TYR CD1 CE1  sing Y N 323 
TYR CD1 HD1  sing N N 324 
TYR CD2 CE2  doub Y N 325 
TYR CD2 HD2  sing N N 326 
TYR CE1 CZ   doub Y N 327 
TYR CE1 HE1  sing N N 328 
TYR CE2 CZ   sing Y N 329 
TYR CE2 HE2  sing N N 330 
TYR CZ  OH   sing N N 331 
TYR OH  HH   sing N N 332 
TYR OXT HXT  sing N N 333 
VAL N   CA   sing N N 334 
VAL N   H    sing N N 335 
VAL N   H2   sing N N 336 
VAL CA  C    sing N N 337 
VAL CA  CB   sing N N 338 
VAL CA  HA   sing N N 339 
VAL C   O    doub N N 340 
VAL C   OXT  sing N N 341 
VAL CB  CG1  sing N N 342 
VAL CB  CG2  sing N N 343 
VAL CB  HB   sing N N 344 
VAL CG1 HG11 sing N N 345 
VAL CG1 HG12 sing N N 346 
VAL CG1 HG13 sing N N 347 
VAL CG2 HG21 sing N N 348 
VAL CG2 HG22 sing N N 349 
VAL CG2 HG23 sing N N 350 
VAL OXT HXT  sing N N 351 
# 
_atom_sites.entry_id                    4SRN 
_atom_sites.fract_transf_matrix[1][1]   0.00619487 
_atom_sites.fract_transf_matrix[1][2]   -0.01579671 
_atom_sites.fract_transf_matrix[1][3]   0.00550524 
_atom_sites.fract_transf_matrix[2][1]   0.01586643 
_atom_sites.fract_transf_matrix[2][2]   -0.00583486 
_atom_sites.fract_transf_matrix[2][3]   -0.00569567 
_atom_sites.fract_transf_matrix[3][1]   0.00682435 
_atom_sites.fract_transf_matrix[3][2]   0.00685438 
_atom_sites.fract_transf_matrix[3][3]   0.01198870 
_atom_sites.fract_transf_vector[1]      0.489785 
_atom_sites.fract_transf_vector[2]      0.329622 
_atom_sites.fract_transf_vector[3]      0.407397 
# 
_atom_sites_footnote.id     1 
_atom_sites_footnote.text   'CIS PROLINE - PRO A    93' 
# 
loop_
_atom_type.symbol 
C 
N 
O 
S 
# 
loop_
_atom_site.group_PDB 
_atom_site.id 
_atom_site.type_symbol 
_atom_site.label_atom_id 
_atom_site.label_alt_id 
_atom_site.label_comp_id 
_atom_site.label_asym_id 
_atom_site.label_entity_id 
_atom_site.label_seq_id 
_atom_site.pdbx_PDB_ins_code 
_atom_site.Cartn_x 
_atom_site.Cartn_y 
_atom_site.Cartn_z 
_atom_site.occupancy 
_atom_site.B_iso_or_equiv 
_atom_site.pdbx_formal_charge 
_atom_site.auth_seq_id 
_atom_site.auth_comp_id 
_atom_site.auth_asym_id 
_atom_site.auth_atom_id 
_atom_site.pdbx_PDB_model_num 
ATOM   1    N N   . LYS A 1 1   ? -19.182 -1.085  4.486   1.00 35.69 ? 1   LYS A N   1 
ATOM   2    C CA  . LYS A 1 1   ? -19.102 -0.245  3.285   1.00 36.16 ? 1   LYS A CA  1 
ATOM   3    C C   . LYS A 1 1   ? -18.122 0.885   3.537   1.00 34.14 ? 1   LYS A C   1 
ATOM   4    O O   . LYS A 1 1   ? -18.377 2.078   3.521   1.00 33.18 ? 1   LYS A O   1 
ATOM   5    C CB  . LYS A 1 1   ? -20.458 0.366   2.891   1.00 37.93 ? 1   LYS A CB  1 
ATOM   6    C CG  . LYS A 1 1   ? -20.902 0.058   1.490   1.00 41.62 ? 1   LYS A CG  1 
ATOM   7    C CD  . LYS A 1 1   ? -22.333 0.570   1.327   1.00 45.93 ? 1   LYS A CD  1 
ATOM   8    C CE  . LYS A 1 1   ? -22.768 0.671   -0.158  1.00 48.98 ? 1   LYS A CE  1 
ATOM   9    N NZ  . LYS A 1 1   ? -22.064 1.738   -0.885  1.00 49.69 ? 1   LYS A NZ  1 
ATOM   10   N N   . GLU A 1 2   ? -17.298 1.717   3.486   1.00 25.09 ? 2   GLU A N   1 
ATOM   11   C CA  . GLU A 1 2   ? -15.993 1.184   3.722   1.00 21.86 ? 2   GLU A CA  1 
ATOM   12   C C   . GLU A 1 2   ? -15.370 1.845   4.937   1.00 19.48 ? 2   GLU A C   1 
ATOM   13   O O   . GLU A 1 2   ? -15.285 3.059   4.917   1.00 22.06 ? 2   GLU A O   1 
ATOM   14   C CB  . GLU A 1 2   ? -15.054 1.231   2.540   1.00 20.38 ? 2   GLU A CB  1 
ATOM   15   C CG  . GLU A 1 2   ? -14.162 0.050   2.341   1.00 21.38 ? 2   GLU A CG  1 
ATOM   16   C CD  . GLU A 1 2   ? -13.354 -0.088  1.105   1.00 21.99 ? 2   GLU A CD  1 
ATOM   17   O OE1 . GLU A 1 2   ? -13.027 0.797   0.346   1.00 22.15 ? 2   GLU A OE1 1 
ATOM   18   O OE2 . GLU A 1 2   ? -13.071 -1.287  0.942   1.00 22.84 ? 2   GLU A OE2 1 
ATOM   19   N N   . THR A 1 3   ? -14.999 1.121   5.934   1.00 17.67 ? 3   THR A N   1 
ATOM   20   C CA  . THR A 1 3   ? -14.323 1.682   7.116   1.00 16.14 ? 3   THR A CA  1 
ATOM   21   C C   . THR A 1 3   ? -12.911 2.035   6.599   1.00 15.23 ? 3   THR A C   1 
ATOM   22   O O   . THR A 1 3   ? -12.461 1.513   5.562   1.00 13.24 ? 3   THR A O   1 
ATOM   23   C CB  . THR A 1 3   ? -14.343 0.717   8.340   1.00 16.75 ? 3   THR A CB  1 
ATOM   24   O OG1 . THR A 1 3   ? -13.551 -0.455  7.986   1.00 15.81 ? 3   THR A OG1 1 
ATOM   25   C CG2 . THR A 1 3   ? -15.748 0.280   8.775   1.00 16.32 ? 3   THR A CG2 1 
ATOM   26   N N   . ALA A 1 4   ? -12.257 2.947   7.284   1.00 15.12 ? 4   ALA A N   1 
ATOM   27   C CA  . ALA A 1 4   ? -10.909 3.407   6.931   1.00 15.13 ? 4   ALA A CA  1 
ATOM   28   C C   . ALA A 1 4   ? -10.013 2.145   7.012   1.00 14.08 ? 4   ALA A C   1 
ATOM   29   O O   . ALA A 1 4   ? -9.279  1.932   6.042   1.00 14.85 ? 4   ALA A O   1 
ATOM   30   C CB  . ALA A 1 4   ? -10.394 4.496   7.859   1.00 14.63 ? 4   ALA A CB  1 
ATOM   31   N N   . ALA A 1 5   ? -10.110 1.392   8.059   1.00 13.43 ? 5   ALA A N   1 
ATOM   32   C CA  . ALA A 1 5   ? -9.328  0.166   8.235   1.00 12.92 ? 5   ALA A CA  1 
ATOM   33   C C   . ALA A 1 5   ? -9.505  -0.840  7.134   1.00 13.57 ? 5   ALA A C   1 
ATOM   34   O O   . ALA A 1 5   ? -8.396  -1.284  6.689   1.00 13.07 ? 5   ALA A O   1 
ATOM   35   C CB  . ALA A 1 5   ? -9.512  -0.431  9.611   1.00 14.23 ? 5   ALA A CB  1 
ATOM   36   N N   . ALA A 1 6   ? -10.665 -1.220  6.662   1.00 12.80 ? 6   ALA A N   1 
ATOM   37   C CA  . ALA A 1 6   ? -10.911 -2.169  5.592   1.00 11.45 ? 6   ALA A CA  1 
ATOM   38   C C   . ALA A 1 6   ? -10.429 -1.608  4.229   1.00 12.32 ? 6   ALA A C   1 
ATOM   39   O O   . ALA A 1 6   ? -10.001 -2.372  3.335   1.00 9.86  ? 6   ALA A O   1 
ATOM   40   C CB  . ALA A 1 6   ? -12.371 -2.571  5.401   1.00 9.13  ? 6   ALA A CB  1 
ATOM   41   N N   . LYS A 1 7   ? -10.529 -0.286  4.139   1.00 11.46 ? 7   LYS A N   1 
ATOM   42   C CA  . LYS A 1 7   ? -10.095 0.375   2.901   1.00 13.71 ? 7   LYS A CA  1 
ATOM   43   C C   . LYS A 1 7   ? -8.543  0.221   2.739   1.00 11.78 ? 7   LYS A C   1 
ATOM   44   O O   . LYS A 1 7   ? -8.088  -0.100  1.653   1.00 9.57  ? 7   LYS A O   1 
ATOM   45   C CB  . LYS A 1 7   ? -10.500 1.841   2.721   1.00 14.55 ? 7   LYS A CB  1 
ATOM   46   C CG  . LYS A 1 7   ? -10.154 2.283   1.294   1.00 17.86 ? 7   LYS A CG  1 
ATOM   47   C CD  . LYS A 1 7   ? -10.023 3.769   1.142   1.00 21.74 ? 7   LYS A CD  1 
ATOM   48   C CE  . LYS A 1 7   ? -11.219 4.361   0.483   1.00 25.01 ? 7   LYS A CE  1 
ATOM   49   N NZ  . LYS A 1 7   ? -12.418 3.547   0.995   1.00 27.98 ? 7   LYS A NZ  1 
ATOM   50   N N   . PHE A 1 8   ? -7.798  0.420   3.802   1.00 10.31 ? 8   PHE A N   1 
ATOM   51   C CA  . PHE A 1 8   ? -6.349  0.234   3.777   1.00 11.99 ? 8   PHE A CA  1 
ATOM   52   C C   . PHE A 1 8   ? -6.020  -1.202  3.406   1.00 12.56 ? 8   PHE A C   1 
ATOM   53   O O   . PHE A 1 8   ? -5.080  -1.566  2.653   1.00 11.53 ? 8   PHE A O   1 
ATOM   54   C CB  . PHE A 1 8   ? -5.700  0.676   5.115   1.00 11.28 ? 8   PHE A CB  1 
ATOM   55   C CG  . PHE A 1 8   ? -4.230  0.415   5.193   1.00 12.74 ? 8   PHE A CG  1 
ATOM   56   C CD1 . PHE A 1 8   ? -3.793  -0.916  5.519   1.00 12.89 ? 8   PHE A CD1 1 
ATOM   57   C CD2 . PHE A 1 8   ? -3.286  1.390   4.977   1.00 11.02 ? 8   PHE A CD2 1 
ATOM   58   C CE1 . PHE A 1 8   ? -2.424  -1.188  5.593   1.00 12.07 ? 8   PHE A CE1 1 
ATOM   59   C CE2 . PHE A 1 8   ? -1.941  1.100   5.064   1.00 10.91 ? 8   PHE A CE2 1 
ATOM   60   C CZ  . PHE A 1 8   ? -1.495  -0.175  5.394   1.00 10.25 ? 8   PHE A CZ  1 
ATOM   61   N N   . GLU A 1 9   ? -6.768  -2.139  3.999   1.00 12.15 ? 9   GLU A N   1 
ATOM   62   C CA  . GLU A 1 9   ? -6.547  -3.563  3.723   1.00 14.15 ? 9   GLU A CA  1 
ATOM   63   C C   . GLU A 1 9   ? -6.783  -3.871  2.244   1.00 13.39 ? 9   GLU A C   1 
ATOM   64   O O   . GLU A 1 9   ? -5.942  -4.595  1.635   1.00 13.59 ? 9   GLU A O   1 
ATOM   65   C CB  . GLU A 1 9   ? -7.422  -4.495  4.592   1.00 12.58 ? 9   GLU A CB  1 
ATOM   66   C CG  . GLU A 1 9   ? -7.193  -4.336  6.106   1.00 13.16 ? 9   GLU A CG  1 
ATOM   67   C CD  . GLU A 1 9   ? -8.146  -5.054  7.040   1.00 14.14 ? 9   GLU A CD  1 
ATOM   68   O OE1 . GLU A 1 9   ? -9.223  -5.323  6.490   1.00 13.06 ? 9   GLU A OE1 1 
ATOM   69   O OE2 . GLU A 1 9   ? -7.898  -5.329  8.212   1.00 13.41 ? 9   GLU A OE2 1 
ATOM   70   N N   . ARG A 1 10  ? -7.828  -3.384  1.639   1.00 11.55 ? 10  ARG A N   1 
ATOM   71   C CA  . ARG A 1 10  ? -8.159  -3.619  0.222   1.00 12.67 ? 10  ARG A CA  1 
ATOM   72   C C   . ARG A 1 10  ? -7.147  -3.003  -0.717  1.00 12.85 ? 10  ARG A C   1 
ATOM   73   O O   . ARG A 1 10  ? -6.718  -3.638  -1.711  1.00 11.77 ? 10  ARG A O   1 
ATOM   74   C CB  . ARG A 1 10  ? -9.580  -3.131  -0.162  1.00 11.14 ? 10  ARG A CB  1 
ATOM   75   C CG  . ARG A 1 10  ? -9.988  -3.389  -1.605  1.00 10.47 ? 10  ARG A CG  1 
ATOM   76   C CD  . ARG A 1 10  ? -11.365 -2.932  -1.921  1.00 11.90 ? 10  ARG A CD  1 
ATOM   77   N NE  . ARG A 1 10  ? -11.729 -1.597  -1.403  1.00 12.22 ? 10  ARG A NE  1 
ATOM   78   C CZ  . ARG A 1 10  ? -11.500 -0.490  -2.091  1.00 13.83 ? 10  ARG A CZ  1 
ATOM   79   N NH1 . ARG A 1 10  ? -10.930 -0.657  -3.272  1.00 13.00 ? 10  ARG A NH1 1 
ATOM   80   N NH2 . ARG A 1 10  ? -11.789 0.758   -1.697  1.00 13.92 ? 10  ARG A NH2 1 
ATOM   81   N N   . GLN A 1 11  ? -6.705  -1.777  -0.442  1.00 11.05 ? 11  GLN A N   1 
ATOM   82   C CA  . GLN A 1 11  ? -5.784  -1.090  -1.275  1.00 13.00 ? 11  GLN A CA  1 
ATOM   83   C C   . GLN A 1 11  ? -4.312  -1.519  -1.120  1.00 12.32 ? 11  GLN A C   1 
ATOM   84   O O   . GLN A 1 11  ? -3.733  -1.483  -2.171  1.00 12.04 ? 11  GLN A O   1 
ATOM   85   C CB  . GLN A 1 11  ? -5.832  0.462   -1.102  1.00 13.37 ? 11  GLN A CB  1 
ATOM   86   C CG  . GLN A 1 11  ? -7.254  1.008   -1.440  1.00 13.65 ? 11  GLN A CG  1 
ATOM   87   C CD  . GLN A 1 11  ? -7.019  2.529   -1.406  1.00 15.45 ? 11  GLN A CD  1 
ATOM   88   O OE1 . GLN A 1 11  ? -7.025  3.115   -2.471  1.00 19.23 ? 11  GLN A OE1 1 
ATOM   89   N NE2 . GLN A 1 11  ? -6.725  3.088   -0.305  1.00 15.65 ? 11  GLN A NE2 1 
ATOM   90   N N   . HIS A 1 12  ? -3.838  -1.904  0.024   1.00 11.00 ? 12  HIS A N   1 
ATOM   91   C CA  . HIS A 1 12  ? -2.449  -2.257  0.202   1.00 13.29 ? 12  HIS A CA  1 
ATOM   92   C C   . HIS A 1 12  ? -2.022  -3.586  0.696   1.00 14.20 ? 12  HIS A C   1 
ATOM   93   O O   . HIS A 1 12  ? -0.810  -3.809  0.767   1.00 13.12 ? 12  HIS A O   1 
ATOM   94   C CB  . HIS A 1 12  ? -1.862  -1.206  1.269   1.00 10.92 ? 12  HIS A CB  1 
ATOM   95   C CG  . HIS A 1 12  ? -2.263  0.183   0.857   1.00 11.06 ? 12  HIS A CG  1 
ATOM   96   N ND1 . HIS A 1 12  ? -1.720  0.797   -0.248  1.00 9.65  ? 12  HIS A ND1 1 
ATOM   97   C CD2 . HIS A 1 12  ? -3.110  1.097   1.412   1.00 9.92  ? 12  HIS A CD2 1 
ATOM   98   C CE1 . HIS A 1 12  ? -2.224  2.011   -0.351  1.00 10.13 ? 12  HIS A CE1 1 
ATOM   99   N NE2 . HIS A 1 12  ? -3.037  2.218   0.643   1.00 10.98 ? 12  HIS A NE2 1 
ATOM   100  N N   . MET A 1 13  ? -2.933  -4.494  1.116   1.00 13.39 ? 13  MET A N   1 
ATOM   101  C CA  . MET A 1 13  ? -2.472  -5.779  1.623   1.00 12.73 ? 13  MET A CA  1 
ATOM   102  C C   . MET A 1 13  ? -2.486  -6.890  0.571   1.00 13.39 ? 13  MET A C   1 
ATOM   103  O O   . MET A 1 13  ? -3.528  -7.099  -0.037  1.00 13.80 ? 13  MET A O   1 
ATOM   104  C CB  . MET A 1 13  ? -3.319  -6.191  2.845   1.00 12.92 ? 13  MET A CB  1 
ATOM   105  C CG  . MET A 1 13  ? -3.187  -5.393  4.085   1.00 12.96 ? 13  MET A CG  1 
ATOM   106  S SD  . MET A 1 13  ? -1.480  -5.302  4.665   1.00 14.55 ? 13  MET A SD  1 
ATOM   107  C CE  . MET A 1 13  ? -1.082  -6.976  5.020   1.00 15.87 ? 13  MET A CE  1 
ATOM   108  N N   . ASP A 1 14  ? -1.399  -7.596  0.404   1.00 14.28 ? 14  ASP A N   1 
ATOM   109  C CA  . ASP A 1 14  ? -1.223  -8.756  -0.471  1.00 16.19 ? 14  ASP A CA  1 
ATOM   110  C C   . ASP A 1 14  ? -0.290  -9.771  0.208   1.00 17.89 ? 14  ASP A C   1 
ATOM   111  O O   . ASP A 1 14  ? 0.925   -9.956  -0.049  1.00 17.66 ? 14  ASP A O   1 
ATOM   112  C CB  . ASP A 1 14  ? -0.781  -8.494  -1.907  1.00 16.96 ? 14  ASP A CB  1 
ATOM   113  C CG  . ASP A 1 14  ? -0.938  -9.875  -2.598  1.00 17.89 ? 14  ASP A CG  1 
ATOM   114  O OD1 . ASP A 1 14  ? -1.475  -10.862 -2.050  1.00 15.88 ? 14  ASP A OD1 1 
ATOM   115  O OD2 . ASP A 1 14  ? -0.439  -9.863  -3.716  1.00 19.00 ? 14  ASP A OD2 1 
ATOM   116  N N   . SER A 1 15  ? -0.865  -10.474 1.189   1.00 19.27 ? 15  SER A N   1 
ATOM   117  C CA  . SER A 1 15  ? -0.125  -11.460 1.989   1.00 18.56 ? 15  SER A CA  1 
ATOM   118  C C   . SER A 1 15  ? -0.031  -12.793 1.277   1.00 20.64 ? 15  SER A C   1 
ATOM   119  O O   . SER A 1 15  ? 0.622   -13.679 1.873   1.00 21.08 ? 15  SER A O   1 
ATOM   120  C CB  . SER A 1 15  ? -0.842  -11.683 3.332   1.00 17.10 ? 15  SER A CB  1 
ATOM   121  O OG  . SER A 1 15  ? -0.981  -10.559 4.102   1.00 16.35 ? 15  SER A OG  1 
ATOM   122  N N   . SER A 1 16  ? -0.693  -12.944 0.141   1.00 20.64 ? 16  SER A N   1 
ATOM   123  C CA  . SER A 1 16  ? -0.646  -14.236 -0.519  1.00 23.72 ? 16  SER A CA  1 
ATOM   124  C C   . SER A 1 16  ? 0.565   -14.433 -1.409  1.00 23.51 ? 16  SER A C   1 
ATOM   125  O O   . SER A 1 16  ? 0.620   -15.486 -2.040  1.00 23.19 ? 16  SER A O   1 
ATOM   126  C CB  . SER A 1 16  ? -1.945  -14.545 -1.269  1.00 25.07 ? 16  SER A CB  1 
ATOM   127  O OG  . SER A 1 16  ? -1.991  -13.817 -2.496  1.00 27.32 ? 16  SER A OG  1 
ATOM   128  N N   . THR A 1 17  ? 1.441   -13.468 -1.481  1.00 23.81 ? 17  THR A N   1 
ATOM   129  C CA  . THR A 1 17  ? 2.654   -13.570 -2.333  1.00 22.74 ? 17  THR A CA  1 
ATOM   130  C C   . THR A 1 17  ? 3.782   -12.957 -1.526  1.00 21.24 ? 17  THR A C   1 
ATOM   131  O O   . THR A 1 17  ? 3.516   -12.023 -0.726  1.00 23.01 ? 17  THR A O   1 
ATOM   132  C CB  . THR A 1 17  ? 2.508   -13.071 -3.811  1.00 22.67 ? 17  THR A CB  1 
ATOM   133  O OG1 . THR A 1 17  ? 2.127   -11.679 -3.939  1.00 22.70 ? 17  THR A OG1 1 
ATOM   134  C CG2 . THR A 1 17  ? 1.462   -13.849 -4.652  1.00 22.25 ? 17  THR A CG2 1 
ATOM   135  N N   . SER A 1 18  ? 4.965   -13.463 -1.686  1.00 20.25 ? 18  SER A N   1 
ATOM   136  C CA  . SER A 1 18  ? 6.148   -12.948 -0.978  1.00 21.98 ? 18  SER A CA  1 
ATOM   137  C C   . SER A 1 18  ? 6.664   -11.751 -1.782  1.00 20.42 ? 18  SER A C   1 
ATOM   138  O O   . SER A 1 18  ? 7.293   -10.854 -1.210  1.00 20.59 ? 18  SER A O   1 
ATOM   139  C CB  . SER A 1 18  ? 7.149   -14.041 -0.651  1.00 23.35 ? 18  SER A CB  1 
ATOM   140  O OG  . SER A 1 18  ? 7.727   -14.621 -1.837  1.00 27.49 ? 18  SER A OG  1 
ATOM   141  N N   . ALA A 1 19  ? 6.377   -11.718 -3.083  1.00 19.85 ? 19  ALA A N   1 
ATOM   142  C CA  . ALA A 1 19  ? 6.819   -10.587 -3.929  1.00 21.26 ? 19  ALA A CA  1 
ATOM   143  C C   . ALA A 1 19  ? 6.153   -10.576 -5.286  1.00 22.18 ? 19  ALA A C   1 
ATOM   144  O O   . ALA A 1 19  ? 5.521   -11.551 -5.691  1.00 23.83 ? 19  ALA A O   1 
ATOM   145  C CB  . ALA A 1 19  ? 8.351   -10.573 -4.024  1.00 19.05 ? 19  ALA A CB  1 
ATOM   146  N N   . ALA A 1 20  ? 6.247   -9.457  -5.985  1.00 24.42 ? 20  ALA A N   1 
ATOM   147  C CA  . ALA A 1 20  ? 5.666   -9.360  -7.348  1.00 26.92 ? 20  ALA A CA  1 
ATOM   148  C C   . ALA A 1 20  ? 6.462   -10.456 -8.116  1.00 29.43 ? 20  ALA A C   1 
ATOM   149  O O   . ALA A 1 20  ? 7.694   -10.656 -7.987  1.00 29.64 ? 20  ALA A O   1 
ATOM   150  C CB  . ALA A 1 20  ? 5.808   -8.060  -8.077  1.00 24.83 ? 20  ALA A CB  1 
ATOM   151  N N   . SER A 1 21  ? 5.660   -11.145 -8.883  1.00 33.14 ? 21  SER A N   1 
ATOM   152  C CA  . SER A 1 21  ? 6.183   -12.272 -9.725  1.00 34.63 ? 21  SER A CA  1 
ATOM   153  C C   . SER A 1 21  ? 6.522   -11.859 -11.121 1.00 33.45 ? 21  SER A C   1 
ATOM   154  O O   . SER A 1 21  ? 7.419   -12.442 -11.757 1.00 34.94 ? 21  SER A O   1 
ATOM   155  C CB  . SER A 1 21  ? 4.963   -13.272 -9.736  1.00 36.51 ? 21  SER A CB  1 
ATOM   156  O OG  . SER A 1 21  ? 3.805   -12.292 -9.704  1.00 37.83 ? 21  SER A OG  1 
ATOM   157  N N   . SER A 1 22  ? 5.808   -10.888 -11.681 1.00 30.17 ? 22  SER A N   1 
ATOM   158  C CA  . SER A 1 22  ? 6.100   -10.490 -13.078 1.00 27.86 ? 22  SER A CA  1 
ATOM   159  C C   . SER A 1 22  ? 5.701   -9.045  -13.298 1.00 26.55 ? 22  SER A C   1 
ATOM   160  O O   . SER A 1 22  ? 5.142   -8.470  -12.363 1.00 26.16 ? 22  SER A O   1 
ATOM   161  C CB  . SER A 1 22  ? 5.261   -11.367 -13.986 1.00 26.95 ? 22  SER A CB  1 
ATOM   162  O OG  . SER A 1 22  ? 3.934   -10.843 -13.840 1.00 26.64 ? 22  SER A OG  1 
ATOM   163  N N   . SER A 1 23  ? 5.973   -8.529  -14.476 1.00 24.85 ? 23  SER A N   1 
ATOM   164  C CA  . SER A 1 23  ? 5.666   -7.149  -14.819 1.00 23.42 ? 23  SER A CA  1 
ATOM   165  C C   . SER A 1 23  ? 4.174   -6.913  -14.883 1.00 21.30 ? 23  SER A C   1 
ATOM   166  O O   . SER A 1 23  ? 3.796   -5.738  -14.849 1.00 22.00 ? 23  SER A O   1 
ATOM   167  C CB  . SER A 1 23  ? 6.273   -6.806  -16.189 1.00 24.82 ? 23  SER A CB  1 
ATOM   168  O OG  . SER A 1 23  ? 5.993   -8.001  -16.957 1.00 27.14 ? 23  SER A OG  1 
ATOM   169  N N   . ASN A 1 24  ? 3.422   -7.989  -14.948 1.00 20.79 ? 24  ASN A N   1 
ATOM   170  C CA  . ASN A 1 24  ? 1.972   -7.869  -15.034 1.00 21.37 ? 24  ASN A CA  1 
ATOM   171  C C   . ASN A 1 24  ? 1.246   -7.879  -13.697 1.00 18.97 ? 24  ASN A C   1 
ATOM   172  O O   . ASN A 1 24  ? -0.014  -7.750  -13.761 1.00 19.28 ? 24  ASN A O   1 
ATOM   173  C CB  . ASN A 1 24  ? 1.437   -8.952  -15.981 1.00 26.17 ? 24  ASN A CB  1 
ATOM   174  C CG  . ASN A 1 24  ? 0.491   -8.280  -16.975 1.00 29.67 ? 24  ASN A CG  1 
ATOM   175  O OD1 . ASN A 1 24  ? -0.732  -8.328  -16.792 1.00 31.21 ? 24  ASN A OD1 1 
ATOM   176  N ND2 . ASN A 1 24  ? 1.111   -7.693  -18.003 1.00 31.92 ? 24  ASN A ND2 1 
ATOM   177  N N   . TYR A 1 25  ? 1.906   -8.004  -12.600 1.00 16.12 ? 25  TYR A N   1 
ATOM   178  C CA  . TYR A 1 25  ? 1.387   -8.037  -11.259 1.00 15.99 ? 25  TYR A CA  1 
ATOM   179  C C   . TYR A 1 25  ? 0.505   -6.800  -10.932 1.00 16.79 ? 25  TYR A C   1 
ATOM   180  O O   . TYR A 1 25  ? -0.594  -7.005  -10.472 1.00 17.28 ? 25  TYR A O   1 
ATOM   181  C CB  . TYR A 1 25  ? 2.471   -8.067  -10.187 1.00 15.17 ? 25  TYR A CB  1 
ATOM   182  C CG  . TYR A 1 25  ? 1.951   -7.923  -8.754  1.00 15.17 ? 25  TYR A CG  1 
ATOM   183  C CD1 . TYR A 1 25  ? 1.532   -9.081  -8.068  1.00 15.77 ? 25  TYR A CD1 1 
ATOM   184  C CD2 . TYR A 1 25  ? 1.883   -6.719  -8.105  1.00 14.59 ? 25  TYR A CD2 1 
ATOM   185  C CE1 . TYR A 1 25  ? 1.106   -8.998  -6.742  1.00 14.07 ? 25  TYR A CE1 1 
ATOM   186  C CE2 . TYR A 1 25  ? 1.451   -6.609  -6.779  1.00 15.20 ? 25  TYR A CE2 1 
ATOM   187  C CZ  . TYR A 1 25  ? 1.078   -7.767  -6.105  1.00 15.25 ? 25  TYR A CZ  1 
ATOM   188  O OH  . TYR A 1 25  ? 0.643   -7.657  -4.813  1.00 15.26 ? 25  TYR A OH  1 
ATOM   189  N N   . CYS A 1 26  ? 0.993   -5.602  -11.141 1.00 15.65 ? 26  CYS A N   1 
ATOM   190  C CA  . CYS A 1 26  ? 0.249   -4.365  -10.873 1.00 17.01 ? 26  CYS A CA  1 
ATOM   191  C C   . CYS A 1 26  ? -1.041  -4.232  -11.682 1.00 16.83 ? 26  CYS A C   1 
ATOM   192  O O   . CYS A 1 26  ? -2.044  -3.693  -11.158 1.00 17.78 ? 26  CYS A O   1 
ATOM   193  C CB  . CYS A 1 26  ? 1.120   -3.104  -11.048 1.00 12.65 ? 26  CYS A CB  1 
ATOM   194  S SG  . CYS A 1 26  ? 2.232   -2.878  -9.646  1.00 14.12 ? 26  CYS A SG  1 
ATOM   195  N N   . ASN A 1 27  ? -1.017  -4.686  -12.900 1.00 17.43 ? 27  ASN A N   1 
ATOM   196  C CA  . ASN A 1 27  ? -2.155  -4.636  -13.831 1.00 16.71 ? 27  ASN A CA  1 
ATOM   197  C C   . ASN A 1 27  ? -3.258  -5.557  -13.311 1.00 15.97 ? 27  ASN A C   1 
ATOM   198  O O   . ASN A 1 27  ? -4.398  -5.110  -13.323 1.00 15.23 ? 27  ASN A O   1 
ATOM   199  C CB  . ASN A 1 27  ? -1.697  -4.957  -15.224 1.00 17.90 ? 27  ASN A CB  1 
ATOM   200  C CG  . ASN A 1 27  ? -1.004  -3.861  -15.990 1.00 18.56 ? 27  ASN A CG  1 
ATOM   201  O OD1 . ASN A 1 27  ? -0.275  -4.255  -16.962 1.00 21.08 ? 27  ASN A OD1 1 
ATOM   202  N ND2 . ASN A 1 27  ? -1.103  -2.593  -15.765 1.00 17.73 ? 27  ASN A ND2 1 
ATOM   203  N N   . GLN A 1 28  ? -2.921  -6.752  -12.885 1.00 15.81 ? 28  GLN A N   1 
ATOM   204  C CA  . GLN A 1 28  ? -3.916  -7.671  -12.354 1.00 19.72 ? 28  GLN A CA  1 
ATOM   205  C C   . GLN A 1 28  ? -4.455  -7.244  -11.001 1.00 18.27 ? 28  GLN A C   1 
ATOM   206  O O   . GLN A 1 28  ? -5.649  -7.292  -10.763 1.00 18.40 ? 28  GLN A O   1 
ATOM   207  C CB  . GLN A 1 28  ? -3.279  -9.106  -12.281 1.00 23.87 ? 28  GLN A CB  1 
ATOM   208  C CG  . GLN A 1 28  ? -2.492  -9.235  -13.609 1.00 31.43 ? 28  GLN A CG  1 
ATOM   209  C CD  . GLN A 1 28  ? -1.791  -10.563 -13.763 1.00 34.98 ? 28  GLN A CD  1 
ATOM   210  O OE1 . GLN A 1 28  ? -2.051  -11.479 -12.979 1.00 36.74 ? 28  GLN A OE1 1 
ATOM   211  N NE2 . GLN A 1 28  ? -0.894  -10.649 -14.785 1.00 36.06 ? 28  GLN A NE2 1 
ATOM   212  N N   . MET A 1 29  ? -3.560  -6.846  -10.093 1.00 17.95 ? 29  MET A N   1 
ATOM   213  C CA  . MET A 1 29  ? -3.902  -6.438  -8.760  1.00 18.28 ? 29  MET A CA  1 
ATOM   214  C C   . MET A 1 29  ? -4.663  -5.139  -8.647  1.00 17.64 ? 29  MET A C   1 
ATOM   215  O O   . MET A 1 29  ? -5.553  -5.065  -7.776  1.00 16.42 ? 29  MET A O   1 
ATOM   216  C CB  . MET A 1 29  ? -2.620  -6.391  -7.876  1.00 18.67 ? 29  MET A CB  1 
ATOM   217  C CG  . MET A 1 29  ? -2.074  -7.717  -7.603  1.00 20.36 ? 29  MET A CG  1 
ATOM   218  S SD  . MET A 1 29  ? -3.157  -8.757  -6.566  1.00 21.34 ? 29  MET A SD  1 
ATOM   219  C CE  . MET A 1 29  ? -3.284  -7.868  -5.088  1.00 19.53 ? 29  MET A CE  1 
ATOM   220  N N   . MET A 1 30  ? -4.273  -4.122  -9.411  1.00 17.46 ? 30  MET A N   1 
ATOM   221  C CA  . MET A 1 30  ? -4.945  -2.804  -9.362  1.00 16.54 ? 30  MET A CA  1 
ATOM   222  C C   . MET A 1 30  ? -6.401  -3.020  -9.690  1.00 19.44 ? 30  MET A C   1 
ATOM   223  O O   . MET A 1 30  ? -7.369  -2.479  -9.132  1.00 20.19 ? 30  MET A O   1 
ATOM   224  C CB  . MET A 1 30  ? -4.350  -1.799  -10.322 1.00 17.22 ? 30  MET A CB  1 
ATOM   225  C CG  . MET A 1 30  ? -3.011  -1.293  -9.853  1.00 17.65 ? 30  MET A CG  1 
ATOM   226  S SD  . MET A 1 30  ? -3.103  -0.546  -8.209  1.00 13.62 ? 30  MET A SD  1 
ATOM   227  C CE  . MET A 1 30  ? -3.954  1.016   -8.533  1.00 15.44 ? 30  MET A CE  1 
ATOM   228  N N   . LYS A 1 31  ? -6.582  -3.911  -10.659 1.00 19.66 ? 31  LYS A N   1 
ATOM   229  C CA  . LYS A 1 31  ? -7.884  -4.305  -11.202 1.00 20.67 ? 31  LYS A CA  1 
ATOM   230  C C   . LYS A 1 31  ? -8.762  -5.129  -10.270 1.00 20.09 ? 31  LYS A C   1 
ATOM   231  O O   . LYS A 1 31  ? -9.900  -4.721  -10.049 1.00 19.18 ? 31  LYS A O   1 
ATOM   232  C CB  . LYS A 1 31  ? -7.495  -5.010  -12.467 1.00 21.36 ? 31  LYS A CB  1 
ATOM   233  C CG  . LYS A 1 31  ? -8.359  -5.766  -13.302 1.00 22.82 ? 31  LYS A CG  1 
ATOM   234  C CD  . LYS A 1 31  ? -9.838  -5.642  -13.145 1.00 24.96 ? 31  LYS A CD  1 
ATOM   235  C CE  . LYS A 1 31  ? -10.330 -7.085  -13.503 1.00 27.81 ? 31  LYS A CE  1 
ATOM   236  N NZ  . LYS A 1 31  ? -9.664  -7.996  -12.458 1.00 27.41 ? 31  LYS A NZ  1 
ATOM   237  N N   . SER A 1 32  ? -8.234  -6.210  -9.717  1.00 18.87 ? 32  SER A N   1 
ATOM   238  C CA  . SER A 1 32  ? -8.974  -7.087  -8.822  1.00 19.27 ? 32  SER A CA  1 
ATOM   239  C C   . SER A 1 32  ? -9.264  -6.478  -7.470  1.00 19.08 ? 32  SER A C   1 
ATOM   240  O O   . SER A 1 32  ? -10.203 -6.989  -6.792  1.00 20.30 ? 32  SER A O   1 
ATOM   241  C CB  . SER A 1 32  ? -8.389  -8.480  -8.701  1.00 18.91 ? 32  SER A CB  1 
ATOM   242  O OG  . SER A 1 32  ? -7.111  -8.544  -8.307  1.00 19.10 ? 32  SER A OG  1 
ATOM   243  N N   . ARG A 1 33  ? -8.560  -5.445  -7.117  1.00 18.09 ? 33  ARG A N   1 
ATOM   244  C CA  . ARG A 1 33  ? -8.721  -4.721  -5.872  1.00 16.69 ? 33  ARG A CA  1 
ATOM   245  C C   . ARG A 1 33  ? -9.669  -3.551  -6.106  1.00 17.63 ? 33  ARG A C   1 
ATOM   246  O O   . ARG A 1 33  ? -9.855  -2.740  -5.213  1.00 15.73 ? 33  ARG A O   1 
ATOM   247  C CB  . ARG A 1 33  ? -7.386  -4.223  -5.261  1.00 15.01 ? 33  ARG A CB  1 
ATOM   248  C CG  . ARG A 1 33  ? -6.572  -5.391  -4.714  1.00 12.56 ? 33  ARG A CG  1 
ATOM   249  C CD  . ARG A 1 33  ? -7.438  -6.218  -3.806  1.00 11.65 ? 33  ARG A CD  1 
ATOM   250  N NE  . ARG A 1 33  ? -6.687  -7.324  -3.243  1.00 12.11 ? 33  ARG A NE  1 
ATOM   251  C CZ  . ARG A 1 33  ? -5.917  -7.258  -2.162  1.00 11.33 ? 33  ARG A CZ  1 
ATOM   252  N NH1 . ARG A 1 33  ? -5.774  -6.258  -1.345  1.00 11.25 ? 33  ARG A NH1 1 
ATOM   253  N NH2 . ARG A 1 33  ? -5.107  -8.280  -1.914  1.00 10.65 ? 33  ARG A NH2 1 
ATOM   254  N N   . ASN A 1 34  ? -10.196 -3.511  -7.315  1.00 19.40 ? 34  ASN A N   1 
ATOM   255  C CA  . ASN A 1 34  ? -11.133 -2.528  -7.796  1.00 21.84 ? 34  ASN A CA  1 
ATOM   256  C C   . ASN A 1 34  ? -10.528 -1.140  -7.802  1.00 22.32 ? 34  ASN A C   1 
ATOM   257  O O   . ASN A 1 34  ? -11.318 -0.250  -7.428  1.00 22.61 ? 34  ASN A O   1 
ATOM   258  C CB  . ASN A 1 34  ? -12.440 -2.451  -6.934  1.00 24.50 ? 34  ASN A CB  1 
ATOM   259  C CG  . ASN A 1 34  ? -13.093 -3.827  -6.818  1.00 25.02 ? 34  ASN A CG  1 
ATOM   260  O OD1 . ASN A 1 34  ? -13.218 -4.500  -7.799  1.00 25.07 ? 34  ASN A OD1 1 
ATOM   261  N ND2 . ASN A 1 34  ? -13.473 -4.181  -5.588  1.00 26.88 ? 34  ASN A ND2 1 
ATOM   262  N N   . LEU A 1 35  ? -9.266  -1.039  -8.153  1.00 21.98 ? 35  LEU A N   1 
ATOM   263  C CA  . LEU A 1 35  ? -8.627  0.301   -8.170  1.00 23.15 ? 35  LEU A CA  1 
ATOM   264  C C   . LEU A 1 35  ? -8.676  0.971   -9.533  1.00 23.38 ? 35  LEU A C   1 
ATOM   265  O O   . LEU A 1 35  ? -8.198  2.081   -9.667  1.00 23.96 ? 35  LEU A O   1 
ATOM   266  C CB  . LEU A 1 35  ? -7.241  0.113   -7.540  1.00 22.49 ? 35  LEU A CB  1 
ATOM   267  C CG  . LEU A 1 35  ? -7.271  -0.422  -6.084  1.00 22.95 ? 35  LEU A CG  1 
ATOM   268  C CD1 . LEU A 1 35  ? -5.912  -0.828  -5.592  1.00 20.38 ? 35  LEU A CD1 1 
ATOM   269  C CD2 . LEU A 1 35  ? -7.812  0.748   -5.260  1.00 22.76 ? 35  LEU A CD2 1 
ATOM   270  N N   . THR A 1 36  ? -9.228  0.363   -10.527 1.00 24.35 ? 36  THR A N   1 
ATOM   271  C CA  . THR A 1 36  ? -9.380  0.830   -11.875 1.00 26.47 ? 36  THR A CA  1 
ATOM   272  C C   . THR A 1 36  ? -10.852 0.858   -12.320 1.00 30.57 ? 36  THR A C   1 
ATOM   273  O O   . THR A 1 36  ? -11.138 0.972   -13.528 1.00 33.22 ? 36  THR A O   1 
ATOM   274  C CB  . THR A 1 36  ? -8.511  -0.059  -12.819 1.00 23.73 ? 36  THR A CB  1 
ATOM   275  O OG1 . THR A 1 36  ? -9.252  -1.287  -12.886 1.00 25.47 ? 36  THR A OG1 1 
ATOM   276  C CG2 . THR A 1 36  ? -7.119  -0.396  -12.290 1.00 23.99 ? 36  THR A CG2 1 
ATOM   277  N N   . LYS A 1 37  ? -11.783 0.785   -11.407 1.00 33.10 ? 37  LYS A N   1 
ATOM   278  C CA  . LYS A 1 37  ? -13.212 0.786   -11.543 1.00 35.45 ? 37  LYS A CA  1 
ATOM   279  C C   . LYS A 1 37  ? -13.817 2.053   -12.129 1.00 37.38 ? 37  LYS A C   1 
ATOM   280  O O   . LYS A 1 37  ? -14.380 2.084   -13.271 1.00 38.37 ? 37  LYS A O   1 
ATOM   281  C CB  . LYS A 1 37  ? -13.866 0.583   -10.154 1.00 36.87 ? 37  LYS A CB  1 
ATOM   282  C CG  . LYS A 1 37  ? -15.125 -0.250  -10.198 1.00 38.66 ? 37  LYS A CG  1 
ATOM   283  C CD  . LYS A 1 37  ? -14.910 -1.656  -10.724 1.00 41.53 ? 37  LYS A CD  1 
ATOM   284  C CE  . LYS A 1 37  ? -13.735 -2.349  -10.005 1.00 44.00 ? 37  LYS A CE  1 
ATOM   285  N NZ  . LYS A 1 37  ? -12.466 -1.718  -10.564 1.00 44.16 ? 37  LYS A NZ  1 
ATOM   286  N N   . ASP A 1 38  ? -13.742 3.121   -11.364 1.00 38.84 ? 38  ASP A N   1 
ATOM   287  C CA  . ASP A 1 38  ? -14.320 4.397   -11.854 1.00 40.71 ? 38  ASP A CA  1 
ATOM   288  C C   . ASP A 1 38  ? -13.325 4.979   -12.845 1.00 40.65 ? 38  ASP A C   1 
ATOM   289  O O   . ASP A 1 38  ? -13.706 5.344   -13.946 1.00 42.93 ? 38  ASP A O   1 
ATOM   290  C CB  . ASP A 1 38  ? -14.699 5.336   -10.704 1.00 43.44 ? 38  ASP A CB  1 
ATOM   291  C CG  . ASP A 1 38  ? -15.826 6.281   -11.091 1.00 45.57 ? 38  ASP A CG  1 
ATOM   292  O OD1 . ASP A 1 38  ? -16.849 5.824   -11.667 1.00 46.59 ? 38  ASP A OD1 1 
ATOM   293  O OD2 . ASP A 1 38  ? -15.687 7.505   -10.807 1.00 46.69 ? 38  ASP A OD2 1 
ATOM   294  N N   . ARG A 1 39  ? -12.088 5.058   -12.438 1.00 39.57 ? 39  ARG A N   1 
ATOM   295  C CA  . ARG A 1 39  ? -10.938 5.578   -13.144 1.00 36.16 ? 39  ARG A CA  1 
ATOM   296  C C   . ARG A 1 39  ? -9.728  4.681   -12.916 1.00 34.69 ? 39  ARG A C   1 
ATOM   297  O O   . ARG A 1 39  ? -9.906  3.536   -12.454 1.00 35.60 ? 39  ARG A O   1 
ATOM   298  C CB  . ARG A 1 39  ? -10.591 6.979   -12.634 1.00 36.78 ? 39  ARG A CB  1 
ATOM   299  C CG  . ARG A 1 39  ? -10.656 7.115   -11.124 1.00 37.83 ? 39  ARG A CG  1 
ATOM   300  C CD  . ARG A 1 39  ? -11.222 8.447   -10.752 1.00 41.59 ? 39  ARG A CD  1 
ATOM   301  N NE  . ARG A 1 39  ? -12.674 8.548   -11.152 1.00 43.53 ? 39  ARG A NE  1 
ATOM   302  C CZ  . ARG A 1 39  ? -13.492 9.350   -10.415 1.00 42.61 ? 39  ARG A CZ  1 
ATOM   303  N NH1 . ARG A 1 39  ? -12.969 10.024  -9.384  1.00 43.95 ? 39  ARG A NH1 1 
ATOM   304  N NH2 . ARG A 1 39  ? -14.771 9.470   -10.720 1.00 42.42 ? 39  ARG A NH2 1 
ATOM   305  N N   . CYS A 1 40  ? -8.576  5.239   -13.248 1.00 31.12 ? 40  CYS A N   1 
ATOM   306  C CA  . CYS A 1 40  ? -7.284  4.559   -13.089 1.00 27.68 ? 40  CYS A CA  1 
ATOM   307  C C   . CYS A 1 40  ? -6.596  5.206   -11.867 1.00 25.56 ? 40  CYS A C   1 
ATOM   308  O O   . CYS A 1 40  ? -6.334  6.410   -12.001 1.00 25.38 ? 40  CYS A O   1 
ATOM   309  C CB  . CYS A 1 40  ? -6.363  4.677   -14.274 1.00 26.80 ? 40  CYS A CB  1 
ATOM   310  S SG  . CYS A 1 40  ? -6.777  3.871   -15.775 1.00 24.98 ? 40  CYS A SG  1 
ATOM   311  N N   . LYS A 1 41  ? -6.406  4.418   -10.826 1.00 22.95 ? 41  LYS A N   1 
ATOM   312  C CA  . LYS A 1 41  ? -5.714  5.059   -9.633  1.00 21.94 ? 41  LYS A CA  1 
ATOM   313  C C   . LYS A 1 41  ? -4.265  5.154   -10.128 1.00 20.50 ? 41  LYS A C   1 
ATOM   314  O O   . LYS A 1 41  ? -3.795  4.110   -10.633 1.00 19.71 ? 41  LYS A O   1 
ATOM   315  C CB  . LYS A 1 41  ? -5.853  4.248   -8.384  1.00 21.41 ? 41  LYS A CB  1 
ATOM   316  C CG  . LYS A 1 41  ? -5.394  5.018   -7.147  1.00 21.73 ? 41  LYS A CG  1 
ATOM   317  C CD  . LYS A 1 41  ? -5.517  4.170   -5.876  1.00 23.31 ? 41  LYS A CD  1 
ATOM   318  C CE  . LYS A 1 41  ? -5.250  5.065   -4.656  1.00 23.46 ? 41  LYS A CE  1 
ATOM   319  N NZ  . LYS A 1 41  ? -4.714  4.213   -3.528  1.00 25.43 ? 41  LYS A NZ  1 
ATOM   320  N N   . PRO A 1 42  ? -3.653  6.321   -10.027 1.00 18.57 ? 42  PRO A N   1 
ATOM   321  C CA  . PRO A 1 42  ? -2.331  6.584   -10.514 1.00 16.57 ? 42  PRO A CA  1 
ATOM   322  C C   . PRO A 1 42  ? -1.188  5.873   -9.839  1.00 17.55 ? 42  PRO A C   1 
ATOM   323  O O   . PRO A 1 42  ? -0.325  5.393   -10.600 1.00 17.57 ? 42  PRO A O   1 
ATOM   324  C CB  . PRO A 1 42  ? -2.138  8.090   -10.432 1.00 16.35 ? 42  PRO A CB  1 
ATOM   325  C CG  . PRO A 1 42  ? -3.320  8.676   -9.779  1.00 16.71 ? 42  PRO A CG  1 
ATOM   326  C CD  . PRO A 1 42  ? -4.265  7.549   -9.479  1.00 19.44 ? 42  PRO A CD  1 
ATOM   327  N N   . VAL A 1 43  ? -1.191  5.844   -8.522  1.00 15.87 ? 43  VAL A N   1 
ATOM   328  C CA  . VAL A 1 43  ? -0.160  5.211   -7.719  1.00 15.34 ? 43  VAL A CA  1 
ATOM   329  C C   . VAL A 1 43  ? -0.689  4.393   -6.559  1.00 14.86 ? 43  VAL A C   1 
ATOM   330  O O   . VAL A 1 43  ? -1.587  4.845   -5.809  1.00 15.26 ? 43  VAL A O   1 
ATOM   331  C CB  . VAL A 1 43  ? 0.765   6.386   -7.237  1.00 14.89 ? 43  VAL A CB  1 
ATOM   332  C CG1 . VAL A 1 43  ? 1.825   5.946   -6.308  1.00 15.60 ? 43  VAL A CG1 1 
ATOM   333  C CG2 . VAL A 1 43  ? 1.382   7.102   -8.438  1.00 13.69 ? 43  VAL A CG2 1 
ATOM   334  N N   . ASN A 1 44  ? -0.187  3.239   -6.333  1.00 13.92 ? 44  ASN A N   1 
ATOM   335  C CA  . ASN A 1 44  ? -0.581  2.364   -5.207  1.00 12.84 ? 44  ASN A CA  1 
ATOM   336  C C   . ASN A 1 44  ? 0.506   1.395   -4.796  1.00 13.46 ? 44  ASN A C   1 
ATOM   337  O O   . ASN A 1 44  ? 1.170   0.766   -5.671  1.00 15.67 ? 44  ASN A O   1 
ATOM   338  C CB  . ASN A 1 44  ? -1.899  1.629   -5.578  1.00 12.92 ? 44  ASN A CB  1 
ATOM   339  C CG  . ASN A 1 44  ? -2.552  0.959   -4.375  1.00 11.36 ? 44  ASN A CG  1 
ATOM   340  O OD1 . ASN A 1 44  ? -2.738  1.647   -3.362  1.00 13.35 ? 44  ASN A OD1 1 
ATOM   341  N ND2 . ASN A 1 44  ? -2.872  -0.277  -4.419  1.00 10.49 ? 44  ASN A ND2 1 
ATOM   342  N N   . THR A 1 45  ? 0.706   1.180   -3.503  1.00 11.63 ? 45  THR A N   1 
ATOM   343  C CA  . THR A 1 45  ? 1.663   0.253   -3.003  1.00 11.30 ? 45  THR A CA  1 
ATOM   344  C C   . THR A 1 45  ? 0.936   -0.946  -2.367  1.00 10.97 ? 45  THR A C   1 
ATOM   345  O O   . THR A 1 45  ? -0.056  -0.711  -1.626  1.00 11.55 ? 45  THR A O   1 
ATOM   346  C CB  . THR A 1 45  ? 2.594   0.911   -1.915  1.00 11.23 ? 45  THR A CB  1 
ATOM   347  O OG1 . THR A 1 45  ? 3.129   2.046   -2.601  1.00 13.14 ? 45  THR A OG1 1 
ATOM   348  C CG2 . THR A 1 45  ? 3.685   -0.001  -1.350  1.00 11.87 ? 45  THR A CG2 1 
ATOM   349  N N   . PHE A 1 46  ? 1.459   -2.068  -2.569  1.00 9.31  ? 46  PHE A N   1 
ATOM   350  C CA  . PHE A 1 46  ? 1.031   -3.367  -2.108  1.00 10.26 ? 46  PHE A CA  1 
ATOM   351  C C   . PHE A 1 46  ? 2.077   -3.888  -1.124  1.00 11.86 ? 46  PHE A C   1 
ATOM   352  O O   . PHE A 1 46  ? 3.274   -3.784  -1.474  1.00 12.78 ? 46  PHE A O   1 
ATOM   353  C CB  . PHE A 1 46  ? 0.738   -4.337  -3.270  1.00 8.36  ? 46  PHE A CB  1 
ATOM   354  C CG  . PHE A 1 46  ? -0.543  -4.041  -4.007  1.00 10.14 ? 46  PHE A CG  1 
ATOM   355  C CD1 . PHE A 1 46  ? -1.782  -4.235  -3.333  1.00 10.56 ? 46  PHE A CD1 1 
ATOM   356  C CD2 . PHE A 1 46  ? -0.585  -3.546  -5.288  1.00 7.74  ? 46  PHE A CD2 1 
ATOM   357  C CE1 . PHE A 1 46  ? -2.976  -3.955  -3.964  1.00 9.65  ? 46  PHE A CE1 1 
ATOM   358  C CE2 . PHE A 1 46  ? -1.767  -3.261  -5.905  1.00 10.68 ? 46  PHE A CE2 1 
ATOM   359  C CZ  . PHE A 1 46  ? -3.016  -3.490  -5.262  1.00 9.68  ? 46  PHE A CZ  1 
ATOM   360  N N   . VAL A 1 47  ? 1.740   -4.374  0.043   1.00 11.95 ? 47  VAL A N   1 
ATOM   361  C CA  . VAL A 1 47  ? 2.754   -4.910  0.992   1.00 13.15 ? 47  VAL A CA  1 
ATOM   362  C C   . VAL A 1 47  ? 2.468   -6.419  1.117   1.00 12.93 ? 47  VAL A C   1 
ATOM   363  O O   . VAL A 1 47  ? 1.331   -6.811  1.311   1.00 11.16 ? 47  VAL A O   1 
ATOM   364  C CB  . VAL A 1 47  ? 2.894   -4.166  2.286   1.00 13.62 ? 47  VAL A CB  1 
ATOM   365  C CG1 . VAL A 1 47  ? 1.601   -3.623  2.795   1.00 15.94 ? 47  VAL A CG1 1 
ATOM   366  C CG2 . VAL A 1 47  ? 3.535   -4.979  3.424   1.00 14.09 ? 47  VAL A CG2 1 
ATOM   367  N N   . HIS A 1 48  ? 3.502   -7.194  0.953   1.00 11.62 ? 48  HIS A N   1 
ATOM   368  C CA  . HIS A 1 48  ? 3.584   -8.610  0.965   1.00 13.84 ? 48  HIS A CA  1 
ATOM   369  C C   . HIS A 1 48  ? 4.130   -9.108  2.319   1.00 14.88 ? 48  HIS A C   1 
ATOM   370  O O   . HIS A 1 48  ? 5.192   -9.729  2.300   1.00 16.04 ? 48  HIS A O   1 
ATOM   371  C CB  . HIS A 1 48  ? 4.527   -9.238  -0.116  1.00 12.95 ? 48  HIS A CB  1 
ATOM   372  C CG  . HIS A 1 48  ? 4.261   -8.588  -1.449  1.00 14.73 ? 48  HIS A CG  1 
ATOM   373  N ND1 . HIS A 1 48  ? 3.274   -8.976  -2.298  1.00 14.96 ? 48  HIS A ND1 1 
ATOM   374  C CD2 . HIS A 1 48  ? 4.909   -7.560  -2.092  1.00 13.40 ? 48  HIS A CD2 1 
ATOM   375  C CE1 . HIS A 1 48  ? 3.319   -8.224  -3.397  1.00 14.18 ? 48  HIS A CE1 1 
ATOM   376  N NE2 . HIS A 1 48  ? 4.283   -7.387  -3.254  1.00 13.59 ? 48  HIS A NE2 1 
ATOM   377  N N   . GLU A 1 49  ? 3.448   -8.785  3.335   1.00 14.45 ? 49  GLU A N   1 
ATOM   378  C CA  . GLU A 1 49  ? 3.692   -9.133  4.741   1.00 14.63 ? 49  GLU A CA  1 
ATOM   379  C C   . GLU A 1 49  ? 2.331   -9.544  5.326   1.00 12.99 ? 49  GLU A C   1 
ATOM   380  O O   . GLU A 1 49  ? 1.258   -9.250  4.738   1.00 13.21 ? 49  GLU A O   1 
ATOM   381  C CB  . GLU A 1 49  ? 4.325   -8.049  5.607   1.00 13.58 ? 49  GLU A CB  1 
ATOM   382  C CG  . GLU A 1 49  ? 5.695   -7.569  5.126   1.00 15.32 ? 49  GLU A CG  1 
ATOM   383  C CD  . GLU A 1 49  ? 6.855   -8.477  4.886   1.00 16.46 ? 49  GLU A CD  1 
ATOM   384  O OE1 . GLU A 1 49  ? 6.911   -9.499  5.604   1.00 16.72 ? 49  GLU A OE1 1 
ATOM   385  O OE2 . GLU A 1 49  ? 7.752   -8.326  4.050   1.00 16.32 ? 49  GLU A OE2 1 
ATOM   386  N N   . SER A 1 50  ? 2.395   -10.273 6.426   1.00 13.40 ? 50  SER A N   1 
ATOM   387  C CA  . SER A 1 50  ? 1.103   -10.700 7.033   1.00 13.45 ? 50  SER A CA  1 
ATOM   388  C C   . SER A 1 50  ? 0.420   -9.456  7.572   1.00 12.71 ? 50  SER A C   1 
ATOM   389  O O   . SER A 1 50  ? 1.050   -8.429  7.906   1.00 12.00 ? 50  SER A O   1 
ATOM   390  C CB  . SER A 1 50  ? 1.380   -11.761 8.096   1.00 13.55 ? 50  SER A CB  1 
ATOM   391  O OG  . SER A 1 50  ? 1.901   -11.023 9.196   1.00 15.39 ? 50  SER A OG  1 
ATOM   392  N N   . LEU A 1 51  ? -0.901  -9.487  7.671   1.00 11.30 ? 51  LEU A N   1 
ATOM   393  C CA  . LEU A 1 51  ? -1.695  -8.391  8.201   1.00 13.53 ? 51  LEU A CA  1 
ATOM   394  C C   . LEU A 1 51  ? -1.201  -8.031  9.567   1.00 12.68 ? 51  LEU A C   1 
ATOM   395  O O   . LEU A 1 51  ? -1.020  -6.835  9.889   1.00 13.96 ? 51  LEU A O   1 
ATOM   396  C CB  . LEU A 1 51  ? -3.207  -8.730  8.143   1.00 13.17 ? 51  LEU A CB  1 
ATOM   397  C CG  . LEU A 1 51  ? -4.123  -7.691  8.770   1.00 13.11 ? 51  LEU A CG  1 
ATOM   398  C CD1 . LEU A 1 51  ? -3.827  -6.293  8.218   1.00 13.68 ? 51  LEU A CD1 1 
ATOM   399  C CD2 . LEU A 1 51  ? -5.572  -7.989  8.458   1.00 14.68 ? 51  LEU A CD2 1 
ATOM   400  N N   . ALA A 1 52  ? -0.967  -9.030  10.437  1.00 14.02 ? 52  ALA A N   1 
ATOM   401  C CA  . ALA A 1 52  ? -0.487  -8.815  11.794  1.00 12.09 ? 52  ALA A CA  1 
ATOM   402  C C   . ALA A 1 52  ? 0.809   -8.008  11.856  1.00 11.27 ? 52  ALA A C   1 
ATOM   403  O O   . ALA A 1 52  ? 0.909   -7.196  12.756  1.00 12.76 ? 52  ALA A O   1 
ATOM   404  C CB  . ALA A 1 52  ? -0.220  -10.144 12.499  1.00 10.15 ? 52  ALA A CB  1 
ATOM   405  N N   . ASP A 1 53  ? 1.753   -8.232  11.001  1.00 11.89 ? 53  ASP A N   1 
ATOM   406  C CA  . ASP A 1 53  ? 3.044   -7.569  10.917  1.00 13.85 ? 53  ASP A CA  1 
ATOM   407  C C   . ASP A 1 53  ? 2.881   -6.102  10.465  1.00 12.39 ? 53  ASP A C   1 
ATOM   408  O O   . ASP A 1 53  ? 3.644   -5.259  10.912  1.00 11.93 ? 53  ASP A O   1 
ATOM   409  C CB  . ASP A 1 53  ? 4.044   -8.269  9.976   1.00 14.65 ? 53  ASP A CB  1 
ATOM   410  C CG  . ASP A 1 53  ? 4.772   -9.450  10.530  1.00 16.11 ? 53  ASP A CG  1 
ATOM   411  O OD1 . ASP A 1 53  ? 4.632   -9.903  11.682  1.00 17.83 ? 53  ASP A OD1 1 
ATOM   412  O OD2 . ASP A 1 53  ? 5.590   -9.997  9.761   1.00 17.61 ? 53  ASP A OD2 1 
ATOM   413  N N   . VAL A 1 54  ? 1.939   -5.923  9.557   1.00 11.71 ? 54  VAL A N   1 
ATOM   414  C CA  . VAL A 1 54  ? 1.666   -4.546  9.071   1.00 11.01 ? 54  VAL A CA  1 
ATOM   415  C C   . VAL A 1 54  ? 0.920   -3.814  10.211  1.00 11.44 ? 54  VAL A C   1 
ATOM   416  O O   . VAL A 1 54  ? 1.198   -2.628  10.444  1.00 13.22 ? 54  VAL A O   1 
ATOM   417  C CB  . VAL A 1 54  ? 0.939   -4.490  7.741   1.00 8.37  ? 54  VAL A CB  1 
ATOM   418  C CG1 . VAL A 1 54  ? 0.543   -3.025  7.433   1.00 7.86  ? 54  VAL A CG1 1 
ATOM   419  C CG2 . VAL A 1 54  ? 1.749   -5.085  6.609   1.00 7.17  ? 54  VAL A CG2 1 
ATOM   420  N N   . GLN A 1 55  ? -0.001  -4.511  10.885  1.00 11.77 ? 55  GLN A N   1 
ATOM   421  C CA  . GLN A 1 55  ? -0.722  -3.789  11.985  1.00 13.70 ? 55  GLN A CA  1 
ATOM   422  C C   . GLN A 1 55  ? 0.287   -3.424  13.066  1.00 13.53 ? 55  GLN A C   1 
ATOM   423  O O   . GLN A 1 55  ? 0.155   -2.313  13.679  1.00 14.07 ? 55  GLN A O   1 
ATOM   424  C CB  . GLN A 1 55  ? -1.956  -4.522  12.490  1.00 13.02 ? 55  GLN A CB  1 
ATOM   425  C CG  . GLN A 1 55  ? -3.153  -4.604  11.574  1.00 14.48 ? 55  GLN A CG  1 
ATOM   426  C CD  . GLN A 1 55  ? -4.156  -5.651  12.003  1.00 16.75 ? 55  GLN A CD  1 
ATOM   427  O OE1 . GLN A 1 55  ? -3.753  -6.546  12.827  1.00 18.81 ? 55  GLN A OE1 1 
ATOM   428  N NE2 . GLN A 1 55  ? -5.373  -5.662  11.495  1.00 13.77 ? 55  GLN A NE2 1 
ATOM   429  N N   . ALA A 1 56  ? 1.269   -4.268  13.361  1.00 12.55 ? 56  ALA A N   1 
ATOM   430  C CA  . ALA A 1 56  ? 2.293   -4.067  14.339  1.00 12.59 ? 56  ALA A CA  1 
ATOM   431  C C   . ALA A 1 56  ? 3.147   -2.797  14.090  1.00 13.85 ? 56  ALA A C   1 
ATOM   432  O O   . ALA A 1 56  ? 3.800   -2.344  15.019  1.00 12.52 ? 56  ALA A O   1 
ATOM   433  C CB  . ALA A 1 56  ? 3.284   -5.241  14.428  1.00 12.50 ? 56  ALA A CB  1 
ATOM   434  N N   . VAL A 1 57  ? 3.082   -2.245  12.868  1.00 14.17 ? 57  VAL A N   1 
ATOM   435  C CA  . VAL A 1 57  ? 3.883   -0.997  12.616  1.00 13.12 ? 57  VAL A CA  1 
ATOM   436  C C   . VAL A 1 57  ? 3.366   0.136   13.499  1.00 13.80 ? 57  VAL A C   1 
ATOM   437  O O   . VAL A 1 57  ? 4.216   0.966   13.929  1.00 12.46 ? 57  VAL A O   1 
ATOM   438  C CB  . VAL A 1 57  ? 3.998   -0.736  11.107  1.00 14.05 ? 57  VAL A CB  1 
ATOM   439  C CG1 . VAL A 1 57  ? 4.649   0.649   10.850  1.00 14.99 ? 57  VAL A CG1 1 
ATOM   440  C CG2 . VAL A 1 57  ? 4.766   -1.847  10.439  1.00 11.92 ? 57  VAL A CG2 1 
ATOM   441  N N   . CYS A 1 58  ? 2.082   0.155   13.830  1.00 12.03 ? 58  CYS A N   1 
ATOM   442  C CA  . CYS A 1 58  ? 1.515   1.183   14.672  1.00 15.37 ? 58  CYS A CA  1 
ATOM   443  C C   . CYS A 1 58  ? 2.049   1.221   16.108  1.00 15.81 ? 58  CYS A C   1 
ATOM   444  O O   . CYS A 1 58  ? 1.597   2.074   16.845  1.00 18.14 ? 58  CYS A O   1 
ATOM   445  C CB  . CYS A 1 58  ? -0.016  1.053   14.793  1.00 13.74 ? 58  CYS A CB  1 
ATOM   446  S SG  . CYS A 1 58  ? -0.782  1.279   13.180  1.00 17.24 ? 58  CYS A SG  1 
ATOM   447  N N   . SER A 1 59  ? 2.875   0.296   16.504  1.00 17.51 ? 59  SER A N   1 
ATOM   448  C CA  . SER A 1 59  ? 3.466   0.229   17.852  1.00 18.28 ? 59  SER A CA  1 
ATOM   449  C C   . SER A 1 59  ? 4.969   0.381   17.665  1.00 16.85 ? 59  SER A C   1 
ATOM   450  O O   . SER A 1 59  ? 5.734   0.182   18.596  1.00 18.80 ? 59  SER A O   1 
ATOM   451  C CB  . SER A 1 59  ? 3.113   -1.088  18.553  1.00 18.14 ? 59  SER A CB  1 
ATOM   452  O OG  . SER A 1 59  ? 4.027   -2.055  17.930  1.00 22.31 ? 59  SER A OG  1 
ATOM   453  N N   . GLN A 1 60  ? 5.382   0.783   16.467  1.00 15.65 ? 60  GLN A N   1 
ATOM   454  C CA  . GLN A 1 60  ? 6.841   0.926   16.179  1.00 14.41 ? 60  GLN A CA  1 
ATOM   455  C C   . GLN A 1 60  ? 7.336   2.348   16.233  1.00 14.68 ? 60  GLN A C   1 
ATOM   456  O O   . GLN A 1 60  ? 6.933   3.106   17.133  1.00 16.12 ? 60  GLN A O   1 
ATOM   457  C CB  . GLN A 1 60  ? 7.238   0.090   14.980  1.00 12.56 ? 60  GLN A CB  1 
ATOM   458  C CG  . GLN A 1 60  ? 6.955   -1.373  15.173  1.00 12.46 ? 60  GLN A CG  1 
ATOM   459  C CD  . GLN A 1 60  ? 7.252   -2.316  14.084  1.00 11.63 ? 60  GLN A CD  1 
ATOM   460  O OE1 . GLN A 1 60  ? 7.962   -2.097  13.110  1.00 13.17 ? 60  GLN A OE1 1 
ATOM   461  N NE2 . GLN A 1 60  ? 6.673   -3.515  14.164  1.00 9.75  ? 60  GLN A NE2 1 
ATOM   462  N N   . LYS A 1 61  ? 8.224   2.784   15.403  1.00 15.43 ? 61  LYS A N   1 
ATOM   463  C CA  . LYS A 1 61  ? 8.833   4.123   15.445  1.00 16.12 ? 61  LYS A CA  1 
ATOM   464  C C   . LYS A 1 61  ? 7.929   5.269   15.074  1.00 16.76 ? 61  LYS A C   1 
ATOM   465  O O   . LYS A 1 61  ? 7.470   5.367   13.925  1.00 18.38 ? 61  LYS A O   1 
ATOM   466  C CB  . LYS A 1 61  ? 10.108  4.045   14.560  1.00 15.19 ? 61  LYS A CB  1 
ATOM   467  C CG  . LYS A 1 61  ? 10.780  5.384   14.424  1.00 14.85 ? 61  LYS A CG  1 
ATOM   468  C CD  . LYS A 1 61  ? 11.886  5.762   15.264  1.00 14.52 ? 61  LYS A CD  1 
ATOM   469  C CE  . LYS A 1 61  ? 11.834  5.894   16.720  1.00 15.61 ? 61  LYS A CE  1 
ATOM   470  N NZ  . LYS A 1 61  ? 13.215  6.353   17.190  1.00 14.52 ? 61  LYS A NZ  1 
ATOM   471  N N   . ASN A 1 62  ? 7.685   6.177   16.009  1.00 17.37 ? 62  ASN A N   1 
ATOM   472  C CA  . ASN A 1 62  ? 6.801   7.352   15.790  1.00 19.91 ? 62  ASN A CA  1 
ATOM   473  C C   . ASN A 1 62  ? 7.658   8.414   15.081  1.00 20.54 ? 62  ASN A C   1 
ATOM   474  O O   . ASN A 1 62  ? 8.765   8.689   15.511  1.00 20.91 ? 62  ASN A O   1 
ATOM   475  C CB  . ASN A 1 62  ? 6.079   7.769   17.026  1.00 19.67 ? 62  ASN A CB  1 
ATOM   476  C CG  . ASN A 1 62  ? 5.144   8.954   16.969  1.00 22.89 ? 62  ASN A CG  1 
ATOM   477  O OD1 . ASN A 1 62  ? 5.328   9.914   17.796  1.00 22.38 ? 62  ASN A OD1 1 
ATOM   478  N ND2 . ASN A 1 62  ? 4.136   8.991   16.096  1.00 20.90 ? 62  ASN A ND2 1 
ATOM   479  N N   . VAL A 1 63  ? 7.122   8.899   13.979  1.00 21.13 ? 63  VAL A N   1 
ATOM   480  C CA  . VAL A 1 63  ? 7.626   9.894   13.055  1.00 20.07 ? 63  VAL A CA  1 
ATOM   481  C C   . VAL A 1 63  ? 6.496   10.817  12.592  1.00 22.28 ? 63  VAL A C   1 
ATOM   482  O O   . VAL A 1 63  ? 5.300   10.477  12.624  1.00 22.45 ? 63  VAL A O   1 
ATOM   483  C CB  . VAL A 1 63  ? 8.303   9.238   11.832  1.00 20.03 ? 63  VAL A CB  1 
ATOM   484  C CG1 . VAL A 1 63  ? 9.511   8.389   12.173  1.00 19.18 ? 63  VAL A CG1 1 
ATOM   485  C CG2 . VAL A 1 63  ? 7.364   8.433   10.963  1.00 19.43 ? 63  VAL A CG2 1 
ATOM   486  N N   . ALA A 1 64  ? 6.868   12.012  12.118  1.00 23.70 ? 64  ALA A N   1 
ATOM   487  C CA  . ALA A 1 64  ? 5.943   13.001  11.590  1.00 22.70 ? 64  ALA A CA  1 
ATOM   488  C C   . ALA A 1 64  ? 5.529   12.546  10.179  1.00 22.87 ? 64  ALA A C   1 
ATOM   489  O O   . ALA A 1 64  ? 6.298   11.931  9.443   1.00 21.09 ? 64  ALA A O   1 
ATOM   490  C CB  . ALA A 1 64  ? 6.502   14.405  11.461  1.00 23.66 ? 64  ALA A CB  1 
ATOM   491  N N   . CYS A 1 65  ? 4.279   12.897  9.910   1.00 23.94 ? 65  CYS A N   1 
ATOM   492  C CA  . CYS A 1 65  ? 3.651   12.610  8.596   1.00 24.98 ? 65  CYS A CA  1 
ATOM   493  C C   . CYS A 1 65  ? 4.075   13.798  7.719   1.00 25.25 ? 65  CYS A C   1 
ATOM   494  O O   . CYS A 1 65  ? 4.520   14.823  8.279   1.00 25.38 ? 65  CYS A O   1 
ATOM   495  C CB  . CYS A 1 65  ? 2.156   12.471  8.762   1.00 25.02 ? 65  CYS A CB  1 
ATOM   496  S SG  . CYS A 1 65  ? 1.511   11.132  9.813   1.00 26.50 ? 65  CYS A SG  1 
ATOM   497  N N   . LYS A 1 66  ? 3.975   13.713  6.437   1.00 28.50 ? 66  LYS A N   1 
ATOM   498  C CA  . LYS A 1 66  ? 4.287   14.704  5.441   1.00 31.52 ? 66  LYS A CA  1 
ATOM   499  C C   . LYS A 1 66  ? 3.381   15.945  5.581   1.00 33.53 ? 66  LYS A C   1 
ATOM   500  O O   . LYS A 1 66  ? 3.702   16.957  4.958   1.00 34.90 ? 66  LYS A O   1 
ATOM   501  C CB  . LYS A 1 66  ? 4.049   14.243  4.001   1.00 33.02 ? 66  LYS A CB  1 
ATOM   502  C CG  . LYS A 1 66  ? 5.307   13.866  3.234   1.00 35.47 ? 66  LYS A CG  1 
ATOM   503  C CD  . LYS A 1 66  ? 5.123   12.533  2.465   1.00 38.06 ? 66  LYS A CD  1 
ATOM   504  C CE  . LYS A 1 66  ? 5.434   11.300  3.313   1.00 37.68 ? 66  LYS A CE  1 
ATOM   505  N NZ  . LYS A 1 66  ? 4.915   11.511  4.715   1.00 38.16 ? 66  LYS A NZ  1 
ATOM   506  N N   . ASN A 1 67  ? 2.312   15.822  6.329   1.00 33.83 ? 67  ASN A N   1 
ATOM   507  C CA  . ASN A 1 67  ? 1.349   16.899  6.561   1.00 34.13 ? 67  ASN A CA  1 
ATOM   508  C C   . ASN A 1 67  ? 1.592   17.538  7.911   1.00 35.14 ? 67  ASN A C   1 
ATOM   509  O O   . ASN A 1 67  ? 0.836   18.501  8.232   1.00 37.54 ? 67  ASN A O   1 
ATOM   510  C CB  . ASN A 1 67  ? -0.079  16.363  6.389   1.00 34.64 ? 67  ASN A CB  1 
ATOM   511  C CG  . ASN A 1 67  ? -0.601  15.527  7.535   1.00 36.07 ? 67  ASN A CG  1 
ATOM   512  O OD1 . ASN A 1 67  ? 0.089   15.105  8.455   1.00 36.12 ? 67  ASN A OD1 1 
ATOM   513  N ND2 . ASN A 1 67  ? -1.918  15.220  7.583   1.00 35.89 ? 67  ASN A ND2 1 
ATOM   514  N N   . GLY A 1 68  ? 2.555   17.065  8.696   1.00 33.52 ? 68  GLY A N   1 
ATOM   515  C CA  . GLY A 1 68  ? 2.764   17.685  10.016  1.00 31.97 ? 68  GLY A CA  1 
ATOM   516  C C   . GLY A 1 68  ? 2.120   16.894  11.126  1.00 32.06 ? 68  GLY A C   1 
ATOM   517  O O   . GLY A 1 68  ? 2.572   16.992  12.317  1.00 33.30 ? 68  GLY A O   1 
ATOM   518  N N   . GLN A 1 69  ? 1.104   16.125  10.797  1.00 32.87 ? 69  GLN A N   1 
ATOM   519  C CA  . GLN A 1 69  ? 0.425   15.281  11.823  1.00 34.12 ? 69  GLN A CA  1 
ATOM   520  C C   . GLN A 1 69  ? 1.527   14.312  12.326  1.00 33.30 ? 69  GLN A C   1 
ATOM   521  O O   . GLN A 1 69  ? 2.462   13.969  11.596  1.00 31.96 ? 69  GLN A O   1 
ATOM   522  C CB  . GLN A 1 69  ? -0.779  14.499  11.377  1.00 36.03 ? 69  GLN A CB  1 
ATOM   523  C CG  . GLN A 1 69  ? -2.035  15.259  10.951  1.00 38.65 ? 69  GLN A CG  1 
ATOM   524  C CD  . GLN A 1 69  ? -3.295  14.451  11.240  1.00 40.20 ? 69  GLN A CD  1 
ATOM   525  O OE1 . GLN A 1 69  ? -4.147  14.059  10.460  1.00 39.51 ? 69  GLN A OE1 1 
ATOM   526  N NE2 . GLN A 1 69  ? -3.415  14.155  12.567  1.00 41.96 ? 69  GLN A NE2 1 
ATOM   527  N N   . THR A 1 70  ? 1.346   13.888  13.570  1.00 32.85 ? 70  THR A N   1 
ATOM   528  C CA  . THR A 1 70  ? 2.312   12.975  14.172  1.00 31.41 ? 70  THR A CA  1 
ATOM   529  C C   . THR A 1 70  ? 1.724   11.624  14.486  1.00 29.63 ? 70  THR A C   1 
ATOM   530  O O   . THR A 1 70  ? 2.084   11.102  15.562  1.00 30.38 ? 70  THR A O   1 
ATOM   531  C CB  . THR A 1 70  ? 3.065   13.624  15.404  1.00 32.63 ? 70  THR A CB  1 
ATOM   532  O OG1 . THR A 1 70  ? 2.094   13.874  16.471  1.00 33.10 ? 70  THR A OG1 1 
ATOM   533  C CG2 . THR A 1 70  ? 3.823   14.889  14.987  1.00 32.53 ? 70  THR A CG2 1 
ATOM   534  N N   . ASN A 1 71  ? 0.901   11.097  13.594  1.00 26.31 ? 71  ASN A N   1 
ATOM   535  C CA  . ASN A 1 71  ? 0.330   9.729   13.904  1.00 26.74 ? 71  ASN A CA  1 
ATOM   536  C C   . ASN A 1 71  ? 0.905   8.743   12.908  1.00 22.77 ? 71  ASN A C   1 
ATOM   537  O O   . ASN A 1 71  ? 0.228   7.776   12.610  1.00 23.68 ? 71  ASN A O   1 
ATOM   538  C CB  . ASN A 1 71  ? -1.202  9.804   13.971  1.00 26.99 ? 71  ASN A CB  1 
ATOM   539  C CG  . ASN A 1 71  ? -1.848  10.248  12.673  1.00 28.61 ? 71  ASN A CG  1 
ATOM   540  O OD1 . ASN A 1 71  ? -1.376  11.240  12.074  1.00 28.61 ? 71  ASN A OD1 1 
ATOM   541  N ND2 . ASN A 1 71  ? -2.894  9.542   12.212  1.00 27.02 ? 71  ASN A ND2 1 
ATOM   542  N N   . CYS A 1 72  ? 2.075   8.981   12.369  1.00 21.93 ? 72  CYS A N   1 
ATOM   543  C CA  . CYS A 1 72  ? 2.754   8.146   11.381  1.00 20.65 ? 72  CYS A CA  1 
ATOM   544  C C   . CYS A 1 72  ? 3.768   7.262   12.144  1.00 18.38 ? 72  CYS A C   1 
ATOM   545  O O   . CYS A 1 72  ? 4.194   7.676   13.181  1.00 17.01 ? 72  CYS A O   1 
ATOM   546  C CB  . CYS A 1 72  ? 3.430   8.905   10.249  1.00 22.22 ? 72  CYS A CB  1 
ATOM   547  S SG  . CYS A 1 72  ? 2.188   9.429   8.960   1.00 24.60 ? 72  CYS A SG  1 
ATOM   548  N N   . TYR A 1 73  ? 4.044   6.108   11.583  1.00 16.97 ? 73  TYR A N   1 
ATOM   549  C CA  . TYR A 1 73  ? 4.964   5.139   12.174  1.00 14.86 ? 73  TYR A CA  1 
ATOM   550  C C   . TYR A 1 73  ? 5.783   4.491   11.086  1.00 13.34 ? 73  TYR A C   1 
ATOM   551  O O   . TYR A 1 73  ? 5.210   4.160   10.046  1.00 13.16 ? 73  TYR A O   1 
ATOM   552  C CB  . TYR A 1 73  ? 4.138   4.033   12.929  1.00 13.79 ? 73  TYR A CB  1 
ATOM   553  C CG  . TYR A 1 73  ? 3.479   4.664   14.150  1.00 15.07 ? 73  TYR A CG  1 
ATOM   554  C CD1 . TYR A 1 73  ? 4.181   4.712   15.353  1.00 14.15 ? 73  TYR A CD1 1 
ATOM   555  C CD2 . TYR A 1 73  ? 2.221   5.191   14.087  1.00 15.14 ? 73  TYR A CD2 1 
ATOM   556  C CE1 . TYR A 1 73  ? 3.626   5.297   16.468  1.00 17.37 ? 73  TYR A CE1 1 
ATOM   557  C CE2 . TYR A 1 73  ? 1.609   5.806   15.198  1.00 15.76 ? 73  TYR A CE2 1 
ATOM   558  C CZ  . TYR A 1 73  ? 2.331   5.839   16.351  1.00 18.32 ? 73  TYR A CZ  1 
ATOM   559  O OH  . TYR A 1 73  ? 1.767   6.419   17.448  1.00 23.73 ? 73  TYR A OH  1 
ATOM   560  N N   . GLN A 1 74  ? 7.028   4.279   11.348  1.00 12.03 ? 74  GLN A N   1 
ATOM   561  C CA  . GLN A 1 74  ? 7.977   3.643   10.460  1.00 11.50 ? 74  GLN A CA  1 
ATOM   562  C C   . GLN A 1 74  ? 8.330   2.258   11.013  1.00 10.76 ? 74  GLN A C   1 
ATOM   563  O O   . GLN A 1 74  ? 8.619   2.119   12.234  1.00 10.07 ? 74  GLN A O   1 
ATOM   564  C CB  . GLN A 1 74  ? 9.201   4.546   10.234  1.00 14.33 ? 74  GLN A CB  1 
ATOM   565  C CG  . GLN A 1 74  ? 10.238  3.973   9.238   1.00 16.15 ? 74  GLN A CG  1 
ATOM   566  C CD  . GLN A 1 74  ? 11.232  5.015   8.820   1.00 19.73 ? 74  GLN A CD  1 
ATOM   567  O OE1 . GLN A 1 74  ? 12.426  4.719   8.676   1.00 23.56 ? 74  GLN A OE1 1 
ATOM   568  N NE2 . GLN A 1 74  ? 10.919  6.285   8.618   1.00 20.26 ? 74  GLN A NE2 1 
ATOM   569  N N   . SER A 1 75  ? 8.272   1.289   10.145  1.00 9.84  ? 75  SER A N   1 
ATOM   570  C CA  . SER A 1 75  ? 8.607   -0.093  10.577  1.00 12.02 ? 75  SER A CA  1 
ATOM   571  C C   . SER A 1 75  ? 10.114  -0.113  10.868  1.00 12.32 ? 75  SER A C   1 
ATOM   572  O O   . SER A 1 75  ? 10.949  0.558   10.218  1.00 12.67 ? 75  SER A O   1 
ATOM   573  C CB  . SER A 1 75  ? 8.235   -1.086  9.507   1.00 11.63 ? 75  SER A CB  1 
ATOM   574  O OG  . SER A 1 75  ? 8.865   -0.830  8.314   1.00 13.25 ? 75  SER A OG  1 
ATOM   575  N N   . TYR A 1 76  ? 10.435  -0.866  11.888  1.00 13.07 ? 76  TYR A N   1 
ATOM   576  C CA  . TYR A 1 76  ? 11.768  -1.098  12.404  1.00 12.73 ? 76  TYR A CA  1 
ATOM   577  C C   . TYR A 1 76  ? 12.553  -1.869  11.302  1.00 14.09 ? 76  TYR A C   1 
ATOM   578  O O   . TYR A 1 76  ? 13.709  -1.591  11.051  1.00 14.70 ? 76  TYR A O   1 
ATOM   579  C CB  . TYR A 1 76  ? 11.763  -1.932  13.673  1.00 12.50 ? 76  TYR A CB  1 
ATOM   580  C CG  . TYR A 1 76  ? 11.265  -1.238  14.950  1.00 13.59 ? 76  TYR A CG  1 
ATOM   581  C CD1 . TYR A 1 76  ? 11.577  0.075   15.201  1.00 13.38 ? 76  TYR A CD1 1 
ATOM   582  C CD2 . TYR A 1 76  ? 10.535  -1.911  15.903  1.00 13.20 ? 76  TYR A CD2 1 
ATOM   583  C CE1 . TYR A 1 76  ? 11.157  0.747   16.338  1.00 14.59 ? 76  TYR A CE1 1 
ATOM   584  C CE2 . TYR A 1 76  ? 10.104  -1.278  17.089  1.00 14.20 ? 76  TYR A CE2 1 
ATOM   585  C CZ  . TYR A 1 76  ? 10.431  0.041   17.292  1.00 14.74 ? 76  TYR A CZ  1 
ATOM   586  O OH  . TYR A 1 76  ? 10.037  0.678   18.435  1.00 15.87 ? 76  TYR A OH  1 
ATOM   587  N N   . SER A 1 77  ? 11.863  -2.789  10.703  1.00 13.22 ? 77  SER A N   1 
ATOM   588  C CA  . SER A 1 77  ? 12.409  -3.648  9.642   1.00 15.42 ? 77  SER A CA  1 
ATOM   589  C C   . SER A 1 77  ? 11.935  -3.222  8.258   1.00 14.91 ? 77  SER A C   1 
ATOM   590  O O   . SER A 1 77  ? 11.014  -2.413  8.076   1.00 13.90 ? 77  SER A O   1 
ATOM   591  C CB  . SER A 1 77  ? 11.985  -5.043  10.034  1.00 16.05 ? 77  SER A CB  1 
ATOM   592  O OG  . SER A 1 77  ? 12.730  -6.078  9.506   1.00 21.22 ? 77  SER A OG  1 
ATOM   593  N N   . THR A 1 78  ? 12.578  -3.781  7.254   1.00 15.29 ? 78  THR A N   1 
ATOM   594  C CA  . THR A 1 78  ? 12.300  -3.592  5.827   1.00 14.85 ? 78  THR A CA  1 
ATOM   595  C C   . THR A 1 78  ? 11.212  -4.650  5.526   1.00 15.51 ? 78  THR A C   1 
ATOM   596  O O   . THR A 1 78  ? 11.129  -5.707  6.208   1.00 15.91 ? 78  THR A O   1 
ATOM   597  C CB  . THR A 1 78  ? 13.498  -3.600  4.841   1.00 15.44 ? 78  THR A CB  1 
ATOM   598  O OG1 . THR A 1 78  ? 13.906  -4.972  4.758   1.00 17.89 ? 78  THR A OG1 1 
ATOM   599  C CG2 . THR A 1 78  ? 14.714  -2.733  5.169   1.00 15.30 ? 78  THR A CG2 1 
ATOM   600  N N   . MET A 1 79  ? 10.341  -4.348  4.583   1.00 13.91 ? 79  MET A N   1 
ATOM   601  C CA  . MET A 1 79  ? 9.214   -5.187  4.202   1.00 12.93 ? 79  MET A CA  1 
ATOM   602  C C   . MET A 1 79  ? 9.195   -5.356  2.665   1.00 13.22 ? 79  MET A C   1 
ATOM   603  O O   . MET A 1 79  ? 9.737   -4.453  2.010   1.00 11.80 ? 79  MET A O   1 
ATOM   604  C CB  . MET A 1 79  ? 7.852   -4.606  4.639   1.00 14.51 ? 79  MET A CB  1 
ATOM   605  C CG  . MET A 1 79  ? 7.690   -4.665  6.130   1.00 16.86 ? 79  MET A CG  1 
ATOM   606  S SD  . MET A 1 79  ? 6.087   -4.066  6.743   1.00 19.60 ? 79  MET A SD  1 
ATOM   607  C CE  . MET A 1 79  ? 6.277   -4.380  8.489   1.00 16.12 ? 79  MET A CE  1 
ATOM   608  N N   . SER A 1 80  ? 8.586   -6.430  2.241   1.00 10.50 ? 80  SER A N   1 
ATOM   609  C CA  . SER A 1 80  ? 8.501   -6.682  0.799   1.00 12.69 ? 80  SER A CA  1 
ATOM   610  C C   . SER A 1 80  ? 7.412   -5.815  0.248   1.00 14.33 ? 80  SER A C   1 
ATOM   611  O O   . SER A 1 80  ? 6.291   -6.034  0.767   1.00 16.43 ? 80  SER A O   1 
ATOM   612  C CB  . SER A 1 80  ? 8.212   -8.141  0.573   1.00 11.64 ? 80  SER A CB  1 
ATOM   613  O OG  . SER A 1 80  ? 7.949   -8.299  -0.830  1.00 12.85 ? 80  SER A OG  1 
ATOM   614  N N   . ILE A 1 81  ? 7.606   -4.886  -0.702  1.00 14.07 ? 81  ILE A N   1 
ATOM   615  C CA  . ILE A 1 81  ? 6.512   -4.049  -1.181  1.00 10.97 ? 81  ILE A CA  1 
ATOM   616  C C   . ILE A 1 81  ? 6.555   -4.020  -2.686  1.00 13.17 ? 81  ILE A C   1 
ATOM   617  O O   . ILE A 1 81  ? 7.603   -4.330  -3.290  1.00 13.46 ? 81  ILE A O   1 
ATOM   618  C CB  . ILE A 1 81  ? 6.561   -2.603  -0.551  1.00 12.00 ? 81  ILE A CB  1 
ATOM   619  C CG1 . ILE A 1 81  ? 7.796   -1.869  -1.074  1.00 14.18 ? 81  ILE A CG1 1 
ATOM   620  C CG2 . ILE A 1 81  ? 6.543   -2.623  1.009   1.00 9.73  ? 81  ILE A CG2 1 
ATOM   621  C CD1 . ILE A 1 81  ? 7.875   -0.333  -1.079  1.00 18.60 ? 81  ILE A CD1 1 
ATOM   622  N N   . THR A 1 82  ? 5.448   -3.686  -3.283  1.00 12.60 ? 82  THR A N   1 
ATOM   623  C CA  . THR A 1 82  ? 5.356   -3.524  -4.745  1.00 13.08 ? 82  THR A CA  1 
ATOM   624  C C   . THR A 1 82  ? 4.776   -2.153  -5.115  1.00 13.20 ? 82  THR A C   1 
ATOM   625  O O   . THR A 1 82  ? 3.597   -1.849  -4.815  1.00 12.05 ? 82  THR A O   1 
ATOM   626  C CB  . THR A 1 82  ? 4.547   -4.639  -5.481  1.00 11.52 ? 82  THR A CB  1 
ATOM   627  O OG1 . THR A 1 82  ? 5.124   -5.898  -5.039  1.00 12.92 ? 82  THR A OG1 1 
ATOM   628  C CG2 . THR A 1 82  ? 4.554   -4.514  -6.960  1.00 9.95  ? 82  THR A CG2 1 
ATOM   629  N N   . ASP A 1 83  ? 5.552   -1.331  -5.788  1.00 13.14 ? 83  ASP A N   1 
ATOM   630  C CA  . ASP A 1 83  ? 5.046   -0.012  -6.244  1.00 13.92 ? 83  ASP A CA  1 
ATOM   631  C C   . ASP A 1 83  ? 4.357   -0.162  -7.598  1.00 12.90 ? 83  ASP A C   1 
ATOM   632  O O   . ASP A 1 83  ? 4.840   -0.715  -8.567  1.00 11.60 ? 83  ASP A O   1 
ATOM   633  C CB  . ASP A 1 83  ? 6.173   0.989   -6.147  1.00 20.44 ? 83  ASP A CB  1 
ATOM   634  C CG  . ASP A 1 83  ? 5.888   2.326   -6.774  1.00 24.79 ? 83  ASP A CG  1 
ATOM   635  O OD1 . ASP A 1 83  ? 6.033   2.367   -8.052  1.00 28.93 ? 83  ASP A OD1 1 
ATOM   636  O OD2 . ASP A 1 83  ? 5.524   3.320   -6.158  1.00 27.17 ? 83  ASP A OD2 1 
ATOM   637  N N   . CYS A 1 84  ? 3.128   0.319   -7.701  1.00 12.71 ? 84  CYS A N   1 
ATOM   638  C CA  . CYS A 1 84  ? 2.266   0.291   -8.891  1.00 13.60 ? 84  CYS A CA  1 
ATOM   639  C C   . CYS A 1 84  ? 2.093   1.748   -9.320  1.00 14.20 ? 84  CYS A C   1 
ATOM   640  O O   . CYS A 1 84  ? 1.678   2.557   -8.510  1.00 16.38 ? 84  CYS A O   1 
ATOM   641  C CB  . CYS A 1 84  ? 0.900   -0.374  -8.684  1.00 13.36 ? 84  CYS A CB  1 
ATOM   642  S SG  . CYS A 1 84  ? 1.037   -2.088  -8.243  1.00 11.49 ? 84  CYS A SG  1 
ATOM   643  N N   . ARG A 1 85  ? 2.444   1.998   -10.528 1.00 15.81 ? 85  ARG A N   1 
ATOM   644  C CA  . ARG A 1 85  ? 2.405   3.349   -11.089 1.00 17.38 ? 85  ARG A CA  1 
ATOM   645  C C   . ARG A 1 85  ? 1.984   3.369   -12.519 1.00 18.39 ? 85  ARG A C   1 
ATOM   646  O O   . ARG A 1 85  ? 2.535   2.603   -13.356 1.00 19.04 ? 85  ARG A O   1 
ATOM   647  C CB  . ARG A 1 85  ? 3.861   3.826   -10.968 1.00 18.43 ? 85  ARG A CB  1 
ATOM   648  C CG  . ARG A 1 85  ? 4.007   5.288   -10.828 1.00 20.01 ? 85  ARG A CG  1 
ATOM   649  C CD  . ARG A 1 85  ? 4.962   5.423   -9.586  1.00 23.56 ? 85  ARG A CD  1 
ATOM   650  N NE  . ARG A 1 85  ? 5.029   6.880   -9.463  1.00 23.46 ? 85  ARG A NE  1 
ATOM   651  C CZ  . ARG A 1 85  ? 4.960   7.362   -8.229  1.00 23.91 ? 85  ARG A CZ  1 
ATOM   652  N NH1 . ARG A 1 85  ? 5.018   6.408   -7.277  1.00 26.12 ? 85  ARG A NH1 1 
ATOM   653  N NH2 . ARG A 1 85  ? 4.914   8.628   -8.071  1.00 23.96 ? 85  ARG A NH2 1 
ATOM   654  N N   . GLU A 1 86  ? 1.007   4.237   -12.775 1.00 19.74 ? 86  GLU A N   1 
ATOM   655  C CA  . GLU A 1 86  ? 0.494   4.376   -14.155 1.00 21.05 ? 86  GLU A CA  1 
ATOM   656  C C   . GLU A 1 86  ? 1.592   4.828   -15.087 1.00 19.73 ? 86  GLU A C   1 
ATOM   657  O O   . GLU A 1 86  ? 2.392   5.696   -14.690 1.00 20.01 ? 86  GLU A O   1 
ATOM   658  C CB  . GLU A 1 86  ? -0.632  5.391   -14.316 1.00 22.01 ? 86  GLU A CB  1 
ATOM   659  C CG  . GLU A 1 86  ? -1.932  4.734   -14.766 1.00 24.90 ? 86  GLU A CG  1 
ATOM   660  C CD  . GLU A 1 86  ? -2.990  5.779   -15.154 1.00 25.22 ? 86  GLU A CD  1 
ATOM   661  O OE1 . GLU A 1 86  ? -2.957  6.689   -14.332 1.00 24.90 ? 86  GLU A OE1 1 
ATOM   662  O OE2 . GLU A 1 86  ? -3.640  5.548   -16.125 1.00 24.04 ? 86  GLU A OE2 1 
ATOM   663  N N   . THR A 1 87  ? 1.634   4.260   -16.216 1.00 21.16 ? 87  THR A N   1 
ATOM   664  C CA  . THR A 1 87  ? 2.607   4.564   -17.261 1.00 25.04 ? 87  THR A CA  1 
ATOM   665  C C   . THR A 1 87  ? 2.105   5.796   -17.969 1.00 28.97 ? 87  THR A C   1 
ATOM   666  O O   . THR A 1 87  ? 1.010   6.299   -17.586 1.00 32.32 ? 87  THR A O   1 
ATOM   667  C CB  . THR A 1 87  ? 2.731   3.361   -18.269 1.00 23.83 ? 87  THR A CB  1 
ATOM   668  O OG1 . THR A 1 87  ? 1.424   3.381   -18.982 1.00 25.48 ? 87  THR A OG1 1 
ATOM   669  C CG2 . THR A 1 87  ? 3.036   2.011   -17.695 1.00 23.01 ? 87  THR A CG2 1 
ATOM   670  N N   . GLY A 1 88  ? 2.808   6.278   -18.970 1.00 32.35 ? 88  GLY A N   1 
ATOM   671  C CA  . GLY A 1 88  ? 2.349   7.489   -19.716 1.00 33.98 ? 88  GLY A CA  1 
ATOM   672  C C   . GLY A 1 88  ? 1.460   7.009   -20.861 1.00 36.39 ? 88  GLY A C   1 
ATOM   673  O O   . GLY A 1 88  ? 0.831   7.783   -21.578 1.00 37.77 ? 88  GLY A O   1 
ATOM   674  N N   . SER A 1 89  ? 1.396   5.709   -21.032 1.00 37.78 ? 89  SER A N   1 
ATOM   675  C CA  . SER A 1 89  ? 0.610   5.036   -22.067 1.00 38.53 ? 89  SER A CA  1 
ATOM   676  C C   . SER A 1 89  ? -0.546  4.280   -21.442 1.00 39.18 ? 89  SER A C   1 
ATOM   677  O O   . SER A 1 89  ? -0.876  3.095   -21.823 1.00 40.88 ? 89  SER A O   1 
ATOM   678  C CB  . SER A 1 89  ? 1.573   4.083   -22.776 1.00 40.41 ? 89  SER A CB  1 
ATOM   679  O OG  . SER A 1 89  ? 2.637   3.752   -21.801 1.00 42.56 ? 89  SER A OG  1 
ATOM   680  N N   . SER A 1 90  ? -1.168  4.929   -20.479 1.00 36.74 ? 90  SER A N   1 
ATOM   681  C CA  . SER A 1 90  ? -2.321  4.394   -19.739 1.00 34.61 ? 90  SER A CA  1 
ATOM   682  C C   . SER A 1 90  ? -3.479  5.370   -19.943 1.00 35.25 ? 90  SER A C   1 
ATOM   683  O O   . SER A 1 90  ? -3.246  6.571   -19.904 1.00 35.69 ? 90  SER A O   1 
ATOM   684  C CB  . SER A 1 90  ? -2.044  4.203   -18.260 1.00 31.66 ? 90  SER A CB  1 
ATOM   685  O OG  . SER A 1 90  ? -3.166  3.650   -17.590 1.00 28.69 ? 90  SER A OG  1 
ATOM   686  N N   . LYS A 1 91  ? -4.667  4.839   -20.149 1.00 36.59 ? 91  LYS A N   1 
ATOM   687  C CA  . LYS A 1 91  ? -5.865  5.666   -20.335 1.00 37.35 ? 91  LYS A CA  1 
ATOM   688  C C   . LYS A 1 91  ? -7.105  4.853   -20.025 1.00 36.82 ? 91  LYS A C   1 
ATOM   689  O O   . LYS A 1 91  ? -7.288  3.728   -20.512 1.00 34.54 ? 91  LYS A O   1 
ATOM   690  C CB  . LYS A 1 91  ? -5.928  6.306   -21.730 1.00 40.17 ? 91  LYS A CB  1 
ATOM   691  C CG  . LYS A 1 91  ? -6.757  7.587   -21.750 1.00 41.87 ? 91  LYS A CG  1 
ATOM   692  C CD  . LYS A 1 91  ? -6.386  8.574   -22.863 1.00 43.57 ? 91  LYS A CD  1 
ATOM   693  C CE  . LYS A 1 91  ? -6.133  9.952   -22.191 1.00 44.32 ? 91  LYS A CE  1 
ATOM   694  N NZ  . LYS A 1 91  ? -6.297  11.031  -23.223 1.00 45.83 ? 91  LYS A NZ  1 
ATOM   695  N N   . TYR A 1 92  ? -7.941  5.469   -19.186 1.00 37.70 ? 92  TYR A N   1 
ATOM   696  C CA  . TYR A 1 92  ? -9.201  4.845   -18.766 1.00 39.20 ? 92  TYR A CA  1 
ATOM   697  C C   . TYR A 1 92  ? -10.063 4.516   -19.991 1.00 39.06 ? 92  TYR A C   1 
ATOM   698  O O   . TYR A 1 92  ? -10.278 5.456   -20.757 1.00 38.60 ? 92  TYR A O   1 
ATOM   699  C CB  . TYR A 1 92  ? -10.108 5.727   -17.870 1.00 40.16 ? 92  TYR A CB  1 
ATOM   700  C CG  . TYR A 1 92  ? -11.214 4.869   -17.248 1.00 41.60 ? 92  TYR A CG  1 
ATOM   701  C CD1 . TYR A 1 92  ? -12.426 4.659   -17.885 1.00 41.55 ? 92  TYR A CD1 1 
ATOM   702  C CD2 . TYR A 1 92  ? -10.991 4.256   -16.006 1.00 41.23 ? 92  TYR A CD2 1 
ATOM   703  C CE1 . TYR A 1 92  ? -13.420 3.887   -17.301 1.00 41.70 ? 92  TYR A CE1 1 
ATOM   704  C CE2 . TYR A 1 92  ? -11.976 3.482   -15.412 1.00 42.14 ? 92  TYR A CE2 1 
ATOM   705  C CZ  . TYR A 1 92  ? -13.198 3.292   -16.064 1.00 42.90 ? 92  TYR A CZ  1 
ATOM   706  O OH  . TYR A 1 92  ? -14.187 2.525   -15.499 1.00 42.78 ? 92  TYR A OH  1 
ATOM   707  N N   . PRO A 1 93  ? -10.515 3.293   -20.096 1.00 39.53 ? 93  PRO A N   1 
ATOM   708  C CA  . PRO A 1 93  ? -10.311 2.166   -19.209 1.00 39.02 ? 93  PRO A CA  1 
ATOM   709  C C   . PRO A 1 93  ? -9.164  1.239   -19.488 1.00 38.80 ? 93  PRO A C   1 
ATOM   710  O O   . PRO A 1 93  ? -9.200  0.075   -18.970 1.00 39.95 ? 93  PRO A O   1 
ATOM   711  C CB  . PRO A 1 93  ? -11.642 1.374   -19.476 1.00 39.23 ? 93  PRO A CB  1 
ATOM   712  C CG  . PRO A 1 93  ? -11.601 1.397   -21.017 1.00 39.32 ? 93  PRO A CG  1 
ATOM   713  C CD  . PRO A 1 93  ? -11.356 2.916   -21.261 1.00 39.16 ? 93  PRO A CD  1 
ATOM   714  N N   . ASN A 1 94  ? -8.157  1.627   -20.265 1.00 38.12 ? 94  ASN A N   1 
ATOM   715  C CA  . ASN A 1 94  ? -7.033  0.662   -20.489 1.00 37.46 ? 94  ASN A CA  1 
ATOM   716  C C   . ASN A 1 94  ? -5.894  1.014   -19.545 1.00 35.93 ? 94  ASN A C   1 
ATOM   717  O O   . ASN A 1 94  ? -4.818  1.382   -20.030 1.00 36.52 ? 94  ASN A O   1 
ATOM   718  C CB  . ASN A 1 94  ? -6.712  0.571   -21.967 1.00 38.84 ? 94  ASN A CB  1 
ATOM   719  C CG  . ASN A 1 94  ? -7.675  -0.494  -22.553 1.00 40.39 ? 94  ASN A CG  1 
ATOM   720  O OD1 . ASN A 1 94  ? -8.495  -0.121  -23.392 1.00 41.01 ? 94  ASN A OD1 1 
ATOM   721  N ND2 . ASN A 1 94  ? -7.538  -1.724  -22.043 1.00 40.34 ? 94  ASN A ND2 1 
ATOM   722  N N   . CYS A 1 95  ? -6.154  0.849   -18.255 1.00 31.81 ? 95  CYS A N   1 
ATOM   723  C CA  . CYS A 1 95  ? -5.161  1.188   -17.214 1.00 29.62 ? 95  CYS A CA  1 
ATOM   724  C C   . CYS A 1 95  ? -3.879  0.435   -17.355 1.00 27.68 ? 95  CYS A C   1 
ATOM   725  O O   . CYS A 1 95  ? -3.955  -0.829  -17.423 1.00 30.85 ? 95  CYS A O   1 
ATOM   726  C CB  . CYS A 1 95  ? -5.848  0.982   -15.836 1.00 28.58 ? 95  CYS A CB  1 
ATOM   727  S SG  . CYS A 1 95  ? -7.253  2.052   -15.528 1.00 27.08 ? 95  CYS A SG  1 
ATOM   728  N N   . ALA A 1 96  ? -2.740  1.075   -17.411 1.00 24.17 ? 96  ALA A N   1 
ATOM   729  C CA  . ALA A 1 96  ? -1.463  0.267   -17.546 1.00 22.09 ? 96  ALA A CA  1 
ATOM   730  C C   . ALA A 1 96  ? -0.612  0.731   -16.378 1.00 21.24 ? 96  ALA A C   1 
ATOM   731  O O   . ALA A 1 96  ? -0.725  1.938   -16.048 1.00 21.65 ? 96  ALA A O   1 
ATOM   732  C CB  . ALA A 1 96  ? -0.855  0.417   -18.880 1.00 21.09 ? 96  ALA A CB  1 
ATOM   733  N N   . TYR A 1 97  ? 0.102   -0.163  -15.764 1.00 19.21 ? 97  TYR A N   1 
ATOM   734  C CA  . TYR A 1 97  ? 0.941   0.188   -14.589 1.00 16.85 ? 97  TYR A CA  1 
ATOM   735  C C   . TYR A 1 97  ? 2.292   -0.497  -14.688 1.00 15.02 ? 97  TYR A C   1 
ATOM   736  O O   . TYR A 1 97  ? 2.326   -1.606  -15.200 1.00 14.09 ? 97  TYR A O   1 
ATOM   737  C CB  . TYR A 1 97  ? 0.292   -0.309  -13.277 1.00 16.79 ? 97  TYR A CB  1 
ATOM   738  C CG  . TYR A 1 97  ? -0.988  0.389   -12.906 1.00 14.33 ? 97  TYR A CG  1 
ATOM   739  C CD1 . TYR A 1 97  ? -2.220  -0.088  -13.401 1.00 15.14 ? 97  TYR A CD1 1 
ATOM   740  C CD2 . TYR A 1 97  ? -0.976  1.472   -12.061 1.00 13.56 ? 97  TYR A CD2 1 
ATOM   741  C CE1 . TYR A 1 97  ? -3.420  0.561   -13.069 1.00 14.46 ? 97  TYR A CE1 1 
ATOM   742  C CE2 . TYR A 1 97  ? -2.146  2.129   -11.725 1.00 14.58 ? 97  TYR A CE2 1 
ATOM   743  C CZ  . TYR A 1 97  ? -3.363  1.649   -12.244 1.00 15.62 ? 97  TYR A CZ  1 
ATOM   744  O OH  . TYR A 1 97  ? -4.519  2.301   -11.890 1.00 16.83 ? 97  TYR A OH  1 
ATOM   745  N N   . LYS A 1 98  ? 3.263   0.167   -14.187 1.00 13.84 ? 98  LYS A N   1 
ATOM   746  C CA  . LYS A 1 98  ? 4.635   -0.369  -14.125 1.00 13.00 ? 98  LYS A CA  1 
ATOM   747  C C   . LYS A 1 98  ? 4.784   -0.988  -12.745 1.00 12.59 ? 98  LYS A C   1 
ATOM   748  O O   . LYS A 1 98  ? 4.506   -0.329  -11.701 1.00 12.89 ? 98  LYS A O   1 
ATOM   749  C CB  . LYS A 1 98  ? 5.645   0.749   -14.353 1.00 13.36 ? 98  LYS A CB  1 
ATOM   750  C CG  . LYS A 1 98  ? 7.047   0.394   -13.926 1.00 13.85 ? 98  LYS A CG  1 
ATOM   751  C CD  . LYS A 1 98  ? 7.957   1.628   -13.923 1.00 15.30 ? 98  LYS A CD  1 
ATOM   752  C CE  . LYS A 1 98  ? 9.405   1.136   -14.176 1.00 16.02 ? 98  LYS A CE  1 
ATOM   753  N NZ  . LYS A 1 98  ? 9.961   0.724   -12.896 1.00 18.03 ? 98  LYS A NZ  1 
ATOM   754  N N   . THR A 1 99  ? 5.201   -2.198  -12.633 1.00 12.06 ? 99  THR A N   1 
ATOM   755  C CA  . THR A 1 99  ? 5.388   -2.880  -11.329 1.00 13.95 ? 99  THR A CA  1 
ATOM   756  C C   . THR A 1 99  ? 6.794   -2.665  -10.848 1.00 13.90 ? 99  THR A C   1 
ATOM   757  O O   . THR A 1 99  ? 7.633   -2.966  -11.729 1.00 14.06 ? 99  THR A O   1 
ATOM   758  C CB  . THR A 1 99  ? 5.076   -4.411  -11.556 1.00 14.53 ? 99  THR A CB  1 
ATOM   759  O OG1 . THR A 1 99  ? 3.738   -4.455  -12.159 1.00 16.22 ? 99  THR A OG1 1 
ATOM   760  C CG2 . THR A 1 99  ? 5.204   -5.298  -10.344 1.00 16.18 ? 99  THR A CG2 1 
ATOM   761  N N   . THR A 1 100 ? 7.167   -2.253  -9.705  1.00 14.13 ? 100 THR A N   1 
ATOM   762  C CA  . THR A 1 100 ? 8.498   -2.073  -9.160  1.00 13.89 ? 100 THR A CA  1 
ATOM   763  C C   . THR A 1 100 ? 8.490   -2.786  -7.777  1.00 13.28 ? 100 THR A C   1 
ATOM   764  O O   . THR A 1 100 ? 7.830   -2.220  -6.908  1.00 12.82 ? 100 THR A O   1 
ATOM   765  C CB  . THR A 1 100 ? 9.115   -0.618  -8.976  1.00 12.76 ? 100 THR A CB  1 
ATOM   766  O OG1 . THR A 1 100 ? 8.887   -0.012  -10.296 1.00 15.01 ? 100 THR A OG1 1 
ATOM   767  C CG2 . THR A 1 100 ? 10.589  -0.516  -8.569  1.00 11.55 ? 100 THR A CG2 1 
ATOM   768  N N   . GLN A 1 101 ? 9.170   -3.862  -7.681  1.00 12.42 ? 101 GLN A N   1 
ATOM   769  C CA  . GLN A 1 101 ? 9.362   -4.703  -6.513  1.00 16.67 ? 101 GLN A CA  1 
ATOM   770  C C   . GLN A 1 101 ? 10.569  -4.122  -5.720  1.00 18.68 ? 101 GLN A C   1 
ATOM   771  O O   . GLN A 1 101 ? 11.549  -3.743  -6.364  1.00 18.30 ? 101 GLN A O   1 
ATOM   772  C CB  . GLN A 1 101 ? 9.553   -6.158  -6.829  1.00 17.85 ? 101 GLN A CB  1 
ATOM   773  C CG  . GLN A 1 101 ? 9.764   -7.085  -5.643  1.00 22.66 ? 101 GLN A CG  1 
ATOM   774  C CD  . GLN A 1 101 ? 8.586   -7.176  -4.681  1.00 24.39 ? 101 GLN A CD  1 
ATOM   775  O OE1 . GLN A 1 101 ? 7.390   -7.243  -5.010  1.00 22.77 ? 101 GLN A OE1 1 
ATOM   776  N NE2 . GLN A 1 101 ? 9.015   -7.194  -3.370  1.00 24.16 ? 101 GLN A NE2 1 
ATOM   777  N N   . ALA A 1 102 ? 10.452  -4.053  -4.411  1.00 16.89 ? 102 ALA A N   1 
ATOM   778  C CA  . ALA A 1 102 ? 11.448  -3.507  -3.527  1.00 18.49 ? 102 ALA A CA  1 
ATOM   779  C C   . ALA A 1 102 ? 11.268  -4.006  -2.086  1.00 18.78 ? 102 ALA A C   1 
ATOM   780  O O   . ALA A 1 102 ? 10.202  -4.593  -1.783  1.00 18.08 ? 102 ALA A O   1 
ATOM   781  C CB  . ALA A 1 102 ? 11.311  -1.955  -3.517  1.00 18.99 ? 102 ALA A CB  1 
ATOM   782  N N   . ASN A 1 103 ? 12.239  -3.803  -1.266  1.00 17.58 ? 103 ASN A N   1 
ATOM   783  C CA  . ASN A 1 103 ? 12.287  -4.180  0.135   1.00 19.59 ? 103 ASN A CA  1 
ATOM   784  C C   . ASN A 1 103 ? 12.584  -2.903  0.911   1.00 19.49 ? 103 ASN A C   1 
ATOM   785  O O   . ASN A 1 103 ? 13.790  -2.560  0.930   1.00 22.62 ? 103 ASN A O   1 
ATOM   786  C CB  . ASN A 1 103 ? 13.336  -5.247  0.456   1.00 20.62 ? 103 ASN A CB  1 
ATOM   787  C CG  . ASN A 1 103 ? 12.653  -6.548  0.777   1.00 23.38 ? 103 ASN A CG  1 
ATOM   788  O OD1 . ASN A 1 103 ? 12.067  -7.168  -0.091  1.00 25.41 ? 103 ASN A OD1 1 
ATOM   789  N ND2 . ASN A 1 103 ? 12.645  -6.985  2.054   1.00 25.60 ? 103 ASN A ND2 1 
ATOM   790  N N   . LYS A 1 104 ? 11.616  -2.308  1.483   1.00 16.89 ? 104 LYS A N   1 
ATOM   791  C CA  . LYS A 1 104 ? 11.771  -1.063  2.203   1.00 17.69 ? 104 LYS A CA  1 
ATOM   792  C C   . LYS A 1 104 ? 11.001  -0.978  3.486   1.00 17.17 ? 104 LYS A C   1 
ATOM   793  O O   . LYS A 1 104 ? 10.139  -1.832  3.680   1.00 18.75 ? 104 LYS A O   1 
ATOM   794  C CB  . LYS A 1 104 ? 11.244  0.034   1.258   1.00 17.96 ? 104 LYS A CB  1 
ATOM   795  C CG  . LYS A 1 104 ? 12.201  -0.178  -0.035  1.00 22.61 ? 104 LYS A CG  1 
ATOM   796  C CD  . LYS A 1 104 ? 11.404  0.647   -1.074  1.00 27.07 ? 104 LYS A CD  1 
ATOM   797  C CE  . LYS A 1 104 ? 11.407  2.063   -0.466  1.00 29.60 ? 104 LYS A CE  1 
ATOM   798  N NZ  . LYS A 1 104 ? 10.961  3.048   -1.492  1.00 32.02 ? 104 LYS A NZ  1 
ATOM   799  N N   . HIS A 1 105 ? 11.351  0.003   4.274   1.00 16.50 ? 105 HIS A N   1 
ATOM   800  C CA  . HIS A 1 105 ? 10.701  0.296   5.549   1.00 18.16 ? 105 HIS A CA  1 
ATOM   801  C C   . HIS A 1 105 ? 9.437   1.000   5.096   1.00 18.72 ? 105 HIS A C   1 
ATOM   802  O O   . HIS A 1 105 ? 9.585   1.841   4.176   1.00 21.72 ? 105 HIS A O   1 
ATOM   803  C CB  . HIS A 1 105 ? 11.395  1.307   6.496   1.00 17.19 ? 105 HIS A CB  1 
ATOM   804  C CG  . HIS A 1 105 ? 12.689  0.775   7.032   1.00 18.45 ? 105 HIS A CG  1 
ATOM   805  N ND1 . HIS A 1 105 ? 13.899  0.869   6.368   1.00 20.59 ? 105 HIS A ND1 1 
ATOM   806  C CD2 . HIS A 1 105 ? 12.948  0.114   8.190   1.00 17.44 ? 105 HIS A CD2 1 
ATOM   807  C CE1 . HIS A 1 105 ? 14.854  0.308   7.110   1.00 19.49 ? 105 HIS A CE1 1 
ATOM   808  N NE2 . HIS A 1 105 ? 14.268  -0.167  8.175   1.00 19.74 ? 105 HIS A NE2 1 
ATOM   809  N N   . ILE A 1 106 ? 8.313   0.721   5.677   1.00 18.41 ? 106 ILE A N   1 
ATOM   810  C CA  . ILE A 1 106 ? 7.066   1.391   5.289   1.00 16.83 ? 106 ILE A CA  1 
ATOM   811  C C   . ILE A 1 106 ? 6.713   2.374   6.396   1.00 15.51 ? 106 ILE A C   1 
ATOM   812  O O   . ILE A 1 106 ? 7.092   2.179   7.554   1.00 14.36 ? 106 ILE A O   1 
ATOM   813  C CB  . ILE A 1 106 ? 5.900   0.372   5.028   1.00 15.58 ? 106 ILE A CB  1 
ATOM   814  C CG1 . ILE A 1 106 ? 5.585   -0.315  6.397   1.00 15.63 ? 106 ILE A CG1 1 
ATOM   815  C CG2 . ILE A 1 106 ? 6.107   -0.708  3.951   1.00 14.50 ? 106 ILE A CG2 1 
ATOM   816  C CD1 . ILE A 1 106 ? 4.130   -0.899  6.469   1.00 14.19 ? 106 ILE A CD1 1 
ATOM   817  N N   . ILE A 1 107 ? 6.011   3.410   5.991   1.00 12.09 ? 107 ILE A N   1 
ATOM   818  C CA  . ILE A 1 107 ? 5.536   4.425   6.904   1.00 13.64 ? 107 ILE A CA  1 
ATOM   819  C C   . ILE A 1 107 ? 4.011   4.441   6.800   1.00 14.71 ? 107 ILE A C   1 
ATOM   820  O O   . ILE A 1 107 ? 3.509   4.569   5.637   1.00 14.08 ? 107 ILE A O   1 
ATOM   821  C CB  . ILE A 1 107 ? 6.174   5.866   6.605   1.00 12.95 ? 107 ILE A CB  1 
ATOM   822  C CG1 . ILE A 1 107 ? 7.707   5.710   6.666   1.00 11.62 ? 107 ILE A CG1 1 
ATOM   823  C CG2 . ILE A 1 107 ? 5.552   6.896   7.567   1.00 11.70 ? 107 ILE A CG2 1 
ATOM   824  C CD1 . ILE A 1 107 ? 8.488   7.032   6.663   1.00 15.27 ? 107 ILE A CD1 1 
ATOM   825  N N   . VAL A 1 108 ? 3.292   4.286   7.910   1.00 13.06 ? 108 VAL A N   1 
ATOM   826  C CA  . VAL A 1 108 ? 1.833   4.301   7.828   1.00 13.49 ? 108 VAL A CA  1 
ATOM   827  C C   . VAL A 1 108 ? 1.267   5.293   8.837   1.00 15.11 ? 108 VAL A C   1 
ATOM   828  O O   . VAL A 1 108 ? 1.941   5.639   9.808   1.00 17.44 ? 108 VAL A O   1 
ATOM   829  C CB  . VAL A 1 108 ? 1.154   2.929   8.051   1.00 13.05 ? 108 VAL A CB  1 
ATOM   830  C CG1 . VAL A 1 108 ? 1.378   1.964   6.916   1.00 12.26 ? 108 VAL A CG1 1 
ATOM   831  C CG2 . VAL A 1 108 ? 1.552   2.317   9.365   1.00 12.37 ? 108 VAL A CG2 1 
ATOM   832  N N   . ALA A 1 109 ? 0.030   5.702   8.556   1.00 15.95 ? 109 ALA A N   1 
ATOM   833  C CA  . ALA A 1 109 ? -0.651  6.606   9.534   1.00 17.55 ? 109 ALA A CA  1 
ATOM   834  C C   . ALA A 1 109 ? -1.671  5.654   10.260  1.00 17.82 ? 109 ALA A C   1 
ATOM   835  O O   . ALA A 1 109 ? -2.362  4.853   9.609   1.00 17.48 ? 109 ALA A O   1 
ATOM   836  C CB  . ALA A 1 109 ? -1.279  7.816   8.932   1.00 17.17 ? 109 ALA A CB  1 
ATOM   837  N N   . CYS A 1 110 ? -1.724  5.754   11.534  1.00 17.42 ? 110 CYS A N   1 
ATOM   838  C CA  . CYS A 1 110 ? -2.581  4.944   12.376  1.00 19.04 ? 110 CYS A CA  1 
ATOM   839  C C   . CYS A 1 110 ? -3.616  5.756   13.137  1.00 20.92 ? 110 CYS A C   1 
ATOM   840  O O   . CYS A 1 110 ? -3.367  6.846   13.585  1.00 21.03 ? 110 CYS A O   1 
ATOM   841  C CB  . CYS A 1 110 ? -1.725  4.158   13.401  1.00 17.03 ? 110 CYS A CB  1 
ATOM   842  S SG  . CYS A 1 110 ? -0.484  3.142   12.638  1.00 17.16 ? 110 CYS A SG  1 
ATOM   843  N N   . GLU A 1 111 ? -4.754  5.143   13.274  1.00 24.03 ? 111 GLU A N   1 
ATOM   844  C CA  . GLU A 1 111 ? -5.936  5.616   13.950  1.00 29.26 ? 111 GLU A CA  1 
ATOM   845  C C   . GLU A 1 111 ? -6.456  4.521   14.858  1.00 32.56 ? 111 GLU A C   1 
ATOM   846  O O   . GLU A 1 111 ? -6.435  3.327   14.513  1.00 31.34 ? 111 GLU A O   1 
ATOM   847  C CB  . GLU A 1 111 ? -7.012  6.122   12.959  1.00 30.18 ? 111 GLU A CB  1 
ATOM   848  C CG  . GLU A 1 111 ? -6.483  7.439   12.322  1.00 34.21 ? 111 GLU A CG  1 
ATOM   849  C CD  . GLU A 1 111 ? -7.196  8.205   11.321  1.00 37.19 ? 111 GLU A CD  1 
ATOM   850  O OE1 . GLU A 1 111 ? -8.422  7.889   11.171  1.00 40.95 ? 111 GLU A OE1 1 
ATOM   851  O OE2 . GLU A 1 111 ? -6.727  9.113   10.616  1.00 39.32 ? 111 GLU A OE2 1 
ATOM   852  N N   . GLY A 1 112 ? -6.835  4.991   16.044  1.00 35.48 ? 112 GLY A N   1 
ATOM   853  C CA  . GLY A 1 112 ? -7.396  4.069   17.084  1.00 39.16 ? 112 GLY A CA  1 
ATOM   854  C C   . GLY A 1 112 ? -8.754  3.766   16.422  1.00 42.24 ? 112 GLY A C   1 
ATOM   855  O O   . GLY A 1 112 ? -9.669  4.558   16.670  1.00 45.69 ? 112 GLY A O   1 
ATOM   856  N N   . ASN A 1 113 ? -8.793  2.759   15.599  1.00 43.26 ? 113 ASN A N   1 
ATOM   857  C CA  . ASN A 1 113 ? -9.989  2.326   14.884  1.00 44.96 ? 113 ASN A CA  1 
ATOM   858  C C   . ASN A 1 113 ? -10.386 0.950   15.499  1.00 45.37 ? 113 ASN A C   1 
ATOM   859  O O   . ASN A 1 113 ? -9.498  0.057   15.336  1.00 45.13 ? 113 ASN A O   1 
ATOM   860  C CB  . ASN A 1 113 ? -9.828  2.219   13.366  1.00 45.46 ? 113 ASN A CB  1 
ATOM   861  C CG  . ASN A 1 113 ? -9.559  3.526   12.676  1.00 47.32 ? 113 ASN A CG  1 
ATOM   862  O OD1 . ASN A 1 113 ? -9.049  3.555   11.535  1.00 49.41 ? 113 ASN A OD1 1 
ATOM   863  N ND2 . ASN A 1 113 ? -9.849  4.697   13.281  1.00 47.44 ? 113 ASN A ND2 1 
ATOM   864  N N   . PRO B 2 1   ? -9.205  -0.900  17.233  1.00 34.76 ? 114 PRO B N   1 
ATOM   865  C CA  . PRO B 2 1   ? -7.886  -0.768  17.943  1.00 36.26 ? 114 PRO B CA  1 
ATOM   866  C C   . PRO B 2 1   ? -7.036  0.239   17.208  1.00 36.06 ? 114 PRO B C   1 
ATOM   867  O O   . PRO B 2 1   ? -7.668  1.029   16.452  1.00 37.50 ? 114 PRO B O   1 
ATOM   868  C CB  . PRO B 2 1   ? -7.332  -2.191  17.970  1.00 35.26 ? 114 PRO B CB  1 
ATOM   869  C CG  . PRO B 2 1   ? -8.374  -3.049  17.249  1.00 34.78 ? 114 PRO B CG  1 
ATOM   870  C CD  . PRO B 2 1   ? -9.055  -2.080  16.285  1.00 33.43 ? 114 PRO B CD  1 
ATOM   871  N N   . TYR B 2 2   ? -5.726  0.265   17.387  1.00 34.23 ? 115 TYR B N   1 
ATOM   872  C CA  . TYR B 2 2   ? -4.835  1.236   16.643  1.00 30.51 ? 115 TYR B CA  1 
ATOM   873  C C   . TYR B 2 2   ? -4.279  0.527   15.404  1.00 27.15 ? 115 TYR B C   1 
ATOM   874  O O   . TYR B 2 2   ? -3.316  -0.237  15.574  1.00 26.91 ? 115 TYR B O   1 
ATOM   875  C CB  . TYR B 2 2   ? -3.720  1.694   17.543  1.00 29.96 ? 115 TYR B CB  1 
ATOM   876  C CG  . TYR B 2 2   ? -3.168  3.079   17.304  1.00 29.84 ? 115 TYR B CG  1 
ATOM   877  C CD1 . TYR B 2 2   ? -3.995  4.198   17.148  1.00 28.95 ? 115 TYR B CD1 1 
ATOM   878  C CD2 . TYR B 2 2   ? -1.783  3.265   17.304  1.00 29.87 ? 115 TYR B CD2 1 
ATOM   879  C CE1 . TYR B 2 2   ? -3.440  5.461   16.955  1.00 29.04 ? 115 TYR B CE1 1 
ATOM   880  C CE2 . TYR B 2 2   ? -1.204  4.502   17.128  1.00 30.21 ? 115 TYR B CE2 1 
ATOM   881  C CZ  . TYR B 2 2   ? -2.064  5.599   16.945  1.00 29.48 ? 115 TYR B CZ  1 
ATOM   882  O OH  . TYR B 2 2   ? -1.454  6.805   16.740  1.00 32.03 ? 115 TYR B OH  1 
ATOM   883  N N   . VAL B 2 3   ? -4.863  0.780   14.266  1.00 23.07 ? 116 VAL B N   1 
ATOM   884  C CA  . VAL B 2 3   ? -4.538  0.170   12.988  1.00 20.30 ? 116 VAL B CA  1 
ATOM   885  C C   . VAL B 2 3   ? -4.170  1.139   11.879  1.00 15.84 ? 116 VAL B C   1 
ATOM   886  O O   . VAL B 2 3   ? -4.594  2.276   11.943  1.00 16.37 ? 116 VAL B O   1 
ATOM   887  C CB  . VAL B 2 3   ? -5.819  -0.654  12.558  1.00 20.73 ? 116 VAL B CB  1 
ATOM   888  C CG1 . VAL B 2 3   ? -6.106  -1.872  13.371  1.00 22.68 ? 116 VAL B CG1 1 
ATOM   889  C CG2 . VAL B 2 3   ? -7.004  0.299   12.579  1.00 21.97 ? 116 VAL B CG2 1 
ATOM   890  N N   . PRO B 2 4   ? -3.454  0.650   10.903  1.00 14.98 ? 117 PRO B N   1 
ATOM   891  C CA  . PRO B 2 4   ? -3.021  1.504   9.752   1.00 14.96 ? 117 PRO B CA  1 
ATOM   892  C C   . PRO B 2 4   ? -4.267  1.910   8.940   1.00 14.89 ? 117 PRO B C   1 
ATOM   893  O O   . PRO B 2 4   ? -5.178  1.145   8.659   1.00 15.51 ? 117 PRO B O   1 
ATOM   894  C CB  . PRO B 2 4   ? -1.974  0.708   9.075   1.00 13.84 ? 117 PRO B CB  1 
ATOM   895  C CG  . PRO B 2 4   ? -1.821  -0.602  9.747   1.00 14.17 ? 117 PRO B CG  1 
ATOM   896  C CD  . PRO B 2 4   ? -2.932  -0.727  10.762  1.00 14.40 ? 117 PRO B CD  1 
ATOM   897  N N   . VAL B 2 5   ? -4.287  3.171   8.579   1.00 15.89 ? 118 VAL B N   1 
ATOM   898  C CA  . VAL B 2 5   ? -5.429  3.786   7.810   1.00 16.25 ? 118 VAL B CA  1 
ATOM   899  C C   . VAL B 2 5   ? -4.885  4.390   6.579   1.00 17.51 ? 118 VAL B C   1 
ATOM   900  O O   . VAL B 2 5   ? -5.696  4.572   5.604   1.00 17.47 ? 118 VAL B O   1 
ATOM   901  C CB  . VAL B 2 5   ? -6.157  4.522   8.950   1.00 17.52 ? 118 VAL B CB  1 
ATOM   902  C CG1 . VAL B 2 5   ? -5.929  5.992   9.035   1.00 16.77 ? 118 VAL B CG1 1 
ATOM   903  C CG2 . VAL B 2 5   ? -7.574  4.024   9.111   1.00 16.54 ? 118 VAL B CG2 1 
ATOM   904  N N   . HIS B 2 6   ? -3.587  4.675   6.480   1.00 17.34 ? 119 HIS B N   1 
ATOM   905  C CA  . HIS B 2 6   ? -2.983  5.233   5.255   1.00 18.08 ? 119 HIS B CA  1 
ATOM   906  C C   . HIS B 2 6   ? -1.498  4.777   5.188   1.00 18.14 ? 119 HIS B C   1 
ATOM   907  O O   . HIS B 2 6   ? -0.837  4.610   6.188   1.00 16.97 ? 119 HIS B O   1 
ATOM   908  C CB  . HIS B 2 6   ? -2.967  6.743   4.999   1.00 19.26 ? 119 HIS B CB  1 
ATOM   909  C CG  . HIS B 2 6   ? -4.275  7.392   5.167   1.00 20.91 ? 119 HIS B CG  1 
ATOM   910  N ND1 . HIS B 2 6   ? -5.350  7.242   4.258   1.00 23.70 ? 119 HIS B ND1 1 
ATOM   911  C CD2 . HIS B 2 6   ? -4.722  8.173   6.167   1.00 21.68 ? 119 HIS B CD2 1 
ATOM   912  C CE1 . HIS B 2 6   ? -6.376  7.905   4.723   1.00 22.35 ? 119 HIS B CE1 1 
ATOM   913  N NE2 . HIS B 2 6   ? -6.014  8.466   5.871   1.00 23.39 ? 119 HIS B NE2 1 
ATOM   914  N N   . PHE B 2 7   ? -1.101  4.595   3.951   1.00 19.03 ? 120 PHE B N   1 
ATOM   915  C CA  . PHE B 2 7   ? 0.258   4.175   3.569   1.00 20.64 ? 120 PHE B CA  1 
ATOM   916  C C   . PHE B 2 7   ? 0.926   5.512   3.261   1.00 20.88 ? 120 PHE B C   1 
ATOM   917  O O   . PHE B 2 7   ? 0.502   6.055   2.243   1.00 21.87 ? 120 PHE B O   1 
ATOM   918  C CB  . PHE B 2 7   ? 0.326   3.268   2.325   1.00 19.99 ? 120 PHE B CB  1 
ATOM   919  C CG  . PHE B 2 7   ? 1.657   2.632   2.120   1.00 20.60 ? 120 PHE B CG  1 
ATOM   920  C CD1 . PHE B 2 7   ? 1.957   1.410   2.713   1.00 21.02 ? 120 PHE B CD1 1 
ATOM   921  C CD2 . PHE B 2 7   ? 2.638   3.279   1.363   1.00 20.65 ? 120 PHE B CD2 1 
ATOM   922  C CE1 . PHE B 2 7   ? 3.202   0.828   2.563   1.00 22.75 ? 120 PHE B CE1 1 
ATOM   923  C CE2 . PHE B 2 7   ? 3.897   2.718   1.161   1.00 20.89 ? 120 PHE B CE2 1 
ATOM   924  C CZ  . PHE B 2 7   ? 4.180   1.482   1.768   1.00 22.29 ? 120 PHE B CZ  1 
ATOM   925  N N   . ALA B 2 8   ? 1.792   6.009   4.023   1.00 23.40 ? 121 ALA B N   1 
ATOM   926  C CA  . ALA B 2 8   ? 2.424   7.315   3.767   1.00 24.76 ? 121 ALA B CA  1 
ATOM   927  C C   . ALA B 2 8   ? 3.615   7.153   2.827   1.00 26.95 ? 121 ALA B C   1 
ATOM   928  O O   . ALA B 2 8   ? 3.611   7.792   1.722   1.00 29.43 ? 121 ALA B O   1 
ATOM   929  C CB  . ALA B 2 8   ? 2.756   8.029   5.045   1.00 20.90 ? 121 ALA B CB  1 
ATOM   930  N N   . ALA B 2 9   ? 4.590   6.337   3.196   1.00 26.14 ? 122 ALA B N   1 
ATOM   931  C CA  . ALA B 2 9   ? 5.764   6.182   2.353   1.00 27.90 ? 122 ALA B CA  1 
ATOM   932  C C   . ALA B 2 9   ? 6.452   4.837   2.508   1.00 28.21 ? 122 ALA B C   1 
ATOM   933  O O   . ALA B 2 9   ? 6.010   3.954   3.225   1.00 27.74 ? 122 ALA B O   1 
ATOM   934  C CB  . ALA B 2 9   ? 6.789   7.318   2.717   1.00 24.83 ? 122 ALA B CB  1 
ATOM   935  N N   . SER B 2 10  ? 7.536   4.779   1.783   1.00 29.84 ? 123 SER B N   1 
ATOM   936  C CA  . SER B 2 10  ? 8.459   3.656   1.723   1.00 31.99 ? 123 SER B CA  1 
ATOM   937  C C   . SER B 2 10  ? 9.870   4.265   1.883   1.00 32.51 ? 123 SER B C   1 
ATOM   938  O O   . SER B 2 10  ? 10.274  5.119   1.112   1.00 33.30 ? 123 SER B O   1 
ATOM   939  C CB  . SER B 2 10  ? 8.377   2.838   0.461   1.00 33.54 ? 123 SER B CB  1 
ATOM   940  O OG  . SER B 2 10  ? 9.056   1.604   0.615   1.00 36.06 ? 123 SER B OG  1 
ATOM   941  N N   . VAL B 2 11  ? 10.533  3.817   2.873   1.00 33.52 ? 124 VAL B N   1 
ATOM   942  C CA  . VAL B 2 11  ? 11.886  4.134   3.317   1.00 34.08 ? 124 VAL B CA  1 
ATOM   943  C C   . VAL B 2 11  ? 11.873  5.494   3.912   1.00 36.73 ? 124 VAL B C   1 
ATOM   944  O O   . VAL B 2 11  ? 12.704  5.874   4.739   1.00 38.59 ? 124 VAL B O   1 
ATOM   945  C CB  . VAL B 2 11  ? 12.826  3.749   2.184   1.00 34.48 ? 124 VAL B CB  1 
ATOM   946  C CG1 . VAL B 2 11  ? 13.560  4.962   1.647   1.00 34.28 ? 124 VAL B CG1 1 
ATOM   947  C CG2 . VAL B 2 11  ? 13.663  2.573   2.651   1.00 31.32 ? 124 VAL B CG2 1 
ATOM   948  O OXT . VAL B 2 11  ? 10.856  6.179   3.614   1.00 40.83 ? 124 VAL B OXT 1 
HETATM 949  S S   . SO4 C 3 .   ? -3.959  5.787   1.282   1.00 36.39 ? 125 SO4 B S   1 
HETATM 950  O O1  . SO4 C 3 .   ? -2.959  6.888   1.094   1.00 38.61 ? 125 SO4 B O1  1 
HETATM 951  O O2  . SO4 C 3 .   ? -4.890  6.158   2.371   1.00 36.83 ? 125 SO4 B O2  1 
HETATM 952  O O3  . SO4 C 3 .   ? -4.639  5.567   -0.023  1.00 38.11 ? 125 SO4 B O3  1 
HETATM 953  O O4  . SO4 C 3 .   ? -3.250  4.504   1.591   1.00 37.92 ? 125 SO4 B O4  1 
HETATM 954  O O   . HOH D 4 .   ? -10.487 0.763   -25.983 1.00 59.64 ? 126 HOH A O   1 
HETATM 955  O O   . HOH D 4 .   ? -5.217  -2.625  -14.618 1.00 26.96 ? 127 HOH A O   1 
HETATM 956  O O   . HOH D 4 .   ? -1.932  -11.467 -9.682  0.94 32.68 ? 128 HOH A O   1 
HETATM 957  O O   . HOH D 4 .   ? 2.013   -4.306  -14.270 1.00 18.24 ? 129 HOH A O   1 
HETATM 958  O O   . HOH D 4 .   ? -14.624 -2.889  -3.665  1.00 22.31 ? 130 HOH A O   1 
HETATM 959  O O   . HOH D 4 .   ? 6.082   -3.623  -15.224 0.91 25.10 ? 131 HOH A O   1 
HETATM 960  O O   . HOH D 4 .   ? -1.307  -11.570 -5.685  0.97 25.73 ? 132 HOH A O   1 
HETATM 961  O O   . HOH D 4 .   ? -4.162  -11.900 -0.616  1.00 33.33 ? 133 HOH A O   1 
HETATM 962  O O   . HOH D 4 .   ? -6.867  -9.563  -5.563  0.92 28.64 ? 134 HOH A O   1 
HETATM 963  O O   . HOH D 4 .   ? -5.219  -10.855 -3.541  1.00 35.42 ? 135 HOH A O   1 
HETATM 964  O O   . HOH D 4 .   ? -1.084  -12.908 -3.839  1.00 31.08 ? 136 HOH A O   1 
HETATM 965  O O   . HOH D 4 .   ? 9.989   -0.358  -17.312 1.00 24.76 ? 137 HOH A O   1 
HETATM 966  O O   . HOH D 4 .   ? -6.263  3.200   2.449   1.00 16.75 ? 138 HOH A O   1 
HETATM 967  O O   . HOH D 4 .   ? 7.958   -7.615  -11.066 1.00 59.87 ? 139 HOH A O   1 
HETATM 968  O O   . HOH D 4 .   ? 6.470   1.195   -10.219 1.00 14.85 ? 140 HOH A O   1 
HETATM 969  O O   . HOH D 4 .   ? 13.491  -2.607  -10.471 0.99 31.72 ? 141 HOH A O   1 
HETATM 970  O O   . HOH D 4 .   ? -19.055 4.057   3.599   1.00 37.98 ? 142 HOH A O   1 
HETATM 971  O O   . HOH D 4 .   ? -15.061 -4.169  4.156   0.90 36.55 ? 143 HOH A O   1 
HETATM 972  O O   . HOH D 4 .   ? -2.090  -12.348 7.064   1.00 20.12 ? 144 HOH A O   1 
HETATM 973  O O   . HOH D 4 .   ? -6.366  -3.710  9.873   1.00 16.88 ? 145 HOH A O   1 
HETATM 974  O O   . HOH D 4 .   ? -0.106  3.736   -1.794  1.00 20.38 ? 146 HOH A O   1 
HETATM 975  O O   . HOH D 4 .   ? 8.223   -1.573  -18.088 1.00 40.98 ? 148 HOH A O   1 
HETATM 976  O O   . HOH D 4 .   ? 1.701   4.656   -2.425  0.98 51.67 ? 149 HOH A O   1 
HETATM 977  O O   . HOH D 4 .   ? -2.017  -12.119 9.824   0.99 27.15 ? 151 HOH A O   1 
HETATM 978  O O   . HOH D 4 .   ? 5.045   -10.962 7.330   1.00 17.32 ? 154 HOH A O   1 
HETATM 979  O O   . HOH D 4 .   ? 8.871   -10.708 6.864   0.89 38.12 ? 155 HOH A O   1 
HETATM 980  O O   . HOH D 4 .   ? 2.593   -13.189 11.434  0.95 35.10 ? 156 HOH A O   1 
HETATM 981  O O   . HOH D 4 .   ? 7.415   -8.353  8.081   0.97 30.06 ? 157 HOH A O   1 
HETATM 982  O O   . HOH D 4 .   ? 9.927   -7.814  7.495   1.00 28.76 ? 158 HOH A O   1 
HETATM 983  O O   . HOH D 4 .   ? 2.848   -11.087 14.756  1.00 55.93 ? 159 HOH A O   1 
HETATM 984  O O   . HOH D 4 .   ? 6.183   -5.278  11.980  0.98 14.91 ? 160 HOH A O   1 
HETATM 985  O O   . HOH D 4 .   ? 8.263   -6.227  10.558  1.00 26.09 ? 161 HOH A O   1 
HETATM 986  O O   . HOH D 4 .   ? 9.303   -3.916  11.287  1.00 15.69 ? 162 HOH A O   1 
HETATM 987  O O   . HOH D 4 .   ? 16.695  -1.484  8.923   1.00 24.39 ? 163 HOH A O   1 
HETATM 988  O O   . HOH D 4 .   ? 16.502  -2.807  7.628   1.00 37.30 ? 164 HOH A O   1 
HETATM 989  O O   . HOH D 4 .   ? 12.470  2.452   10.914  1.00 45.38 ? 166 HOH A O   1 
HETATM 990  O O   . HOH D 4 .   ? 15.202  0.160   12.497  1.00 33.15 ? 167 HOH A O   1 
HETATM 991  O O   . HOH D 4 .   ? 14.169  2.119   13.762  0.88 23.92 ? 168 HOH A O   1 
HETATM 992  O O   . HOH D 4 .   ? 8.295   -0.530  19.762  1.00 21.23 ? 169 HOH A O   1 
HETATM 993  O O   . HOH D 4 .   ? 12.069  7.383   19.910  1.00 34.08 ? 170 HOH A O   1 
HETATM 994  O O   . HOH D 4 .   ? -0.323  -11.945 -7.757  1.00 36.02 ? 171 HOH A O   1 
HETATM 995  O O   . HOH D 4 .   ? 5.004   -16.280 -3.176  1.00 40.12 ? 172 HOH A O   1 
HETATM 996  O O   . HOH D 4 .   ? -3.915  -10.817 1.148   1.00 25.81 ? 173 HOH A O   1 
HETATM 997  O O   . HOH D 4 .   ? -2.720  7.849   -6.372  0.98 33.70 ? 174 HOH A O   1 
HETATM 998  O O   . HOH D 4 .   ? -4.863  -12.799 7.316   1.00 32.99 ? 175 HOH A O   1 
HETATM 999  O O   . HOH D 4 .   ? 3.440   -12.827 2.687   0.74 29.33 ? 176 HOH A O   1 
HETATM 1000 O O   . HOH D 4 .   ? 7.509   3.357   -8.804  0.86 27.80 ? 177 HOH A O   1 
HETATM 1001 O O   . HOH D 4 .   ? 5.433   2.457   -3.435  0.95 36.98 ? 178 HOH A O   1 
HETATM 1002 O O   . HOH D 4 .   ? 2.428   -1.785  2.046   0.99 33.88 ? 179 HOH A O   1 
HETATM 1003 O O   . HOH D 4 .   ? -14.358 4.320   10.207  1.00 31.61 ? 180 HOH A O   1 
HETATM 1004 O O   . HOH D 4 .   ? -8.707  -3.721  11.363  0.96 26.38 ? 181 HOH A O   1 
HETATM 1005 O O   . HOH D 4 .   ? -11.705 2.039   10.755  0.99 27.70 ? 182 HOH A O   1 
HETATM 1006 O O   . HOH D 4 .   ? 10.962  -8.760  3.912   0.80 45.52 ? 183 HOH A O   1 
HETATM 1007 O O   . HOH D 4 .   ? 0.348   13.990  5.551   1.00 38.84 ? 185 HOH A O   1 
HETATM 1008 O O   . HOH D 4 .   ? -0.577  -2.158  16.794  0.89 33.38 ? 186 HOH A O   1 
HETATM 1009 O O   . HOH D 4 .   ? 7.955   5.817   19.203  0.97 30.25 ? 187 HOH A O   1 
HETATM 1010 O O   . HOH D 4 .   ? 9.597   6.586   18.307  0.99 39.49 ? 188 HOH A O   1 
HETATM 1011 O O   . HOH D 4 .   ? 9.971   9.307   17.266  0.93 28.84 ? 189 HOH A O   1 
HETATM 1012 O O   . HOH D 4 .   ? 5.610   10.383  20.194  1.00 33.72 ? 190 HOH A O   1 
HETATM 1013 O O   . HOH D 4 .   ? -17.021 3.477   -10.056 1.00 33.49 ? 192 HOH A O   1 
HETATM 1014 O O   . HOH D 4 .   ? -4.104  -11.179 -9.409  0.91 41.35 ? 193 HOH A O   1 
HETATM 1015 O O   . HOH D 4 .   ? -10.561 2.553   -4.581  1.00 43.39 ? 194 HOH A O   1 
HETATM 1016 O O   . HOH D 4 .   ? -13.862 3.158   -0.605  0.81 40.34 ? 195 HOH A O   1 
HETATM 1017 O O   . HOH D 4 .   ? 3.692   3.303   -5.061  1.00 40.80 ? 196 HOH A O   1 
HETATM 1018 O O   . HOH D 4 .   ? 8.700   -2.945  -16.524 0.94 28.36 ? 198 HOH A O   1 
HETATM 1019 O O   . HOH D 4 .   ? 10.609  -5.532  -10.107 0.99 24.57 ? 199 HOH A O   1 
HETATM 1020 O O   . HOH D 4 .   ? -16.852 -0.857  4.659   0.87 24.10 ? 200 HOH A O   1 
HETATM 1021 O O   . HOH D 4 .   ? 7.418   2.039   -4.527  0.98 38.59 ? 201 HOH A O   1 
HETATM 1022 O O   . HOH D 4 .   ? -5.788  -10.103 -9.085  1.00 43.16 ? 203 HOH A O   1 
HETATM 1023 O O   . HOH D 4 .   ? 0.026   -11.064 -11.663 0.93 45.38 ? 204 HOH A O   1 
HETATM 1024 O O   . HOH D 4 .   ? 4.302   -14.802 0.982   0.97 39.08 ? 212 HOH A O   1 
HETATM 1025 O O   . HOH D 4 .   ? 8.809   0.000   -4.628  1.00 45.47 ? 216 HOH A O   1 
HETATM 1026 O O   . HOH D 4 .   ? -10.062 8.043   13.628  0.90 49.82 ? 217 HOH A O   1 
HETATM 1027 O O   . HOH D 4 .   ? -2.389  12.089  9.406   0.94 48.59 ? 218 HOH A O   1 
HETATM 1028 O O   . HOH D 4 .   ? 2.051   2.901   19.206  0.81 30.84 ? 220 HOH A O   1 
HETATM 1029 O O   . HOH D 4 .   ? -7.619  -9.190  -12.138 0.96 35.34 ? 222 HOH A O   1 
HETATM 1030 O O   . HOH D 4 .   ? -12.281 10.515  -12.408 1.00 53.58 ? 227 HOH A O   1 
HETATM 1031 O O   . HOH D 4 .   ? 15.218  -3.156  -2.633  0.96 38.40 ? 243 HOH A O   1 
HETATM 1032 O O   . HOH D 4 .   ? 1.515   1.732   -21.474 1.00 39.77 ? 244 HOH A O   1 
HETATM 1033 O O   . HOH D 4 .   ? -17.939 2.067   -0.144  1.00 41.56 ? 252 HOH A O   1 
HETATM 1034 O O   . HOH D 4 .   ? 0.625   -14.472 5.597   1.00 42.53 ? 257 HOH A O   1 
HETATM 1035 O O   . HOH D 4 .   ? 11.672  -7.678  -2.446  0.99 37.18 ? 259 HOH A O   1 
HETATM 1036 O O   . HOH D 4 .   ? 7.609   9.817   19.539  0.86 39.06 ? 271 HOH A O   1 
HETATM 1037 O O   . HOH D 4 .   ? -16.955 3.541   -12.234 0.81 36.80 ? 272 HOH A O   1 
HETATM 1038 O O   . HOH D 4 .   ? 13.460  -1.301  -6.236  1.00 36.65 ? 297 HOH A O   1 
HETATM 1039 O O   . HOH D 4 .   ? 0.304   -7.104  15.169  0.82 41.73 ? 309 HOH A O   1 
HETATM 1040 O O   . HOH D 4 .   ? 3.083   9.106   -23.383 1.00 51.82 ? 313 HOH A O   1 
HETATM 1041 O O   . HOH D 4 .   ? -11.509 -8.240  -4.613  0.92 42.28 ? 314 HOH A O   1 
HETATM 1042 O O   . HOH D 4 .   ? -16.091 -1.934  5.608   1.00 15.30 ? 325 HOH A O   1 
HETATM 1043 O O   . HOH D 4 .   ? 16.234  -0.168  10.573  1.00 36.65 ? 340 HOH A O   1 
HETATM 1044 O O   . HOH D 4 .   ? -2.127  14.836  14.564  0.99 51.24 ? 341 HOH A O   1 
HETATM 1045 O O   . HOH D 4 .   ? -8.967  12.003  -24.239 0.92 42.94 ? 342 HOH A O   1 
HETATM 1046 O O   . HOH D 4 .   ? -10.837 -2.504  -10.927 1.00 28.97 ? 345 HOH A O   1 
HETATM 1047 O O   . HOH D 4 .   ? -17.404 9.463   -9.905  0.88 48.00 ? 350 HOH A O   1 
HETATM 1048 O O   . HOH D 4 .   ? -1.974  -15.247 -5.342  1.00 49.41 ? 353 HOH A O   1 
HETATM 1049 O O   . HOH D 4 .   ? 4.242   -16.764 -0.345  0.93 52.88 ? 361 HOH A O   1 
HETATM 1050 O O   . HOH D 4 .   ? -17.036 3.656   1.254   0.78 35.65 ? 362 HOH A O   1 
HETATM 1051 O O   . HOH D 4 .   ? -14.667 -4.301  7.101   0.73 38.15 ? 370 HOH A O   1 
HETATM 1052 O O   . HOH D 4 .   ? -14.809 -3.203  8.559   0.90 25.17 ? 371 HOH A O   1 
HETATM 1053 O O   . HOH D 4 .   ? -10.364 7.248   10.385  1.00 43.42 ? 389 HOH A O   1 
HETATM 1054 O O   . HOH D 4 .   ? -3.835  12.076  15.085  0.78 45.39 ? 397 HOH A O   1 
HETATM 1055 O O   . HOH D 4 .   ? 0.067   9.566   6.391   1.00 68.28 ? 400 HOH A O   1 
HETATM 1056 O O   . HOH D 4 .   ? -1.869  10.653  7.396   1.00 58.90 ? 401 HOH A O   1 
HETATM 1057 O O   . HOH D 4 .   ? -4.614  9.644   9.558   1.00 62.18 ? 402 HOH A O   1 
HETATM 1058 O O   . HOH E 4 .   ? -7.977  4.067   4.557   0.99 19.67 ? 150 HOH B O   1 
HETATM 1059 O O   . HOH E 4 .   ? -6.146  -1.475  8.461   1.00 13.66 ? 152 HOH B O   1 
HETATM 1060 O O   . HOH E 4 .   ? -2.313  5.162   -1.277  1.00 58.77 ? 153 HOH B O   1 
HETATM 1061 O O   . HOH E 4 .   ? -9.587  1.368   17.865  1.00 44.56 ? 184 HOH B O   1 
HETATM 1062 O O   . HOH E 4 .   ? -1.513  8.941   2.351   1.00 65.16 ? 197 HOH B O   1 
HETATM 1063 O O   . HOH E 4 .   ? 9.238   5.401   4.065   1.00 55.63 ? 338 HOH B O   1 
HETATM 1064 O O   . HOH E 4 .   ? 11.347  4.745   6.022   0.68 60.14 ? 395 HOH B O   1 
# 
